data_8TG0
#
_entry.id   8TG0
#
_entity_poly.entity_id   1
_entity_poly.type   'polypeptide(L)'
_entity_poly.pdbx_seq_one_letter_code
;GHMSGDNGGGERRKGSVKWFDTQKGFGFITPDDGGDDLFVHQSSIRSEGFRSLAAEEAVEFEVEIDNNNRPKAIDVSGPD
GAPVQGNSGGGS
;
_entity_poly.pdbx_strand_id   A
#
# COMPACT_ATOMS: atom_id res chain seq x y z
N GLY A 1 -11.40 -15.68 21.96
CA GLY A 1 -9.95 -15.41 22.00
C GLY A 1 -9.52 -14.46 20.90
N HIS A 2 -8.33 -14.66 20.37
CA HIS A 2 -7.82 -13.81 19.31
C HIS A 2 -7.61 -14.62 18.03
N MET A 3 -8.34 -14.27 16.99
CA MET A 3 -8.18 -14.91 15.69
C MET A 3 -6.79 -14.59 15.17
N SER A 4 -6.07 -15.62 14.73
CA SER A 4 -4.73 -15.44 14.21
C SER A 4 -4.43 -16.48 13.13
N GLY A 5 -5.13 -16.38 12.01
CA GLY A 5 -4.85 -17.25 10.88
C GLY A 5 -3.75 -16.66 10.01
N ASP A 6 -3.39 -15.43 10.32
CA ASP A 6 -2.35 -14.72 9.58
C ASP A 6 -1.34 -14.14 10.58
N ASN A 7 -0.68 -13.04 10.21
CA ASN A 7 0.33 -12.43 11.08
C ASN A 7 -0.33 -11.60 12.18
N GLY A 8 -1.65 -11.43 12.07
CA GLY A 8 -2.38 -10.69 13.09
C GLY A 8 -2.73 -9.29 12.60
N GLY A 9 -2.87 -9.16 11.29
CA GLY A 9 -3.23 -7.87 10.71
C GLY A 9 -3.09 -7.88 9.21
N GLY A 10 -1.96 -7.39 8.73
CA GLY A 10 -1.71 -7.34 7.31
C GLY A 10 -0.38 -7.96 6.95
N GLU A 11 -0.43 -9.01 6.16
CA GLU A 11 0.77 -9.76 5.80
C GLU A 11 1.57 -8.99 4.75
N ARG A 12 2.89 -9.00 4.89
CA ARG A 12 3.77 -8.22 4.01
C ARG A 12 3.78 -8.77 2.60
N ARG A 13 3.78 -7.85 1.64
CA ARG A 13 3.79 -8.19 0.23
C ARG A 13 4.57 -7.14 -0.55
N LYS A 14 4.77 -7.38 -1.83
CA LYS A 14 5.47 -6.44 -2.71
C LYS A 14 4.74 -6.35 -4.01
N GLY A 15 4.95 -5.28 -4.76
CA GLY A 15 4.32 -5.18 -6.05
C GLY A 15 4.62 -3.91 -6.78
N SER A 16 3.80 -3.63 -7.75
CA SER A 16 3.92 -2.46 -8.57
C SER A 16 2.55 -1.89 -8.82
N VAL A 17 2.43 -0.60 -8.65
CA VAL A 17 1.19 0.12 -8.78
C VAL A 17 0.57 -0.11 -10.15
N LYS A 18 -0.72 -0.37 -10.16
CA LYS A 18 -1.48 -0.46 -11.40
C LYS A 18 -1.89 0.94 -11.82
N TRP A 19 -2.37 1.70 -10.85
CA TRP A 19 -2.65 3.12 -11.02
C TRP A 19 -3.13 3.71 -9.70
N PHE A 20 -2.73 4.94 -9.46
CA PHE A 20 -3.15 5.68 -8.28
C PHE A 20 -3.92 6.92 -8.71
N ASP A 21 -5.22 6.91 -8.54
CA ASP A 21 -6.03 8.02 -9.00
C ASP A 21 -6.69 8.73 -7.82
N THR A 22 -6.35 9.99 -7.64
CA THR A 22 -6.91 10.78 -6.53
C THR A 22 -8.30 11.32 -6.90
N GLN A 23 -8.63 11.25 -8.18
CA GLN A 23 -9.95 11.70 -8.65
C GLN A 23 -10.97 10.61 -8.41
N LYS A 24 -10.61 9.40 -8.82
CA LYS A 24 -11.44 8.23 -8.62
C LYS A 24 -11.56 7.95 -7.14
N GLY A 25 -10.46 8.22 -6.46
CA GLY A 25 -10.39 8.03 -5.04
C GLY A 25 -9.97 6.62 -4.69
N PHE A 26 -9.45 5.92 -5.68
CA PHE A 26 -8.96 4.57 -5.47
C PHE A 26 -7.82 4.23 -6.41
N GLY A 27 -7.00 3.28 -6.00
CA GLY A 27 -5.92 2.79 -6.83
C GLY A 27 -5.70 1.32 -6.60
N PHE A 28 -4.82 0.72 -7.37
CA PHE A 28 -4.54 -0.70 -7.24
C PHE A 28 -3.05 -0.97 -7.34
N ILE A 29 -2.60 -1.98 -6.61
CA ILE A 29 -1.23 -2.44 -6.69
C ILE A 29 -1.22 -3.88 -7.16
N THR A 30 -0.39 -4.16 -8.14
CA THR A 30 -0.18 -5.53 -8.58
C THR A 30 0.96 -6.15 -7.78
N PRO A 31 0.65 -7.08 -6.87
CA PRO A 31 1.66 -7.71 -6.03
C PRO A 31 2.58 -8.61 -6.84
N ASP A 32 3.87 -8.37 -6.70
CA ASP A 32 4.87 -9.09 -7.46
C ASP A 32 4.97 -10.53 -6.97
N ASP A 33 4.78 -10.70 -5.66
CA ASP A 33 4.88 -12.02 -5.04
C ASP A 33 3.51 -12.54 -4.65
N GLY A 34 2.48 -11.88 -5.16
CA GLY A 34 1.12 -12.26 -4.85
C GLY A 34 0.29 -12.44 -6.09
N GLY A 35 -1.02 -12.59 -5.92
CA GLY A 35 -1.89 -12.85 -7.04
C GLY A 35 -2.80 -11.69 -7.36
N ASP A 36 -3.81 -11.49 -6.51
CA ASP A 36 -4.83 -10.47 -6.74
C ASP A 36 -4.28 -9.07 -6.49
N ASP A 37 -4.65 -8.15 -7.37
CA ASP A 37 -4.30 -6.75 -7.23
C ASP A 37 -4.97 -6.17 -6.01
N LEU A 38 -4.23 -5.39 -5.24
CA LEU A 38 -4.74 -4.86 -3.99
C LEU A 38 -5.10 -3.40 -4.13
N PHE A 39 -6.20 -3.02 -3.52
CA PHE A 39 -6.64 -1.63 -3.51
C PHE A 39 -5.72 -0.78 -2.67
N VAL A 40 -5.32 0.36 -3.22
CA VAL A 40 -4.45 1.28 -2.51
C VAL A 40 -4.85 2.72 -2.77
N HIS A 41 -4.96 3.49 -1.73
CA HIS A 41 -5.13 4.92 -1.85
C HIS A 41 -4.40 5.64 -0.74
N GLN A 42 -4.50 6.97 -0.74
CA GLN A 42 -3.70 7.82 0.15
C GLN A 42 -3.74 7.35 1.60
N SER A 43 -4.91 6.90 2.05
CA SER A 43 -5.09 6.54 3.45
C SER A 43 -4.49 5.17 3.75
N SER A 44 -3.94 4.53 2.72
CA SER A 44 -3.29 3.25 2.88
C SER A 44 -1.79 3.37 2.64
N ILE A 45 -1.31 4.59 2.47
CA ILE A 45 0.11 4.81 2.26
C ILE A 45 0.79 5.00 3.61
N ARG A 46 2.02 4.50 3.72
CA ARG A 46 2.80 4.51 4.98
C ARG A 46 2.98 5.95 5.52
N SER A 47 2.60 6.92 4.72
CA SER A 47 2.73 8.30 5.07
C SER A 47 1.51 8.80 5.81
N GLU A 48 1.74 9.37 6.98
CA GLU A 48 0.71 10.09 7.68
C GLU A 48 0.73 11.56 7.28
N GLY A 49 1.75 11.95 6.53
CA GLY A 49 1.84 13.30 6.03
C GLY A 49 1.46 13.38 4.56
N PHE A 50 2.46 13.38 3.69
CA PHE A 50 2.20 13.39 2.26
C PHE A 50 2.10 11.95 1.76
N ARG A 51 0.93 11.59 1.26
CA ARG A 51 0.67 10.21 0.88
C ARG A 51 0.05 10.13 -0.51
N SER A 52 0.83 9.65 -1.45
CA SER A 52 0.38 9.46 -2.82
C SER A 52 1.30 8.49 -3.52
N LEU A 53 0.76 7.81 -4.51
CA LEU A 53 1.51 6.83 -5.27
C LEU A 53 1.54 7.21 -6.74
N ALA A 54 2.54 6.72 -7.43
CA ALA A 54 2.64 6.88 -8.86
C ALA A 54 2.23 5.60 -9.54
N ALA A 55 1.43 5.76 -10.57
CA ALA A 55 0.76 4.67 -11.27
C ALA A 55 1.68 3.53 -11.66
N GLU A 56 2.84 3.85 -12.21
CA GLU A 56 3.77 2.83 -12.70
C GLU A 56 4.79 2.42 -11.65
N GLU A 57 4.67 2.95 -10.45
CA GLU A 57 5.71 2.81 -9.44
C GLU A 57 5.70 1.43 -8.79
N ALA A 58 6.86 0.96 -8.38
CA ALA A 58 6.96 -0.29 -7.63
C ALA A 58 6.92 0.01 -6.14
N VAL A 59 6.42 -0.93 -5.35
CA VAL A 59 6.14 -0.66 -3.94
C VAL A 59 6.30 -1.91 -3.07
N GLU A 60 6.46 -1.68 -1.78
CA GLU A 60 6.43 -2.74 -0.78
C GLU A 60 5.42 -2.34 0.28
N PHE A 61 4.60 -3.28 0.69
CA PHE A 61 3.43 -2.98 1.48
C PHE A 61 3.01 -4.17 2.31
N GLU A 62 1.99 -3.96 3.10
CA GLU A 62 1.33 -5.05 3.78
C GLU A 62 -0.02 -5.21 3.10
N VAL A 63 -0.49 -6.41 2.98
CA VAL A 63 -1.80 -6.64 2.41
C VAL A 63 -2.78 -7.05 3.50
N GLU A 64 -3.82 -6.26 3.63
CA GLU A 64 -4.83 -6.44 4.65
C GLU A 64 -6.17 -6.67 3.99
N ILE A 65 -6.93 -7.62 4.48
CA ILE A 65 -8.22 -7.89 3.89
C ILE A 65 -9.30 -7.01 4.48
N ASP A 66 -9.93 -6.25 3.58
CA ASP A 66 -10.97 -5.31 3.94
C ASP A 66 -12.23 -6.05 4.35
N ASN A 67 -13.17 -5.35 4.98
CA ASN A 67 -14.42 -5.97 5.45
C ASN A 67 -15.29 -6.40 4.27
N ASN A 68 -14.88 -6.01 3.08
CA ASN A 68 -15.56 -6.42 1.86
C ASN A 68 -14.95 -7.73 1.37
N ASN A 69 -13.98 -8.24 2.13
CA ASN A 69 -13.28 -9.49 1.83
C ASN A 69 -12.36 -9.34 0.63
N ARG A 70 -12.19 -8.11 0.17
CA ARG A 70 -11.22 -7.82 -0.87
C ARG A 70 -9.94 -7.33 -0.22
N PRO A 71 -8.81 -8.01 -0.48
CA PRO A 71 -7.54 -7.62 0.09
C PRO A 71 -7.04 -6.30 -0.48
N LYS A 72 -6.52 -5.47 0.41
CA LYS A 72 -6.06 -4.14 0.05
C LYS A 72 -4.63 -3.95 0.55
N ALA A 73 -3.91 -3.04 -0.08
CA ALA A 73 -2.51 -2.81 0.27
C ALA A 73 -2.36 -1.57 1.12
N ILE A 74 -1.60 -1.70 2.20
CA ILE A 74 -1.39 -0.59 3.13
C ILE A 74 0.07 -0.52 3.55
N ASP A 75 0.42 0.59 4.19
CA ASP A 75 1.78 0.86 4.67
C ASP A 75 2.74 0.83 3.49
N VAL A 76 2.24 1.32 2.38
CA VAL A 76 2.96 1.30 1.13
C VAL A 76 4.25 2.11 1.20
N SER A 77 5.33 1.47 0.79
CA SER A 77 6.65 2.07 0.79
C SER A 77 7.35 1.70 -0.53
N GLY A 78 8.61 2.10 -0.71
CA GLY A 78 9.33 1.71 -1.91
C GLY A 78 9.47 0.21 -2.04
N PRO A 79 9.79 -0.31 -3.25
CA PRO A 79 9.91 -1.76 -3.50
C PRO A 79 10.88 -2.47 -2.56
N ASP A 80 11.84 -1.73 -2.01
CA ASP A 80 12.81 -2.31 -1.10
C ASP A 80 12.33 -2.19 0.34
N GLY A 81 11.19 -1.54 0.51
CA GLY A 81 10.69 -1.26 1.84
C GLY A 81 11.23 0.04 2.36
N ALA A 82 11.74 0.83 1.44
CA ALA A 82 12.32 2.12 1.76
C ALA A 82 11.23 3.15 2.02
N PRO A 83 11.28 3.82 3.17
CA PRO A 83 10.32 4.86 3.51
C PRO A 83 10.61 6.16 2.78
N VAL A 84 9.57 6.86 2.40
CA VAL A 84 9.71 8.14 1.74
C VAL A 84 9.76 9.24 2.78
N GLN A 85 10.31 10.38 2.43
CA GLN A 85 10.42 11.48 3.38
C GLN A 85 9.04 11.93 3.82
N GLY A 86 8.08 11.81 2.93
CA GLY A 86 6.72 12.20 3.21
C GLY A 86 5.98 11.25 4.14
N ASN A 87 6.66 10.21 4.62
CA ASN A 87 6.02 9.21 5.47
C ASN A 87 5.60 9.84 6.81
N SER A 88 6.52 10.55 7.42
CA SER A 88 6.26 11.21 8.70
C SER A 88 7.14 12.45 8.84
N GLY A 89 8.41 12.29 8.51
CA GLY A 89 9.35 13.40 8.63
C GLY A 89 10.77 12.90 8.70
N GLY A 90 11.26 12.68 9.92
CA GLY A 90 12.62 12.20 10.09
C GLY A 90 13.58 13.33 10.33
N GLY A 91 13.90 14.06 9.27
CA GLY A 91 14.81 15.18 9.39
C GLY A 91 16.12 14.95 8.66
N SER A 92 16.33 13.71 8.22
CA SER A 92 17.53 13.35 7.49
C SER A 92 17.15 12.63 6.19
N GLY A 1 -11.06 -19.97 12.46
CA GLY A 1 -10.56 -19.67 11.10
C GLY A 1 -9.95 -20.89 10.45
N HIS A 2 -10.12 -21.00 9.14
CA HIS A 2 -9.56 -22.11 8.39
C HIS A 2 -8.07 -21.92 8.19
N MET A 3 -7.69 -20.67 7.92
CA MET A 3 -6.29 -20.32 7.74
C MET A 3 -5.90 -19.20 8.69
N SER A 4 -4.87 -19.44 9.48
CA SER A 4 -4.44 -18.48 10.48
C SER A 4 -2.92 -18.55 10.66
N GLY A 5 -2.21 -18.79 9.56
CA GLY A 5 -0.78 -18.86 9.62
C GLY A 5 -0.13 -17.64 9.00
N ASP A 6 -0.75 -16.49 9.22
CA ASP A 6 -0.28 -15.24 8.64
C ASP A 6 0.45 -14.42 9.70
N ASN A 7 0.62 -13.13 9.43
CA ASN A 7 1.26 -12.23 10.39
C ASN A 7 0.28 -11.86 11.50
N GLY A 8 -1.01 -12.04 11.23
CA GLY A 8 -2.01 -11.76 12.24
C GLY A 8 -2.74 -10.46 12.01
N GLY A 9 -2.87 -10.09 10.75
CA GLY A 9 -3.56 -8.86 10.40
C GLY A 9 -3.11 -8.33 9.05
N GLY A 10 -1.81 -8.14 8.90
CA GLY A 10 -1.27 -7.65 7.65
C GLY A 10 -0.14 -8.50 7.13
N GLU A 11 -0.39 -9.15 6.01
CA GLU A 11 0.62 -9.99 5.36
C GLU A 11 1.50 -9.14 4.47
N ARG A 12 2.81 -9.26 4.60
CA ARG A 12 3.72 -8.37 3.88
C ARG A 12 3.98 -8.89 2.48
N ARG A 13 3.89 -7.99 1.51
CA ARG A 13 4.06 -8.33 0.11
C ARG A 13 4.67 -7.15 -0.65
N LYS A 14 5.15 -7.43 -1.85
CA LYS A 14 5.72 -6.40 -2.71
C LYS A 14 4.93 -6.37 -3.99
N GLY A 15 5.12 -5.33 -4.77
CA GLY A 15 4.45 -5.24 -6.03
C GLY A 15 4.73 -3.97 -6.77
N SER A 16 3.90 -3.71 -7.74
CA SER A 16 3.99 -2.50 -8.52
C SER A 16 2.59 -1.96 -8.73
N VAL A 17 2.45 -0.67 -8.49
CA VAL A 17 1.19 0.01 -8.60
C VAL A 17 0.62 -0.20 -9.99
N LYS A 18 -0.66 -0.52 -10.03
CA LYS A 18 -1.37 -0.67 -11.28
C LYS A 18 -1.78 0.72 -11.75
N TRP A 19 -2.32 1.49 -10.80
CA TRP A 19 -2.61 2.91 -11.00
C TRP A 19 -3.17 3.50 -9.71
N PHE A 20 -2.73 4.71 -9.42
CA PHE A 20 -3.21 5.45 -8.26
C PHE A 20 -4.02 6.64 -8.73
N ASP A 21 -5.31 6.64 -8.42
CA ASP A 21 -6.18 7.72 -8.83
C ASP A 21 -6.74 8.44 -7.60
N THR A 22 -6.32 9.66 -7.40
CA THR A 22 -6.78 10.47 -6.27
C THR A 22 -8.17 11.04 -6.56
N GLN A 23 -8.56 11.01 -7.82
CA GLN A 23 -9.85 11.53 -8.25
C GLN A 23 -10.95 10.51 -8.00
N LYS A 24 -10.71 9.30 -8.49
CA LYS A 24 -11.64 8.19 -8.32
C LYS A 24 -11.65 7.76 -6.87
N GLY A 25 -10.51 8.00 -6.23
CA GLY A 25 -10.38 7.75 -4.82
C GLY A 25 -9.97 6.34 -4.53
N PHE A 26 -9.45 5.66 -5.52
CA PHE A 26 -8.92 4.32 -5.32
C PHE A 26 -7.80 4.00 -6.30
N GLY A 27 -6.94 3.08 -5.89
CA GLY A 27 -5.88 2.61 -6.75
C GLY A 27 -5.67 1.13 -6.54
N PHE A 28 -4.78 0.54 -7.32
CA PHE A 28 -4.50 -0.88 -7.19
C PHE A 28 -3.02 -1.14 -7.29
N ILE A 29 -2.57 -2.16 -6.57
CA ILE A 29 -1.19 -2.60 -6.64
C ILE A 29 -1.12 -4.03 -7.14
N THR A 30 -0.28 -4.27 -8.12
CA THR A 30 -0.05 -5.61 -8.61
C THR A 30 1.11 -6.23 -7.84
N PRO A 31 0.82 -7.18 -6.93
CA PRO A 31 1.85 -7.77 -6.07
C PRO A 31 2.85 -8.64 -6.84
N ASP A 32 4.13 -8.32 -6.65
CA ASP A 32 5.23 -9.10 -7.23
C ASP A 32 5.33 -10.43 -6.50
N ASP A 33 4.70 -10.46 -5.33
CA ASP A 33 4.74 -11.62 -4.46
C ASP A 33 3.63 -12.59 -4.85
N GLY A 34 2.87 -12.21 -5.86
CA GLY A 34 1.78 -13.04 -6.32
C GLY A 34 0.46 -12.68 -5.66
N GLY A 35 -0.64 -13.23 -6.15
CA GLY A 35 -1.94 -12.99 -5.55
C GLY A 35 -2.78 -12.05 -6.37
N ASP A 36 -3.72 -11.41 -5.70
CA ASP A 36 -4.62 -10.46 -6.37
C ASP A 36 -4.07 -9.06 -6.28
N ASP A 37 -4.44 -8.23 -7.25
CA ASP A 37 -4.11 -6.81 -7.20
C ASP A 37 -4.91 -6.15 -6.08
N LEU A 38 -4.19 -5.44 -5.21
CA LEU A 38 -4.77 -4.91 -3.99
C LEU A 38 -5.14 -3.46 -4.13
N PHE A 39 -6.28 -3.10 -3.56
CA PHE A 39 -6.74 -1.72 -3.54
C PHE A 39 -5.86 -0.88 -2.62
N VAL A 40 -5.39 0.24 -3.14
CA VAL A 40 -4.54 1.13 -2.38
C VAL A 40 -4.94 2.58 -2.61
N HIS A 41 -5.02 3.34 -1.52
CA HIS A 41 -5.23 4.77 -1.64
C HIS A 41 -4.48 5.55 -0.56
N GLN A 42 -4.67 6.86 -0.59
CA GLN A 42 -3.94 7.81 0.25
C GLN A 42 -3.85 7.36 1.71
N SER A 43 -4.97 6.93 2.25
CA SER A 43 -5.04 6.57 3.67
C SER A 43 -4.35 5.25 3.96
N SER A 44 -3.84 4.61 2.91
CA SER A 44 -3.16 3.34 3.06
C SER A 44 -1.67 3.48 2.74
N ILE A 45 -1.21 4.70 2.57
CA ILE A 45 0.19 4.94 2.21
C ILE A 45 1.02 5.14 3.46
N ARG A 46 2.27 4.65 3.41
CA ARG A 46 3.16 4.59 4.59
C ARG A 46 3.39 5.95 5.26
N SER A 47 3.13 7.02 4.52
CA SER A 47 3.46 8.36 4.96
C SER A 47 2.40 8.92 5.90
N GLU A 48 2.86 9.75 6.83
CA GLU A 48 1.97 10.44 7.76
C GLU A 48 1.78 11.89 7.35
N GLY A 49 2.28 12.24 6.17
CA GLY A 49 2.12 13.58 5.67
C GLY A 49 1.62 13.58 4.25
N PHE A 50 2.51 13.69 3.29
CA PHE A 50 2.14 13.64 1.89
C PHE A 50 1.94 12.19 1.48
N ARG A 51 0.73 11.87 1.03
CA ARG A 51 0.35 10.48 0.75
C ARG A 51 -0.23 10.34 -0.64
N SER A 52 0.57 9.84 -1.56
CA SER A 52 0.11 9.61 -2.91
C SER A 52 1.08 8.70 -3.64
N LEU A 53 0.55 7.78 -4.42
CA LEU A 53 1.35 6.80 -5.12
C LEU A 53 1.46 7.16 -6.58
N ALA A 54 2.56 6.74 -7.18
CA ALA A 54 2.74 6.87 -8.60
C ALA A 54 2.28 5.61 -9.28
N ALA A 55 1.51 5.81 -10.34
CA ALA A 55 0.78 4.76 -11.02
C ALA A 55 1.63 3.54 -11.38
N GLU A 56 2.83 3.75 -11.91
CA GLU A 56 3.69 2.64 -12.32
C GLU A 56 4.67 2.21 -11.22
N GLU A 57 4.59 2.86 -10.07
CA GLU A 57 5.63 2.72 -9.04
C GLU A 57 5.66 1.33 -8.42
N ALA A 58 6.86 0.81 -8.20
CA ALA A 58 7.01 -0.43 -7.47
C ALA A 58 6.97 -0.14 -5.99
N VAL A 59 6.46 -1.07 -5.19
CA VAL A 59 6.14 -0.78 -3.80
C VAL A 59 6.29 -2.00 -2.90
N GLU A 60 6.37 -1.73 -1.61
CA GLU A 60 6.29 -2.76 -0.59
C GLU A 60 5.18 -2.39 0.37
N PHE A 61 4.38 -3.36 0.73
CA PHE A 61 3.16 -3.11 1.46
C PHE A 61 2.77 -4.32 2.27
N GLU A 62 1.72 -4.15 3.03
CA GLU A 62 1.10 -5.26 3.72
C GLU A 62 -0.32 -5.40 3.21
N VAL A 63 -0.82 -6.60 3.28
CA VAL A 63 -2.17 -6.88 2.82
C VAL A 63 -3.14 -6.87 3.98
N GLU A 64 -4.18 -6.08 3.82
CA GLU A 64 -5.25 -5.98 4.80
C GLU A 64 -6.57 -6.21 4.10
N ILE A 65 -7.40 -7.09 4.62
CA ILE A 65 -8.64 -7.39 3.96
C ILE A 65 -9.75 -6.47 4.42
N ASP A 66 -10.25 -5.70 3.46
CA ASP A 66 -11.30 -4.72 3.70
C ASP A 66 -12.63 -5.43 3.94
N ASN A 67 -13.61 -4.70 4.47
CA ASN A 67 -14.90 -5.30 4.83
C ASN A 67 -15.69 -5.71 3.60
N ASN A 68 -15.13 -5.46 2.44
CA ASN A 68 -15.72 -5.85 1.18
C ASN A 68 -15.12 -7.19 0.74
N ASN A 69 -14.42 -7.83 1.69
CA ASN A 69 -13.71 -9.11 1.51
C ASN A 69 -12.76 -9.10 0.31
N ARG A 70 -12.50 -7.92 -0.22
CA ARG A 70 -11.48 -7.73 -1.24
C ARG A 70 -10.24 -7.15 -0.56
N PRO A 71 -9.12 -7.90 -0.57
CA PRO A 71 -7.90 -7.46 0.11
C PRO A 71 -7.33 -6.18 -0.49
N LYS A 72 -6.77 -5.37 0.39
CA LYS A 72 -6.22 -4.08 -0.01
C LYS A 72 -4.82 -3.93 0.55
N ALA A 73 -4.04 -3.07 -0.08
CA ALA A 73 -2.65 -2.89 0.31
C ALA A 73 -2.47 -1.63 1.14
N ILE A 74 -1.72 -1.76 2.23
CA ILE A 74 -1.48 -0.63 3.12
C ILE A 74 -0.01 -0.57 3.52
N ASP A 75 0.36 0.58 4.11
CA ASP A 75 1.73 0.84 4.55
C ASP A 75 2.64 0.81 3.34
N VAL A 76 2.09 1.29 2.24
CA VAL A 76 2.74 1.22 0.95
C VAL A 76 3.97 2.09 0.89
N SER A 77 5.11 1.44 0.74
CA SER A 77 6.40 2.11 0.70
C SER A 77 7.12 1.70 -0.58
N GLY A 78 8.37 2.13 -0.77
CA GLY A 78 9.13 1.69 -1.94
C GLY A 78 9.28 0.17 -1.97
N PRO A 79 9.69 -0.41 -3.12
CA PRO A 79 9.84 -1.87 -3.27
C PRO A 79 10.73 -2.52 -2.22
N ASP A 80 11.74 -1.79 -1.75
CA ASP A 80 12.63 -2.31 -0.71
C ASP A 80 12.11 -1.92 0.66
N GLY A 81 11.08 -1.08 0.66
CA GLY A 81 10.54 -0.57 1.89
C GLY A 81 11.08 0.82 2.20
N ALA A 82 11.72 1.42 1.21
CA ALA A 82 12.30 2.76 1.36
C ALA A 82 11.20 3.81 1.43
N PRO A 83 11.02 4.44 2.60
CA PRO A 83 9.99 5.42 2.82
C PRO A 83 10.49 6.86 2.86
N VAL A 84 10.12 7.64 1.87
CA VAL A 84 10.33 9.08 1.93
C VAL A 84 9.10 9.72 2.55
N GLN A 85 9.22 10.95 3.02
CA GLN A 85 8.09 11.62 3.66
C GLN A 85 6.92 11.71 2.68
N GLY A 86 7.24 11.86 1.41
CA GLY A 86 6.23 11.90 0.38
C GLY A 86 5.97 10.55 -0.25
N ASN A 87 6.00 9.49 0.57
CA ASN A 87 5.75 8.11 0.12
C ASN A 87 6.88 7.61 -0.78
N SER A 88 6.91 8.14 -2.01
CA SER A 88 7.83 7.71 -3.04
C SER A 88 7.63 8.58 -4.27
N GLY A 89 6.43 9.13 -4.40
CA GLY A 89 6.12 10.01 -5.51
C GLY A 89 4.71 10.54 -5.42
N GLY A 90 3.93 10.30 -6.46
CA GLY A 90 2.55 10.75 -6.48
C GLY A 90 2.22 11.53 -7.73
N GLY A 91 2.67 12.77 -7.78
CA GLY A 91 2.41 13.62 -8.93
C GLY A 91 3.52 13.55 -9.95
N SER A 92 4.67 13.05 -9.53
CA SER A 92 5.80 12.90 -10.42
C SER A 92 6.46 11.54 -10.18
N GLY A 1 0.74 -7.54 23.20
CA GLY A 1 -0.31 -6.52 23.48
C GLY A 1 -1.49 -6.64 22.55
N HIS A 2 -1.76 -5.60 21.79
CA HIS A 2 -2.87 -5.62 20.85
C HIS A 2 -2.42 -6.24 19.53
N MET A 3 -2.23 -7.55 19.55
CA MET A 3 -1.78 -8.28 18.36
C MET A 3 -2.85 -8.24 17.27
N SER A 4 -2.42 -8.01 16.05
CA SER A 4 -3.32 -7.98 14.91
C SER A 4 -2.58 -8.42 13.65
N GLY A 5 -3.23 -8.32 12.50
CA GLY A 5 -2.58 -8.66 11.25
C GLY A 5 -2.35 -10.16 11.10
N ASP A 6 -3.29 -10.94 11.61
CA ASP A 6 -3.28 -12.41 11.49
C ASP A 6 -2.17 -13.06 12.33
N ASN A 7 -0.92 -12.80 11.96
CA ASN A 7 0.22 -13.45 12.61
C ASN A 7 0.69 -12.69 13.84
N GLY A 8 0.05 -11.57 14.12
CA GLY A 8 0.45 -10.75 15.25
C GLY A 8 1.61 -9.85 14.90
N GLY A 9 1.73 -9.52 13.63
CA GLY A 9 2.81 -8.66 13.18
C GLY A 9 2.43 -7.91 11.91
N GLY A 10 1.89 -8.63 10.94
CA GLY A 10 1.48 -8.03 9.70
C GLY A 10 2.16 -8.66 8.50
N GLU A 11 1.38 -9.35 7.69
CA GLU A 11 1.89 -9.99 6.50
C GLU A 11 2.29 -8.95 5.46
N ARG A 12 3.52 -9.03 4.97
CA ARG A 12 4.01 -8.06 4.00
C ARG A 12 4.14 -8.68 2.63
N ARG A 13 3.97 -7.84 1.63
CA ARG A 13 4.09 -8.23 0.24
C ARG A 13 4.68 -7.09 -0.57
N LYS A 14 4.97 -7.33 -1.83
CA LYS A 14 5.62 -6.36 -2.68
C LYS A 14 4.95 -6.33 -4.02
N GLY A 15 5.08 -5.22 -4.73
CA GLY A 15 4.50 -5.13 -6.04
C GLY A 15 4.82 -3.83 -6.73
N SER A 16 3.98 -3.48 -7.68
CA SER A 16 4.09 -2.23 -8.37
C SER A 16 2.71 -1.67 -8.59
N VAL A 17 2.60 -0.37 -8.41
CA VAL A 17 1.33 0.32 -8.52
C VAL A 17 0.76 0.11 -9.92
N LYS A 18 -0.52 -0.20 -9.96
CA LYS A 18 -1.22 -0.32 -11.21
C LYS A 18 -1.70 1.07 -11.61
N TRP A 19 -2.22 1.80 -10.64
CA TRP A 19 -2.54 3.21 -10.80
C TRP A 19 -3.06 3.78 -9.49
N PHE A 20 -2.71 5.03 -9.25
CA PHE A 20 -3.21 5.77 -8.10
C PHE A 20 -4.05 6.94 -8.59
N ASP A 21 -5.36 6.83 -8.43
CA ASP A 21 -6.26 7.85 -8.96
C ASP A 21 -7.02 8.54 -7.83
N THR A 22 -6.77 9.83 -7.67
CA THR A 22 -7.45 10.62 -6.65
C THR A 22 -8.85 11.03 -7.13
N GLN A 23 -9.10 10.89 -8.42
CA GLN A 23 -10.40 11.23 -8.99
C GLN A 23 -11.38 10.08 -8.75
N LYS A 24 -10.90 8.87 -9.03
CA LYS A 24 -11.68 7.66 -8.80
C LYS A 24 -11.83 7.46 -7.30
N GLY A 25 -10.80 7.89 -6.60
CA GLY A 25 -10.77 7.79 -5.16
C GLY A 25 -10.24 6.47 -4.70
N PHE A 26 -9.61 5.76 -5.63
CA PHE A 26 -9.00 4.48 -5.31
C PHE A 26 -7.88 4.14 -6.28
N GLY A 27 -6.99 3.26 -5.86
CA GLY A 27 -5.92 2.80 -6.70
C GLY A 27 -5.67 1.33 -6.50
N PHE A 28 -4.77 0.76 -7.27
CA PHE A 28 -4.45 -0.66 -7.14
C PHE A 28 -2.97 -0.89 -7.25
N ILE A 29 -2.51 -1.91 -6.55
CA ILE A 29 -1.13 -2.37 -6.66
C ILE A 29 -1.10 -3.77 -7.22
N THR A 30 -0.23 -4.00 -8.18
CA THR A 30 -0.03 -5.33 -8.70
C THR A 30 1.09 -6.00 -7.91
N PRO A 31 0.75 -6.96 -7.02
CA PRO A 31 1.73 -7.61 -6.17
C PRO A 31 2.65 -8.55 -6.95
N ASP A 32 3.95 -8.34 -6.77
CA ASP A 32 4.98 -9.15 -7.42
C ASP A 32 5.00 -10.54 -6.81
N ASP A 33 4.42 -10.64 -5.63
CA ASP A 33 4.46 -11.86 -4.85
C ASP A 33 3.24 -12.72 -5.17
N GLY A 34 2.47 -12.30 -6.16
CA GLY A 34 1.31 -13.04 -6.59
C GLY A 34 0.04 -12.57 -5.89
N GLY A 35 -1.10 -13.08 -6.33
CA GLY A 35 -2.36 -12.72 -5.71
C GLY A 35 -3.23 -11.88 -6.63
N ASP A 36 -3.91 -10.90 -6.06
CA ASP A 36 -4.76 -10.01 -6.81
C ASP A 36 -4.25 -8.59 -6.67
N ASP A 37 -4.60 -7.72 -7.62
CA ASP A 37 -4.28 -6.31 -7.51
C ASP A 37 -4.96 -5.75 -6.26
N LEU A 38 -4.17 -5.10 -5.44
CA LEU A 38 -4.64 -4.69 -4.12
C LEU A 38 -4.92 -3.20 -4.08
N PHE A 39 -6.10 -2.87 -3.57
CA PHE A 39 -6.57 -1.49 -3.50
C PHE A 39 -5.71 -0.64 -2.57
N VAL A 40 -5.30 0.51 -3.09
CA VAL A 40 -4.53 1.49 -2.32
C VAL A 40 -4.97 2.90 -2.63
N HIS A 41 -5.09 3.70 -1.59
CA HIS A 41 -5.30 5.13 -1.77
C HIS A 41 -4.56 5.88 -0.69
N GLN A 42 -4.66 7.20 -0.70
CA GLN A 42 -3.85 8.07 0.16
C GLN A 42 -3.84 7.60 1.61
N SER A 43 -4.95 7.07 2.09
CA SER A 43 -5.06 6.67 3.48
C SER A 43 -4.43 5.30 3.73
N SER A 44 -3.94 4.68 2.66
CA SER A 44 -3.31 3.38 2.78
C SER A 44 -1.80 3.49 2.62
N ILE A 45 -1.32 4.71 2.42
CA ILE A 45 0.11 4.90 2.17
C ILE A 45 0.86 5.08 3.49
N ARG A 46 2.07 4.54 3.54
CA ARG A 46 2.91 4.55 4.75
C ARG A 46 3.29 5.99 5.13
N SER A 47 2.99 6.90 4.22
CA SER A 47 3.23 8.30 4.40
C SER A 47 2.26 8.89 5.39
N GLU A 48 2.75 9.20 6.57
CA GLU A 48 1.92 9.83 7.58
C GLU A 48 1.93 11.34 7.43
N GLY A 49 2.65 11.82 6.42
CA GLY A 49 2.64 13.23 6.09
C GLY A 49 1.92 13.51 4.79
N PHE A 50 2.67 13.61 3.72
CA PHE A 50 2.09 13.78 2.39
C PHE A 50 1.83 12.41 1.76
N ARG A 51 0.58 12.12 1.46
CA ARG A 51 0.19 10.79 1.02
C ARG A 51 -0.21 10.79 -0.44
N SER A 52 0.53 10.04 -1.23
CA SER A 52 0.22 9.87 -2.65
C SER A 52 1.10 8.79 -3.23
N LEU A 53 0.59 8.11 -4.24
CA LEU A 53 1.33 7.08 -4.92
C LEU A 53 1.49 7.43 -6.39
N ALA A 54 2.61 7.09 -6.95
CA ALA A 54 2.82 7.21 -8.38
C ALA A 54 2.35 5.94 -9.05
N ALA A 55 1.53 6.13 -10.07
CA ALA A 55 0.87 5.06 -10.79
C ALA A 55 1.83 3.97 -11.26
N GLU A 56 2.99 4.36 -11.75
CA GLU A 56 3.98 3.43 -12.29
C GLU A 56 4.97 2.94 -11.23
N GLU A 57 4.79 3.38 -9.99
CA GLU A 57 5.78 3.17 -8.94
C GLU A 57 5.76 1.73 -8.44
N ALA A 58 6.88 1.28 -7.90
CA ALA A 58 6.94 -0.02 -7.25
C ALA A 58 6.82 0.16 -5.74
N VAL A 59 6.38 -0.87 -5.03
CA VAL A 59 5.99 -0.71 -3.64
C VAL A 59 6.22 -1.97 -2.80
N GLU A 60 6.52 -1.76 -1.53
CA GLU A 60 6.44 -2.80 -0.52
C GLU A 60 5.34 -2.40 0.45
N PHE A 61 4.50 -3.35 0.81
CA PHE A 61 3.30 -3.06 1.56
C PHE A 61 2.93 -4.23 2.44
N GLU A 62 1.90 -4.03 3.23
CA GLU A 62 1.32 -5.08 4.02
C GLU A 62 0.00 -5.47 3.40
N VAL A 63 -0.46 -6.67 3.67
CA VAL A 63 -1.73 -7.13 3.14
C VAL A 63 -2.82 -6.95 4.19
N GLU A 64 -3.91 -6.33 3.77
CA GLU A 64 -5.08 -6.14 4.60
C GLU A 64 -6.31 -6.51 3.80
N ILE A 65 -7.30 -7.08 4.43
CA ILE A 65 -8.50 -7.47 3.70
C ILE A 65 -9.70 -6.62 4.11
N ASP A 66 -10.28 -5.96 3.13
CA ASP A 66 -11.43 -5.09 3.33
C ASP A 66 -12.64 -5.91 3.73
N ASN A 67 -13.64 -5.24 4.33
CA ASN A 67 -14.79 -5.94 4.92
C ASN A 67 -15.66 -6.60 3.86
N ASN A 68 -15.28 -6.45 2.60
CA ASN A 68 -16.00 -7.08 1.50
C ASN A 68 -15.19 -8.28 0.99
N ASN A 69 -14.22 -8.69 1.80
CA ASN A 69 -13.32 -9.81 1.48
C ASN A 69 -12.46 -9.50 0.27
N ARG A 70 -12.38 -8.23 -0.08
CA ARG A 70 -11.49 -7.78 -1.15
C ARG A 70 -10.19 -7.31 -0.53
N PRO A 71 -9.08 -8.01 -0.79
CA PRO A 71 -7.80 -7.67 -0.18
C PRO A 71 -7.23 -6.37 -0.76
N LYS A 72 -6.58 -5.63 0.11
CA LYS A 72 -6.04 -4.33 -0.20
C LYS A 72 -4.63 -4.22 0.33
N ALA A 73 -3.88 -3.28 -0.20
CA ALA A 73 -2.52 -3.07 0.26
C ALA A 73 -2.43 -1.80 1.09
N ILE A 74 -1.65 -1.85 2.16
CA ILE A 74 -1.48 -0.69 3.01
C ILE A 74 -0.04 -0.56 3.46
N ASP A 75 0.27 0.59 4.04
CA ASP A 75 1.61 0.90 4.52
C ASP A 75 2.57 0.90 3.36
N VAL A 76 2.05 1.37 2.25
CA VAL A 76 2.77 1.43 0.98
C VAL A 76 4.06 2.23 1.09
N SER A 77 5.15 1.60 0.68
CA SER A 77 6.47 2.24 0.69
C SER A 77 7.27 1.74 -0.49
N GLY A 78 8.53 2.13 -0.59
CA GLY A 78 9.38 1.67 -1.68
C GLY A 78 9.48 0.14 -1.71
N PRO A 79 9.70 -0.46 -2.89
CA PRO A 79 9.75 -1.92 -3.05
C PRO A 79 10.71 -2.62 -2.11
N ASP A 80 11.79 -1.95 -1.75
CA ASP A 80 12.79 -2.54 -0.86
C ASP A 80 12.46 -2.25 0.60
N GLY A 81 11.33 -1.62 0.81
CA GLY A 81 10.93 -1.23 2.14
C GLY A 81 11.44 0.14 2.49
N ALA A 82 11.98 0.80 1.48
CA ALA A 82 12.54 2.13 1.62
C ALA A 82 11.43 3.15 1.84
N PRO A 83 11.55 4.00 2.85
CA PRO A 83 10.52 4.99 3.17
C PRO A 83 10.37 6.03 2.08
N VAL A 84 9.14 6.39 1.81
CA VAL A 84 8.86 7.42 0.83
C VAL A 84 9.16 8.78 1.46
N GLN A 85 9.32 9.80 0.65
CA GLN A 85 9.67 11.13 1.17
C GLN A 85 8.67 11.56 2.23
N GLY A 86 7.42 11.22 2.01
CA GLY A 86 6.37 11.62 2.93
C GLY A 86 6.07 10.58 4.00
N ASN A 87 6.99 9.62 4.22
CA ASN A 87 6.75 8.53 5.17
C ASN A 87 6.47 9.10 6.55
N SER A 88 7.37 9.95 7.02
CA SER A 88 7.21 10.59 8.31
C SER A 88 7.51 12.09 8.17
N GLY A 89 8.57 12.40 7.45
CA GLY A 89 8.96 13.77 7.25
C GLY A 89 10.32 13.88 6.58
N GLY A 90 10.44 13.27 5.41
CA GLY A 90 11.70 13.25 4.71
C GLY A 90 11.69 14.15 3.49
N GLY A 91 12.58 13.88 2.55
CA GLY A 91 12.69 14.71 1.37
C GLY A 91 13.93 15.58 1.40
N SER A 92 14.74 15.38 2.43
CA SER A 92 15.98 16.12 2.58
C SER A 92 17.04 15.20 3.16
N GLY A 1 -7.20 -19.10 15.59
CA GLY A 1 -6.61 -17.91 16.23
C GLY A 1 -7.66 -16.93 16.69
N HIS A 2 -7.52 -16.44 17.91
CA HIS A 2 -8.47 -15.48 18.45
C HIS A 2 -8.14 -14.08 17.94
N MET A 3 -8.64 -13.76 16.76
CA MET A 3 -8.35 -12.49 16.12
C MET A 3 -9.61 -11.94 15.46
N SER A 4 -9.65 -10.63 15.29
CA SER A 4 -10.77 -9.98 14.64
C SER A 4 -10.27 -8.91 13.68
N GLY A 5 -9.53 -9.35 12.68
CA GLY A 5 -8.98 -8.43 11.70
C GLY A 5 -7.47 -8.36 11.77
N ASP A 6 -6.84 -7.83 10.73
CA ASP A 6 -5.39 -7.66 10.72
C ASP A 6 -5.01 -6.39 11.45
N ASN A 7 -3.75 -6.31 11.82
CA ASN A 7 -3.22 -5.18 12.57
C ASN A 7 -2.70 -4.09 11.64
N GLY A 8 -2.99 -4.24 10.36
CA GLY A 8 -2.41 -3.35 9.37
C GLY A 8 -1.05 -3.85 8.95
N GLY A 9 -0.76 -5.10 9.29
CA GLY A 9 0.51 -5.70 8.95
C GLY A 9 0.54 -7.17 9.25
N GLY A 10 -0.38 -7.91 8.64
CA GLY A 10 -0.41 -9.35 8.83
C GLY A 10 0.53 -10.05 7.88
N GLU A 11 0.07 -10.23 6.65
CA GLU A 11 0.89 -10.78 5.59
C GLU A 11 1.68 -9.65 4.93
N ARG A 12 2.92 -9.90 4.56
CA ARG A 12 3.73 -8.89 3.90
C ARG A 12 3.94 -9.24 2.45
N ARG A 13 3.89 -8.23 1.60
CA ARG A 13 3.96 -8.45 0.16
C ARG A 13 4.68 -7.30 -0.54
N LYS A 14 4.87 -7.47 -1.84
CA LYS A 14 5.50 -6.48 -2.68
C LYS A 14 4.75 -6.41 -3.98
N GLY A 15 4.91 -5.35 -4.73
CA GLY A 15 4.25 -5.25 -6.00
C GLY A 15 4.65 -4.05 -6.80
N SER A 16 3.84 -3.77 -7.79
CA SER A 16 4.00 -2.60 -8.60
C SER A 16 2.63 -1.98 -8.82
N VAL A 17 2.55 -0.69 -8.55
CA VAL A 17 1.31 0.04 -8.64
C VAL A 17 0.70 -0.10 -10.01
N LYS A 18 -0.59 -0.38 -10.03
CA LYS A 18 -1.34 -0.41 -11.27
C LYS A 18 -1.65 1.01 -11.67
N TRP A 19 -2.16 1.77 -10.70
CA TRP A 19 -2.38 3.19 -10.84
C TRP A 19 -2.93 3.76 -9.54
N PHE A 20 -2.44 4.92 -9.18
CA PHE A 20 -2.96 5.65 -8.05
C PHE A 20 -3.98 6.65 -8.56
N ASP A 21 -5.24 6.34 -8.37
CA ASP A 21 -6.30 7.13 -8.96
C ASP A 21 -6.95 8.02 -7.91
N THR A 22 -6.47 9.25 -7.83
CA THR A 22 -7.04 10.25 -6.94
C THR A 22 -8.34 10.79 -7.53
N GLN A 23 -8.56 10.48 -8.81
CA GLN A 23 -9.77 10.89 -9.50
C GLN A 23 -10.94 10.02 -9.07
N LYS A 24 -10.71 8.71 -9.06
CA LYS A 24 -11.70 7.75 -8.62
C LYS A 24 -11.66 7.64 -7.12
N GLY A 25 -10.51 7.97 -6.57
CA GLY A 25 -10.33 7.98 -5.14
C GLY A 25 -9.88 6.63 -4.63
N PHE A 26 -9.42 5.78 -5.54
CA PHE A 26 -8.88 4.49 -5.16
C PHE A 26 -7.94 3.96 -6.23
N GLY A 27 -6.88 3.30 -5.79
CA GLY A 27 -5.90 2.76 -6.71
C GLY A 27 -5.64 1.30 -6.42
N PHE A 28 -4.76 0.69 -7.19
CA PHE A 28 -4.49 -0.73 -7.02
C PHE A 28 -3.02 -1.03 -7.23
N ILE A 29 -2.55 -2.05 -6.54
CA ILE A 29 -1.18 -2.53 -6.67
C ILE A 29 -1.17 -3.95 -7.21
N THR A 30 -0.35 -4.20 -8.22
CA THR A 30 -0.16 -5.54 -8.72
C THR A 30 0.98 -6.20 -7.95
N PRO A 31 0.67 -7.14 -7.05
CA PRO A 31 1.68 -7.78 -6.22
C PRO A 31 2.71 -8.56 -7.04
N ASP A 32 3.98 -8.38 -6.69
CA ASP A 32 5.10 -8.92 -7.45
C ASP A 32 5.18 -10.44 -7.31
N ASP A 33 4.55 -10.97 -6.29
CA ASP A 33 4.58 -12.41 -6.04
C ASP A 33 3.41 -13.09 -6.73
N GLY A 34 2.62 -12.28 -7.42
CA GLY A 34 1.44 -12.80 -8.09
C GLY A 34 0.20 -12.60 -7.25
N GLY A 35 -0.95 -13.00 -7.79
CA GLY A 35 -2.19 -12.84 -7.08
C GLY A 35 -3.08 -11.82 -7.74
N ASP A 36 -3.89 -11.14 -6.94
CA ASP A 36 -4.80 -10.13 -7.45
C ASP A 36 -4.34 -8.74 -7.04
N ASP A 37 -4.64 -7.76 -7.88
CA ASP A 37 -4.31 -6.37 -7.60
C ASP A 37 -5.03 -5.88 -6.35
N LEU A 38 -4.29 -5.23 -5.48
CA LEU A 38 -4.77 -4.86 -4.16
C LEU A 38 -5.01 -3.35 -4.08
N PHE A 39 -6.12 -2.99 -3.46
CA PHE A 39 -6.56 -1.60 -3.39
C PHE A 39 -5.65 -0.76 -2.49
N VAL A 40 -5.23 0.38 -3.02
CA VAL A 40 -4.44 1.35 -2.27
C VAL A 40 -4.85 2.77 -2.60
N HIS A 41 -5.00 3.56 -1.57
CA HIS A 41 -5.15 4.99 -1.74
C HIS A 41 -4.44 5.70 -0.61
N GLN A 42 -4.53 7.02 -0.58
CA GLN A 42 -3.73 7.83 0.34
C GLN A 42 -3.76 7.30 1.77
N SER A 43 -4.90 6.76 2.19
CA SER A 43 -5.08 6.33 3.56
C SER A 43 -4.29 5.05 3.87
N SER A 44 -3.79 4.41 2.82
CA SER A 44 -3.08 3.15 2.99
C SER A 44 -1.58 3.32 2.75
N ILE A 45 -1.14 4.57 2.62
CA ILE A 45 0.26 4.84 2.31
C ILE A 45 1.07 4.97 3.60
N ARG A 46 2.32 4.50 3.55
CA ARG A 46 3.22 4.44 4.71
C ARG A 46 3.41 5.80 5.38
N SER A 47 3.01 6.85 4.69
CA SER A 47 3.20 8.21 5.14
C SER A 47 2.06 8.63 6.06
N GLU A 48 2.42 9.41 7.07
CA GLU A 48 1.44 9.93 8.01
C GLU A 48 0.95 11.31 7.58
N GLY A 49 1.75 12.00 6.77
CA GLY A 49 1.37 13.32 6.31
C GLY A 49 0.97 13.31 4.85
N PHE A 50 1.94 13.55 3.97
CA PHE A 50 1.70 13.55 2.54
C PHE A 50 1.59 12.12 2.05
N ARG A 51 0.45 11.76 1.51
CA ARG A 51 0.19 10.38 1.14
C ARG A 51 -0.25 10.29 -0.32
N SER A 52 0.65 9.81 -1.16
CA SER A 52 0.36 9.66 -2.56
C SER A 52 1.23 8.55 -3.16
N LEU A 53 0.83 8.07 -4.30
CA LEU A 53 1.57 7.02 -4.99
C LEU A 53 1.72 7.35 -6.46
N ALA A 54 2.81 6.87 -7.03
CA ALA A 54 3.02 6.97 -8.45
C ALA A 54 2.53 5.70 -9.13
N ALA A 55 1.74 5.90 -10.16
CA ALA A 55 1.05 4.84 -10.87
C ALA A 55 1.97 3.70 -11.31
N GLU A 56 3.15 4.03 -11.80
CA GLU A 56 4.09 3.04 -12.30
C GLU A 56 5.06 2.55 -11.23
N GLU A 57 4.87 3.02 -10.02
CA GLU A 57 5.85 2.80 -8.95
C GLU A 57 5.81 1.36 -8.44
N ALA A 58 6.96 0.86 -8.04
CA ALA A 58 7.01 -0.43 -7.37
C ALA A 58 6.90 -0.22 -5.86
N VAL A 59 6.46 -1.23 -5.14
CA VAL A 59 6.10 -1.04 -3.75
C VAL A 59 6.36 -2.27 -2.88
N GLU A 60 6.66 -2.02 -1.62
CA GLU A 60 6.63 -3.04 -0.59
C GLU A 60 5.53 -2.66 0.40
N PHE A 61 4.71 -3.62 0.78
CA PHE A 61 3.51 -3.32 1.55
C PHE A 61 3.10 -4.50 2.42
N GLU A 62 2.08 -4.26 3.21
CA GLU A 62 1.46 -5.31 4.00
C GLU A 62 0.08 -5.58 3.41
N VAL A 63 -0.47 -6.73 3.72
CA VAL A 63 -1.80 -7.07 3.26
C VAL A 63 -2.80 -6.93 4.39
N GLU A 64 -3.93 -6.33 4.06
CA GLU A 64 -5.04 -6.19 4.98
C GLU A 64 -6.34 -6.39 4.22
N ILE A 65 -7.26 -7.16 4.76
CA ILE A 65 -8.52 -7.36 4.06
C ILE A 65 -9.58 -6.41 4.58
N ASP A 66 -10.14 -5.67 3.65
CA ASP A 66 -11.16 -4.68 3.94
C ASP A 66 -12.47 -5.35 4.34
N ASN A 67 -13.39 -4.58 4.91
CA ASN A 67 -14.65 -5.13 5.45
C ASN A 67 -15.55 -5.64 4.35
N ASN A 68 -15.14 -5.43 3.12
CA ASN A 68 -15.88 -5.91 1.95
C ASN A 68 -15.33 -7.27 1.53
N ASN A 69 -14.41 -7.80 2.34
CA ASN A 69 -13.75 -9.09 2.10
C ASN A 69 -12.76 -8.98 0.93
N ARG A 70 -12.48 -7.75 0.54
CA ARG A 70 -11.50 -7.49 -0.51
C ARG A 70 -10.16 -7.16 0.11
N PRO A 71 -9.10 -7.89 -0.26
CA PRO A 71 -7.77 -7.61 0.25
C PRO A 71 -7.19 -6.35 -0.37
N LYS A 72 -6.55 -5.57 0.48
CA LYS A 72 -5.99 -4.29 0.07
C LYS A 72 -4.57 -4.17 0.61
N ALA A 73 -3.78 -3.35 -0.04
CA ALA A 73 -2.41 -3.17 0.37
C ALA A 73 -2.26 -1.92 1.22
N ILE A 74 -1.48 -2.02 2.28
CA ILE A 74 -1.25 -0.88 3.16
C ILE A 74 0.21 -0.81 3.55
N ASP A 75 0.59 0.31 4.16
CA ASP A 75 1.98 0.58 4.55
C ASP A 75 2.83 0.64 3.30
N VAL A 76 2.19 1.13 2.24
CA VAL A 76 2.80 1.16 0.93
C VAL A 76 4.06 1.98 0.92
N SER A 77 5.16 1.34 0.62
CA SER A 77 6.46 1.98 0.59
C SER A 77 7.18 1.55 -0.67
N GLY A 78 8.41 2.01 -0.88
CA GLY A 78 9.16 1.56 -2.03
C GLY A 78 9.43 0.06 -1.96
N PRO A 79 9.84 -0.56 -3.08
CA PRO A 79 10.10 -2.01 -3.16
C PRO A 79 11.09 -2.51 -2.10
N ASP A 80 11.99 -1.65 -1.65
CA ASP A 80 12.96 -2.02 -0.62
C ASP A 80 12.42 -1.69 0.77
N GLY A 81 11.24 -1.13 0.81
CA GLY A 81 10.62 -0.75 2.06
C GLY A 81 10.99 0.65 2.46
N ALA A 82 11.54 1.40 1.52
CA ALA A 82 11.96 2.77 1.78
C ALA A 82 10.78 3.73 1.62
N PRO A 83 10.63 4.68 2.55
CA PRO A 83 9.60 5.70 2.47
C PRO A 83 10.10 6.95 1.76
N VAL A 84 9.16 7.77 1.32
CA VAL A 84 9.48 9.01 0.63
C VAL A 84 9.75 10.11 1.64
N GLN A 85 10.36 11.21 1.19
CA GLN A 85 10.66 12.33 2.07
C GLN A 85 9.42 12.75 2.85
N GLY A 86 8.29 12.71 2.18
CA GLY A 86 7.02 13.00 2.82
C GLY A 86 6.44 11.77 3.49
N ASN A 87 7.16 11.24 4.47
CA ASN A 87 6.73 10.07 5.20
C ASN A 87 6.04 10.47 6.50
N SER A 88 6.81 10.95 7.46
CA SER A 88 6.27 11.33 8.76
C SER A 88 5.66 12.72 8.70
N GLY A 89 5.80 13.35 7.55
CA GLY A 89 5.20 14.65 7.33
C GLY A 89 4.83 14.84 5.88
N GLY A 90 4.85 16.07 5.42
CA GLY A 90 4.57 16.36 4.04
C GLY A 90 5.59 17.31 3.46
N GLY A 91 5.76 18.44 4.13
CA GLY A 91 6.72 19.43 3.69
C GLY A 91 8.09 19.20 4.27
N SER A 92 8.41 17.93 4.52
CA SER A 92 9.71 17.54 5.04
C SER A 92 10.81 17.87 4.04
N GLY A 1 -19.80 -0.75 14.15
CA GLY A 1 -19.29 -0.82 12.76
C GLY A 1 -17.78 -0.65 12.69
N HIS A 2 -17.21 -1.00 11.55
CA HIS A 2 -15.77 -0.88 11.31
C HIS A 2 -14.97 -1.74 12.29
N MET A 3 -15.55 -2.85 12.71
CA MET A 3 -14.86 -3.77 13.59
C MET A 3 -14.04 -4.77 12.79
N SER A 4 -12.82 -4.36 12.48
CA SER A 4 -11.86 -5.22 11.83
C SER A 4 -10.58 -5.24 12.65
N GLY A 5 -10.44 -6.23 13.53
CA GLY A 5 -9.33 -6.26 14.45
C GLY A 5 -8.05 -6.79 13.83
N ASP A 6 -7.78 -6.35 12.60
CA ASP A 6 -6.58 -6.75 11.86
C ASP A 6 -6.63 -8.20 11.43
N ASN A 7 -6.34 -8.45 10.17
CA ASN A 7 -6.26 -9.80 9.62
C ASN A 7 -4.92 -10.44 9.97
N GLY A 8 -4.43 -10.13 11.17
CA GLY A 8 -3.12 -10.58 11.57
C GLY A 8 -2.13 -9.44 11.52
N GLY A 9 -2.62 -8.27 11.12
CA GLY A 9 -1.79 -7.10 11.04
C GLY A 9 -1.53 -6.68 9.61
N GLY A 10 -1.42 -7.67 8.74
CA GLY A 10 -1.13 -7.40 7.35
C GLY A 10 0.13 -8.11 6.89
N GLU A 11 -0.05 -9.16 6.11
CA GLU A 11 1.07 -9.92 5.58
C GLU A 11 1.93 -9.05 4.67
N ARG A 12 3.23 -9.10 4.85
CA ARG A 12 4.14 -8.27 4.07
C ARG A 12 4.24 -8.80 2.65
N ARG A 13 4.14 -7.88 1.70
CA ARG A 13 4.17 -8.21 0.29
C ARG A 13 4.86 -7.11 -0.50
N LYS A 14 5.09 -7.37 -1.77
CA LYS A 14 5.77 -6.43 -2.66
C LYS A 14 5.04 -6.39 -3.97
N GLY A 15 5.21 -5.33 -4.72
CA GLY A 15 4.57 -5.25 -6.03
C GLY A 15 4.86 -3.98 -6.75
N SER A 16 3.97 -3.66 -7.68
CA SER A 16 4.07 -2.44 -8.44
C SER A 16 2.68 -1.89 -8.66
N VAL A 17 2.56 -0.60 -8.48
CA VAL A 17 1.31 0.10 -8.62
C VAL A 17 0.74 -0.13 -10.01
N LYS A 18 -0.55 -0.43 -10.04
CA LYS A 18 -1.27 -0.56 -11.29
C LYS A 18 -1.75 0.81 -11.71
N TRP A 19 -2.24 1.56 -10.73
CA TRP A 19 -2.56 2.98 -10.89
C TRP A 19 -3.04 3.56 -9.57
N PHE A 20 -2.61 4.78 -9.30
CA PHE A 20 -3.05 5.52 -8.14
C PHE A 20 -3.86 6.71 -8.58
N ASP A 21 -5.16 6.66 -8.38
CA ASP A 21 -6.03 7.73 -8.83
C ASP A 21 -6.76 8.34 -7.65
N THR A 22 -6.40 9.57 -7.33
CA THR A 22 -7.05 10.30 -6.25
C THR A 22 -8.36 10.93 -6.75
N GLN A 23 -8.50 11.00 -8.06
CA GLN A 23 -9.72 11.53 -8.66
C GLN A 23 -10.82 10.48 -8.57
N LYS A 24 -10.44 9.24 -8.82
CA LYS A 24 -11.35 8.11 -8.67
C LYS A 24 -11.57 7.84 -7.20
N GLY A 25 -10.52 8.08 -6.44
CA GLY A 25 -10.54 7.85 -5.03
C GLY A 25 -10.15 6.43 -4.69
N PHE A 26 -9.48 5.78 -5.63
CA PHE A 26 -8.98 4.44 -5.41
C PHE A 26 -7.81 4.12 -6.34
N GLY A 27 -6.97 3.18 -5.91
CA GLY A 27 -5.86 2.74 -6.71
C GLY A 27 -5.62 1.26 -6.51
N PHE A 28 -4.72 0.68 -7.28
CA PHE A 28 -4.44 -0.73 -7.17
C PHE A 28 -2.97 -1.02 -7.30
N ILE A 29 -2.51 -2.03 -6.58
CA ILE A 29 -1.14 -2.48 -6.66
C ILE A 29 -1.11 -3.92 -7.14
N THR A 30 -0.24 -4.19 -8.09
CA THR A 30 -0.03 -5.54 -8.56
C THR A 30 1.11 -6.18 -7.76
N PRO A 31 0.81 -7.12 -6.86
CA PRO A 31 1.84 -7.76 -6.05
C PRO A 31 2.79 -8.58 -6.90
N ASP A 32 4.09 -8.41 -6.62
CA ASP A 32 5.16 -9.02 -7.39
C ASP A 32 5.13 -10.54 -7.29
N ASP A 33 4.55 -11.04 -6.21
CA ASP A 33 4.48 -12.48 -5.99
C ASP A 33 3.27 -13.07 -6.70
N GLY A 34 2.47 -12.21 -7.29
CA GLY A 34 1.28 -12.66 -7.99
C GLY A 34 0.08 -12.79 -7.08
N GLY A 35 -1.03 -13.26 -7.63
CA GLY A 35 -2.24 -13.42 -6.85
C GLY A 35 -3.37 -12.59 -7.42
N ASP A 36 -3.60 -11.45 -6.80
CA ASP A 36 -4.60 -10.50 -7.27
C ASP A 36 -4.21 -9.09 -6.86
N ASP A 37 -4.47 -8.14 -7.75
CA ASP A 37 -4.17 -6.74 -7.50
C ASP A 37 -4.94 -6.22 -6.31
N LEU A 38 -4.26 -5.41 -5.52
CA LEU A 38 -4.78 -4.98 -4.23
C LEU A 38 -5.07 -3.49 -4.24
N PHE A 39 -6.20 -3.13 -3.66
CA PHE A 39 -6.63 -1.74 -3.59
C PHE A 39 -5.71 -0.94 -2.67
N VAL A 40 -5.27 0.20 -3.17
CA VAL A 40 -4.43 1.10 -2.41
C VAL A 40 -4.83 2.53 -2.64
N HIS A 41 -4.91 3.29 -1.57
CA HIS A 41 -5.15 4.72 -1.70
C HIS A 41 -4.41 5.51 -0.66
N GLN A 42 -4.64 6.81 -0.67
CA GLN A 42 -3.95 7.76 0.20
C GLN A 42 -3.90 7.27 1.65
N SER A 43 -5.02 6.79 2.16
CA SER A 43 -5.09 6.34 3.54
C SER A 43 -4.32 5.04 3.77
N SER A 44 -3.87 4.42 2.68
CA SER A 44 -3.15 3.16 2.79
C SER A 44 -1.66 3.39 2.60
N ILE A 45 -1.25 4.63 2.53
CA ILE A 45 0.15 4.96 2.29
C ILE A 45 0.90 5.09 3.61
N ARG A 46 2.16 4.69 3.59
CA ARG A 46 3.01 4.67 4.78
C ARG A 46 3.40 6.10 5.20
N SER A 47 2.40 6.94 5.42
CA SER A 47 2.62 8.30 5.85
C SER A 47 1.48 8.76 6.74
N GLU A 48 1.80 9.74 7.58
CA GLU A 48 0.79 10.42 8.38
C GLU A 48 0.40 11.75 7.72
N GLY A 49 1.14 12.15 6.69
CA GLY A 49 0.87 13.41 6.03
C GLY A 49 0.74 13.24 4.54
N PHE A 50 1.84 13.43 3.82
CA PHE A 50 1.83 13.30 2.37
C PHE A 50 1.64 11.84 1.98
N ARG A 51 0.55 11.55 1.29
CA ARG A 51 0.19 10.19 1.00
C ARG A 51 -0.28 10.04 -0.43
N SER A 52 0.64 9.69 -1.31
CA SER A 52 0.32 9.52 -2.72
C SER A 52 1.29 8.53 -3.35
N LEU A 53 0.80 7.85 -4.38
CA LEU A 53 1.60 6.88 -5.10
C LEU A 53 1.67 7.25 -6.56
N ALA A 54 2.72 6.79 -7.22
CA ALA A 54 2.84 6.94 -8.65
C ALA A 54 2.34 5.67 -9.34
N ALA A 55 1.54 5.90 -10.36
CA ALA A 55 0.78 4.86 -11.04
C ALA A 55 1.61 3.64 -11.44
N GLU A 56 2.78 3.86 -12.02
CA GLU A 56 3.64 2.76 -12.48
C GLU A 56 4.68 2.35 -11.44
N GLU A 57 4.65 2.97 -10.28
CA GLU A 57 5.72 2.82 -9.29
C GLU A 57 5.77 1.41 -8.73
N ALA A 58 6.95 0.96 -8.33
CA ALA A 58 7.07 -0.30 -7.62
C ALA A 58 7.01 -0.02 -6.12
N VAL A 59 6.51 -0.97 -5.34
CA VAL A 59 6.20 -0.70 -3.94
C VAL A 59 6.36 -1.94 -3.07
N GLU A 60 6.40 -1.70 -1.76
CA GLU A 60 6.36 -2.75 -0.77
C GLU A 60 5.31 -2.37 0.27
N PHE A 61 4.53 -3.34 0.69
CA PHE A 61 3.32 -3.08 1.43
C PHE A 61 2.91 -4.28 2.25
N GLU A 62 1.85 -4.11 3.00
CA GLU A 62 1.23 -5.20 3.72
C GLU A 62 -0.13 -5.49 3.10
N VAL A 63 -0.58 -6.72 3.25
CA VAL A 63 -1.90 -7.09 2.77
C VAL A 63 -2.91 -7.06 3.89
N GLU A 64 -3.91 -6.23 3.71
CA GLU A 64 -4.98 -6.11 4.69
C GLU A 64 -6.31 -6.33 4.00
N ILE A 65 -7.18 -7.11 4.60
CA ILE A 65 -8.46 -7.39 3.97
C ILE A 65 -9.54 -6.46 4.50
N ASP A 66 -10.13 -5.72 3.57
CA ASP A 66 -11.14 -4.72 3.88
C ASP A 66 -12.45 -5.41 4.26
N ASN A 67 -13.39 -4.64 4.80
CA ASN A 67 -14.65 -5.19 5.33
C ASN A 67 -15.54 -5.73 4.21
N ASN A 68 -15.10 -5.55 2.98
CA ASN A 68 -15.80 -6.07 1.83
C ASN A 68 -15.21 -7.42 1.45
N ASN A 69 -14.31 -7.90 2.31
CA ASN A 69 -13.57 -9.16 2.09
C ASN A 69 -12.66 -9.03 0.88
N ARG A 70 -12.42 -7.80 0.48
CA ARG A 70 -11.52 -7.51 -0.62
C ARG A 70 -10.17 -7.09 -0.06
N PRO A 71 -9.10 -7.84 -0.37
CA PRO A 71 -7.78 -7.54 0.14
C PRO A 71 -7.21 -6.28 -0.51
N LYS A 72 -6.57 -5.48 0.31
CA LYS A 72 -6.03 -4.21 -0.10
C LYS A 72 -4.61 -4.05 0.38
N ALA A 73 -3.85 -3.23 -0.30
CA ALA A 73 -2.45 -3.01 0.05
C ALA A 73 -2.30 -1.72 0.85
N ILE A 74 -1.61 -1.81 1.97
CA ILE A 74 -1.44 -0.67 2.87
C ILE A 74 0.00 -0.61 3.37
N ASP A 75 0.32 0.51 4.03
CA ASP A 75 1.66 0.75 4.59
C ASP A 75 2.66 0.76 3.45
N VAL A 76 2.21 1.33 2.36
CA VAL A 76 2.94 1.29 1.11
C VAL A 76 4.22 2.10 1.18
N SER A 77 5.30 1.45 0.82
CA SER A 77 6.60 2.05 0.79
C SER A 77 7.27 1.71 -0.54
N GLY A 78 8.50 2.15 -0.77
CA GLY A 78 9.20 1.79 -1.98
C GLY A 78 9.40 0.28 -2.09
N PRO A 79 9.77 -0.23 -3.27
CA PRO A 79 9.94 -1.68 -3.50
C PRO A 79 10.93 -2.34 -2.53
N ASP A 80 11.84 -1.55 -1.99
CA ASP A 80 12.85 -2.05 -1.06
C ASP A 80 12.29 -2.09 0.36
N GLY A 81 11.13 -1.49 0.52
CA GLY A 81 10.54 -1.32 1.83
C GLY A 81 10.97 0.00 2.43
N ALA A 82 11.54 0.83 1.58
CA ALA A 82 12.03 2.12 1.98
C ALA A 82 10.91 3.14 2.03
N PRO A 83 10.75 3.83 3.15
CA PRO A 83 9.74 4.87 3.30
C PRO A 83 10.10 6.11 2.51
N VAL A 84 9.10 6.88 2.15
CA VAL A 84 9.30 8.08 1.36
C VAL A 84 9.74 9.23 2.26
N GLN A 85 10.29 10.27 1.67
CA GLN A 85 10.74 11.44 2.42
C GLN A 85 9.60 12.00 3.26
N GLY A 86 8.41 11.95 2.70
CA GLY A 86 7.23 12.39 3.41
C GLY A 86 6.43 11.22 3.96
N ASN A 87 7.07 10.41 4.80
CA ASN A 87 6.43 9.25 5.39
C ASN A 87 5.93 9.57 6.80
N SER A 88 5.51 8.55 7.53
CA SER A 88 5.10 8.71 8.92
C SER A 88 6.31 9.08 9.78
N GLY A 89 7.30 8.20 9.80
CA GLY A 89 8.50 8.47 10.56
C GLY A 89 9.45 7.28 10.54
N GLY A 90 10.65 7.48 11.06
CA GLY A 90 11.62 6.41 11.12
C GLY A 90 11.61 5.73 12.48
N GLY A 91 10.79 4.71 12.63
CA GLY A 91 10.71 3.99 13.88
C GLY A 91 9.47 4.35 14.66
N SER A 92 9.04 5.59 14.53
CA SER A 92 7.82 6.06 15.18
C SER A 92 6.66 6.06 14.20
N GLY A 1 6.66 -2.16 18.04
CA GLY A 1 5.63 -1.14 18.34
C GLY A 1 4.31 -1.46 17.67
N HIS A 2 3.22 -0.92 18.21
CA HIS A 2 1.90 -1.15 17.65
C HIS A 2 1.44 0.03 16.81
N MET A 3 2.38 0.93 16.53
CA MET A 3 2.11 2.09 15.68
C MET A 3 1.90 1.65 14.23
N SER A 4 2.31 0.43 13.93
CA SER A 4 2.22 -0.10 12.58
C SER A 4 0.79 -0.56 12.28
N GLY A 5 -0.14 0.38 12.26
CA GLY A 5 -1.51 0.07 11.91
C GLY A 5 -2.25 -0.65 13.03
N ASP A 6 -3.12 -1.58 12.65
CA ASP A 6 -3.94 -2.30 13.62
C ASP A 6 -3.20 -3.51 14.18
N ASN A 7 -3.04 -4.54 13.37
CA ASN A 7 -2.45 -5.80 13.82
C ASN A 7 -0.96 -5.89 13.51
N GLY A 8 -0.30 -4.75 13.45
CA GLY A 8 1.13 -4.72 13.17
C GLY A 8 1.42 -4.86 11.69
N GLY A 9 0.42 -4.59 10.87
CA GLY A 9 0.60 -4.68 9.44
C GLY A 9 0.14 -6.01 8.88
N GLY A 10 0.73 -7.09 9.39
CA GLY A 10 0.40 -8.42 8.90
C GLY A 10 1.45 -8.94 7.96
N GLU A 11 1.03 -9.79 7.03
CA GLU A 11 1.93 -10.34 6.03
C GLU A 11 2.32 -9.27 5.03
N ARG A 12 3.61 -9.17 4.75
CA ARG A 12 4.11 -8.14 3.85
C ARG A 12 4.34 -8.72 2.47
N ARG A 13 4.03 -7.92 1.47
CA ARG A 13 4.13 -8.32 0.08
C ARG A 13 4.84 -7.22 -0.70
N LYS A 14 5.06 -7.46 -1.97
CA LYS A 14 5.76 -6.53 -2.82
C LYS A 14 5.03 -6.44 -4.14
N GLY A 15 5.16 -5.33 -4.83
CA GLY A 15 4.50 -5.20 -6.11
C GLY A 15 4.78 -3.92 -6.80
N SER A 16 3.92 -3.58 -7.73
CA SER A 16 4.01 -2.36 -8.46
C SER A 16 2.63 -1.81 -8.68
N VAL A 17 2.48 -0.53 -8.47
CA VAL A 17 1.22 0.15 -8.60
C VAL A 17 0.65 -0.07 -10.00
N LYS A 18 -0.62 -0.40 -10.05
CA LYS A 18 -1.31 -0.56 -11.31
C LYS A 18 -1.84 0.79 -11.74
N TRP A 19 -2.34 1.55 -10.76
CA TRP A 19 -2.65 2.96 -10.94
C TRP A 19 -3.15 3.54 -9.63
N PHE A 20 -2.81 4.80 -9.40
CA PHE A 20 -3.28 5.52 -8.23
C PHE A 20 -4.14 6.69 -8.67
N ASP A 21 -5.44 6.57 -8.49
CA ASP A 21 -6.35 7.60 -8.97
C ASP A 21 -7.17 8.18 -7.84
N THR A 22 -6.83 9.40 -7.44
CA THR A 22 -7.57 10.10 -6.41
C THR A 22 -8.88 10.64 -6.98
N GLN A 23 -9.00 10.62 -8.30
CA GLN A 23 -10.23 11.01 -8.96
C GLN A 23 -11.29 9.94 -8.74
N LYS A 24 -10.88 8.69 -8.92
CA LYS A 24 -11.71 7.54 -8.61
C LYS A 24 -11.84 7.39 -7.11
N GLY A 25 -10.77 7.76 -6.44
CA GLY A 25 -10.72 7.66 -5.01
C GLY A 25 -10.22 6.30 -4.58
N PHE A 26 -9.58 5.60 -5.52
CA PHE A 26 -8.99 4.31 -5.24
C PHE A 26 -7.89 3.97 -6.24
N GLY A 27 -7.03 3.06 -5.86
CA GLY A 27 -5.98 2.61 -6.73
C GLY A 27 -5.74 1.13 -6.57
N PHE A 28 -4.83 0.57 -7.36
CA PHE A 28 -4.51 -0.84 -7.25
C PHE A 28 -3.02 -1.06 -7.32
N ILE A 29 -2.56 -2.05 -6.59
CA ILE A 29 -1.18 -2.48 -6.67
C ILE A 29 -1.12 -3.90 -7.19
N THR A 30 -0.28 -4.13 -8.17
CA THR A 30 -0.05 -5.46 -8.67
C THR A 30 1.08 -6.11 -7.89
N PRO A 31 0.77 -7.07 -7.01
CA PRO A 31 1.78 -7.73 -6.19
C PRO A 31 2.71 -8.59 -7.05
N ASP A 32 4.00 -8.36 -6.89
CA ASP A 32 5.03 -9.02 -7.68
C ASP A 32 5.11 -10.50 -7.34
N ASP A 33 4.66 -10.84 -6.14
CA ASP A 33 4.76 -12.22 -5.66
C ASP A 33 3.62 -13.05 -6.23
N GLY A 34 2.60 -12.37 -6.73
CA GLY A 34 1.46 -13.06 -7.30
C GLY A 34 0.18 -12.83 -6.50
N GLY A 35 -0.95 -13.20 -7.08
CA GLY A 35 -2.22 -13.02 -6.40
C GLY A 35 -3.15 -12.11 -7.17
N ASP A 36 -3.83 -11.23 -6.46
CA ASP A 36 -4.74 -10.28 -7.10
C ASP A 36 -4.24 -8.88 -6.88
N ASP A 37 -4.57 -7.98 -7.79
CA ASP A 37 -4.25 -6.57 -7.63
C ASP A 37 -4.96 -6.04 -6.40
N LEU A 38 -4.23 -5.35 -5.56
CA LEU A 38 -4.73 -4.95 -4.27
C LEU A 38 -5.06 -3.48 -4.23
N PHE A 39 -6.20 -3.16 -3.65
CA PHE A 39 -6.67 -1.79 -3.56
C PHE A 39 -5.77 -0.95 -2.67
N VAL A 40 -5.38 0.21 -3.17
CA VAL A 40 -4.54 1.12 -2.42
C VAL A 40 -4.94 2.57 -2.68
N HIS A 41 -5.05 3.34 -1.62
CA HIS A 41 -5.25 4.77 -1.76
C HIS A 41 -4.52 5.54 -0.67
N GLN A 42 -4.65 6.87 -0.69
CA GLN A 42 -3.83 7.77 0.12
C GLN A 42 -3.80 7.37 1.59
N SER A 43 -4.91 6.90 2.10
CA SER A 43 -5.03 6.63 3.54
C SER A 43 -4.34 5.33 3.91
N SER A 44 -3.95 4.56 2.90
CA SER A 44 -3.27 3.30 3.14
C SER A 44 -1.79 3.41 2.81
N ILE A 45 -1.33 4.63 2.55
CA ILE A 45 0.07 4.84 2.19
C ILE A 45 0.90 5.06 3.45
N ARG A 46 2.13 4.53 3.41
CA ARG A 46 3.02 4.46 4.57
C ARG A 46 3.26 5.81 5.22
N SER A 47 3.18 6.85 4.43
CA SER A 47 3.56 8.17 4.88
C SER A 47 2.38 8.90 5.48
N GLU A 48 2.54 9.31 6.72
CA GLU A 48 1.51 10.06 7.43
C GLU A 48 1.62 11.55 7.12
N GLY A 49 2.68 11.93 6.43
CA GLY A 49 2.83 13.31 6.01
C GLY A 49 2.30 13.50 4.61
N PHE A 50 3.19 13.48 3.64
CA PHE A 50 2.78 13.52 2.24
C PHE A 50 2.60 12.09 1.73
N ARG A 51 1.45 11.82 1.14
CA ARG A 51 1.11 10.48 0.71
C ARG A 51 1.01 10.42 -0.80
N SER A 52 0.10 9.60 -1.29
CA SER A 52 -0.16 9.44 -2.72
C SER A 52 0.93 8.63 -3.42
N LEU A 53 0.49 7.74 -4.30
CA LEU A 53 1.37 6.83 -5.01
C LEU A 53 1.50 7.24 -6.46
N ALA A 54 2.58 6.83 -7.09
CA ALA A 54 2.76 7.00 -8.51
C ALA A 54 2.30 5.74 -9.23
N ALA A 55 1.52 5.95 -10.27
CA ALA A 55 0.79 4.91 -10.97
C ALA A 55 1.63 3.70 -11.34
N GLU A 56 2.80 3.92 -11.92
CA GLU A 56 3.65 2.81 -12.37
C GLU A 56 4.66 2.37 -11.31
N GLU A 57 4.61 2.99 -10.15
CA GLU A 57 5.67 2.85 -9.16
C GLU A 57 5.69 1.47 -8.53
N ALA A 58 6.88 0.95 -8.29
CA ALA A 58 7.02 -0.30 -7.57
C ALA A 58 6.95 -0.01 -6.07
N VAL A 59 6.45 -0.96 -5.29
CA VAL A 59 6.14 -0.71 -3.90
C VAL A 59 6.29 -1.95 -3.04
N GLU A 60 6.32 -1.72 -1.74
CA GLU A 60 6.33 -2.79 -0.75
C GLU A 60 5.28 -2.45 0.30
N PHE A 61 4.51 -3.43 0.70
CA PHE A 61 3.31 -3.19 1.47
C PHE A 61 2.92 -4.39 2.29
N GLU A 62 1.88 -4.23 3.08
CA GLU A 62 1.28 -5.32 3.80
C GLU A 62 -0.08 -5.59 3.19
N VAL A 63 -0.60 -6.78 3.42
CA VAL A 63 -1.92 -7.12 2.91
C VAL A 63 -2.94 -7.13 4.02
N GLU A 64 -4.04 -6.43 3.79
CA GLU A 64 -5.15 -6.40 4.72
C GLU A 64 -6.46 -6.52 3.96
N ILE A 65 -7.27 -7.50 4.29
CA ILE A 65 -8.56 -7.65 3.66
C ILE A 65 -9.57 -6.72 4.29
N ASP A 66 -10.09 -5.81 3.48
CA ASP A 66 -10.99 -4.77 3.95
C ASP A 66 -12.37 -5.36 4.23
N ASN A 67 -13.27 -4.59 4.83
CA ASN A 67 -14.60 -5.09 5.20
C ASN A 67 -15.44 -5.37 3.97
N ASN A 68 -14.89 -5.03 2.81
CA ASN A 68 -15.53 -5.28 1.54
C ASN A 68 -15.14 -6.67 1.03
N ASN A 69 -14.29 -7.34 1.82
CA ASN A 69 -13.77 -8.68 1.50
C ASN A 69 -12.82 -8.63 0.32
N ARG A 70 -12.38 -7.43 -0.01
CA ARG A 70 -11.36 -7.24 -1.00
C ARG A 70 -10.02 -7.00 -0.30
N PRO A 71 -8.99 -7.79 -0.63
CA PRO A 71 -7.67 -7.59 -0.06
C PRO A 71 -7.04 -6.33 -0.60
N LYS A 72 -6.56 -5.50 0.31
CA LYS A 72 -6.02 -4.22 -0.07
C LYS A 72 -4.60 -4.09 0.44
N ALA A 73 -3.82 -3.28 -0.24
CA ALA A 73 -2.43 -3.08 0.13
C ALA A 73 -2.28 -1.82 0.96
N ILE A 74 -1.61 -1.96 2.09
CA ILE A 74 -1.45 -0.83 3.01
C ILE A 74 -0.01 -0.72 3.47
N ASP A 75 0.30 0.41 4.09
CA ASP A 75 1.65 0.72 4.58
C ASP A 75 2.61 0.73 3.40
N VAL A 76 2.07 1.18 2.29
CA VAL A 76 2.77 1.12 1.03
C VAL A 76 4.00 2.00 1.01
N SER A 77 5.14 1.36 0.85
CA SER A 77 6.42 2.04 0.84
C SER A 77 7.15 1.67 -0.45
N GLY A 78 8.40 2.13 -0.63
CA GLY A 78 9.16 1.77 -1.81
C GLY A 78 9.34 0.27 -1.95
N PRO A 79 9.70 -0.23 -3.14
CA PRO A 79 9.88 -1.67 -3.39
C PRO A 79 10.81 -2.37 -2.39
N ASP A 80 11.84 -1.68 -1.94
CA ASP A 80 12.78 -2.25 -0.97
C ASP A 80 12.31 -1.93 0.44
N GLY A 81 11.25 -1.17 0.52
CA GLY A 81 10.74 -0.74 1.79
C GLY A 81 11.23 0.65 2.16
N ALA A 82 11.69 1.37 1.14
CA ALA A 82 12.19 2.73 1.33
C ALA A 82 11.08 3.66 1.81
N PRO A 83 11.19 4.15 3.07
CA PRO A 83 10.21 5.03 3.65
C PRO A 83 10.66 6.49 3.66
N VAL A 84 10.39 7.19 2.59
CA VAL A 84 10.70 8.61 2.54
C VAL A 84 9.52 9.41 3.05
N GLN A 85 9.74 10.66 3.41
CA GLN A 85 8.67 11.51 3.91
C GLN A 85 7.52 11.59 2.91
N GLY A 86 7.89 11.67 1.64
CA GLY A 86 6.91 11.74 0.58
C GLY A 86 6.59 10.38 -0.02
N ASN A 87 6.29 9.43 0.85
CA ASN A 87 5.95 8.06 0.46
C ASN A 87 7.12 7.36 -0.23
N SER A 88 7.27 7.60 -1.52
CA SER A 88 8.35 7.01 -2.31
C SER A 88 8.62 7.88 -3.53
N GLY A 89 8.15 9.11 -3.50
CA GLY A 89 8.28 9.99 -4.64
C GLY A 89 7.17 9.75 -5.65
N GLY A 90 5.94 9.99 -5.22
CA GLY A 90 4.80 9.75 -6.09
C GLY A 90 3.89 10.95 -6.19
N GLY A 91 4.36 12.09 -5.71
CA GLY A 91 3.55 13.30 -5.77
C GLY A 91 3.89 14.15 -6.97
N SER A 92 5.17 14.27 -7.27
CA SER A 92 5.63 15.06 -8.40
C SER A 92 6.89 14.43 -8.97
N GLY A 1 -5.33 -14.27 14.04
CA GLY A 1 -4.53 -15.46 14.42
C GLY A 1 -3.04 -15.20 14.31
N HIS A 2 -2.27 -15.85 15.17
CA HIS A 2 -0.81 -15.72 15.13
C HIS A 2 -0.22 -16.64 14.07
N MET A 3 0.26 -16.04 13.00
CA MET A 3 0.83 -16.79 11.89
C MET A 3 2.32 -16.55 11.80
N SER A 4 3.02 -17.41 11.06
CA SER A 4 4.45 -17.27 10.88
C SER A 4 4.75 -16.39 9.67
N GLY A 5 4.67 -15.07 9.85
CA GLY A 5 4.92 -14.17 8.75
C GLY A 5 5.18 -12.74 9.19
N ASP A 6 6.45 -12.33 9.12
CA ASP A 6 6.88 -10.94 9.35
C ASP A 6 6.65 -10.48 10.80
N ASN A 7 5.41 -10.20 11.14
CA ASN A 7 5.09 -9.68 12.47
C ASN A 7 4.27 -10.68 13.27
N GLY A 8 3.78 -11.71 12.60
CA GLY A 8 3.02 -12.75 13.28
C GLY A 8 1.53 -12.56 13.19
N GLY A 9 1.09 -11.57 12.43
CA GLY A 9 -0.33 -11.32 12.29
C GLY A 9 -0.71 -10.86 10.90
N GLY A 10 -0.13 -9.75 10.48
CA GLY A 10 -0.44 -9.21 9.17
C GLY A 10 0.55 -9.68 8.12
N GLU A 11 0.02 -10.06 6.97
CA GLU A 11 0.84 -10.53 5.86
C GLU A 11 1.40 -9.35 5.08
N ARG A 12 2.66 -9.43 4.67
CA ARG A 12 3.27 -8.38 3.88
C ARG A 12 3.59 -8.88 2.48
N ARG A 13 3.56 -7.98 1.52
CA ARG A 13 3.79 -8.33 0.13
C ARG A 13 4.45 -7.16 -0.60
N LYS A 14 4.83 -7.40 -1.85
CA LYS A 14 5.46 -6.39 -2.68
C LYS A 14 4.75 -6.37 -4.00
N GLY A 15 4.91 -5.29 -4.75
CA GLY A 15 4.29 -5.22 -6.06
C GLY A 15 4.66 -4.02 -6.83
N SER A 16 3.85 -3.74 -7.83
CA SER A 16 4.01 -2.58 -8.65
C SER A 16 2.66 -1.95 -8.87
N VAL A 17 2.59 -0.66 -8.60
CA VAL A 17 1.37 0.09 -8.67
C VAL A 17 0.77 -0.01 -10.06
N LYS A 18 -0.52 -0.23 -10.10
CA LYS A 18 -1.26 -0.23 -11.33
C LYS A 18 -1.68 1.20 -11.65
N TRP A 19 -2.14 1.90 -10.62
CA TRP A 19 -2.37 3.34 -10.71
C TRP A 19 -2.86 3.88 -9.37
N PHE A 20 -2.38 5.06 -9.05
CA PHE A 20 -2.88 5.82 -7.91
C PHE A 20 -3.68 7.00 -8.43
N ASP A 21 -4.99 6.92 -8.32
CA ASP A 21 -5.84 7.98 -8.83
C ASP A 21 -6.63 8.62 -7.70
N THR A 22 -6.29 9.83 -7.36
CA THR A 22 -6.97 10.56 -6.30
C THR A 22 -8.30 11.12 -6.79
N GLN A 23 -8.48 11.13 -8.10
CA GLN A 23 -9.70 11.62 -8.71
C GLN A 23 -10.78 10.55 -8.67
N LYS A 24 -10.39 9.33 -9.01
CA LYS A 24 -11.26 8.17 -8.89
C LYS A 24 -11.47 7.85 -7.44
N GLY A 25 -10.46 8.19 -6.67
CA GLY A 25 -10.50 8.00 -5.24
C GLY A 25 -10.06 6.63 -4.82
N PHE A 26 -9.43 5.93 -5.75
CA PHE A 26 -8.90 4.61 -5.46
C PHE A 26 -7.73 4.27 -6.37
N GLY A 27 -6.91 3.33 -5.93
CA GLY A 27 -5.81 2.86 -6.73
C GLY A 27 -5.61 1.38 -6.54
N PHE A 28 -4.72 0.79 -7.31
CA PHE A 28 -4.46 -0.64 -7.20
C PHE A 28 -2.99 -0.94 -7.39
N ILE A 29 -2.54 -1.98 -6.71
CA ILE A 29 -1.18 -2.47 -6.84
C ILE A 29 -1.19 -3.90 -7.35
N THR A 30 -0.34 -4.19 -8.32
CA THR A 30 -0.15 -5.56 -8.76
C THR A 30 0.98 -6.19 -7.96
N PRO A 31 0.67 -7.10 -7.02
CA PRO A 31 1.67 -7.68 -6.14
C PRO A 31 2.64 -8.62 -6.87
N ASP A 32 3.93 -8.31 -6.73
CA ASP A 32 5.00 -9.10 -7.31
C ASP A 32 5.18 -10.39 -6.52
N ASP A 33 4.65 -10.38 -5.30
CA ASP A 33 4.82 -11.51 -4.37
C ASP A 33 3.71 -12.53 -4.59
N GLY A 34 3.03 -12.38 -5.73
CA GLY A 34 1.95 -13.29 -6.07
C GLY A 34 0.60 -12.73 -5.70
N GLY A 35 -0.45 -13.36 -6.17
CA GLY A 35 -1.80 -12.88 -5.89
C GLY A 35 -2.31 -11.98 -6.98
N ASP A 36 -3.34 -11.20 -6.66
CA ASP A 36 -3.96 -10.30 -7.62
C ASP A 36 -3.95 -8.87 -7.09
N ASP A 37 -4.29 -7.93 -7.96
CA ASP A 37 -4.18 -6.50 -7.65
C ASP A 37 -4.96 -6.11 -6.39
N LEU A 38 -4.34 -5.24 -5.61
CA LEU A 38 -4.84 -4.83 -4.32
C LEU A 38 -5.08 -3.33 -4.28
N PHE A 39 -6.17 -2.94 -3.65
CA PHE A 39 -6.58 -1.54 -3.56
C PHE A 39 -5.65 -0.72 -2.67
N VAL A 40 -5.25 0.44 -3.18
CA VAL A 40 -4.44 1.39 -2.43
C VAL A 40 -4.86 2.82 -2.70
N HIS A 41 -4.98 3.59 -1.64
CA HIS A 41 -5.20 5.01 -1.78
C HIS A 41 -4.47 5.77 -0.70
N GLN A 42 -4.68 7.07 -0.64
CA GLN A 42 -3.97 7.95 0.28
C GLN A 42 -3.89 7.37 1.69
N SER A 43 -5.02 6.88 2.18
CA SER A 43 -5.08 6.34 3.53
C SER A 43 -4.29 5.04 3.66
N SER A 44 -3.89 4.48 2.53
CA SER A 44 -3.18 3.21 2.53
C SER A 44 -1.67 3.42 2.38
N ILE A 45 -1.24 4.67 2.31
CA ILE A 45 0.18 4.94 2.11
C ILE A 45 0.86 5.04 3.47
N ARG A 46 2.10 4.53 3.52
CA ARG A 46 2.88 4.41 4.76
C ARG A 46 3.20 5.76 5.38
N SER A 47 2.97 6.82 4.61
CA SER A 47 3.27 8.16 5.01
C SER A 47 2.41 8.60 6.21
N GLU A 48 3.07 9.25 7.15
CA GLU A 48 2.39 9.83 8.29
C GLU A 48 1.93 11.25 7.97
N GLY A 49 2.45 11.81 6.87
CA GLY A 49 2.08 13.15 6.48
C GLY A 49 1.48 13.21 5.10
N PHE A 50 2.32 13.50 4.10
CA PHE A 50 1.85 13.59 2.72
C PHE A 50 1.70 12.18 2.15
N ARG A 51 0.48 11.82 1.78
CA ARG A 51 0.19 10.47 1.35
C ARG A 51 -0.21 10.43 -0.11
N SER A 52 0.70 9.97 -0.95
CA SER A 52 0.44 9.83 -2.37
C SER A 52 1.31 8.74 -2.93
N LEU A 53 0.84 8.09 -3.99
CA LEU A 53 1.58 7.01 -4.60
C LEU A 53 1.74 7.31 -6.09
N ALA A 54 2.69 6.64 -6.71
CA ALA A 54 2.94 6.82 -8.12
C ALA A 54 2.48 5.61 -8.91
N ALA A 55 1.71 5.90 -9.94
CA ALA A 55 1.00 4.91 -10.74
C ALA A 55 1.88 3.77 -11.24
N GLU A 56 3.04 4.10 -11.78
CA GLU A 56 3.93 3.09 -12.37
C GLU A 56 4.96 2.55 -11.38
N GLU A 57 4.87 2.99 -10.14
CA GLU A 57 5.91 2.73 -9.15
C GLU A 57 5.86 1.30 -8.64
N ALA A 58 7.01 0.76 -8.26
CA ALA A 58 7.07 -0.51 -7.57
C ALA A 58 7.01 -0.25 -6.07
N VAL A 59 6.47 -1.18 -5.30
CA VAL A 59 6.14 -0.89 -3.91
C VAL A 59 6.25 -2.09 -2.99
N GLU A 60 6.37 -1.80 -1.69
CA GLU A 60 6.29 -2.81 -0.65
C GLU A 60 5.18 -2.39 0.30
N PHE A 61 4.39 -3.34 0.73
CA PHE A 61 3.19 -3.04 1.50
C PHE A 61 2.78 -4.20 2.38
N GLU A 62 1.76 -3.95 3.16
CA GLU A 62 1.15 -4.98 3.97
C GLU A 62 -0.21 -5.28 3.38
N VAL A 63 -0.68 -6.48 3.58
CA VAL A 63 -1.97 -6.88 3.08
C VAL A 63 -3.01 -6.76 4.18
N GLU A 64 -4.09 -6.10 3.85
CA GLU A 64 -5.20 -5.94 4.76
C GLU A 64 -6.47 -6.35 4.04
N ILE A 65 -7.30 -7.15 4.66
CA ILE A 65 -8.50 -7.58 3.99
C ILE A 65 -9.71 -6.80 4.48
N ASP A 66 -10.36 -6.15 3.53
CA ASP A 66 -11.53 -5.33 3.77
C ASP A 66 -12.70 -6.19 4.22
N ASN A 67 -13.68 -5.56 4.87
CA ASN A 67 -14.81 -6.27 5.48
C ASN A 67 -15.69 -6.96 4.44
N ASN A 68 -15.45 -6.66 3.18
CA ASN A 68 -16.18 -7.28 2.09
C ASN A 68 -15.32 -8.41 1.50
N ASN A 69 -14.33 -8.82 2.29
CA ASN A 69 -13.40 -9.90 1.93
C ASN A 69 -12.57 -9.51 0.72
N ARG A 70 -12.40 -8.22 0.53
CA ARG A 70 -11.58 -7.72 -0.57
C ARG A 70 -10.22 -7.30 -0.03
N PRO A 71 -9.15 -8.01 -0.39
CA PRO A 71 -7.82 -7.67 0.10
C PRO A 71 -7.29 -6.39 -0.52
N LYS A 72 -6.69 -5.58 0.31
CA LYS A 72 -6.17 -4.29 -0.09
C LYS A 72 -4.74 -4.15 0.41
N ALA A 73 -3.99 -3.28 -0.22
CA ALA A 73 -2.61 -3.06 0.19
C ALA A 73 -2.51 -1.78 1.00
N ILE A 74 -1.71 -1.83 2.04
CA ILE A 74 -1.57 -0.72 2.96
C ILE A 74 -0.12 -0.53 3.36
N ASP A 75 0.16 0.61 4.00
CA ASP A 75 1.51 0.95 4.46
C ASP A 75 2.47 0.88 3.30
N VAL A 76 1.99 1.36 2.17
CA VAL A 76 2.70 1.31 0.91
C VAL A 76 4.00 2.11 0.97
N SER A 77 5.07 1.47 0.56
CA SER A 77 6.39 2.09 0.52
C SER A 77 7.10 1.64 -0.75
N GLY A 78 8.35 2.06 -0.97
CA GLY A 78 9.10 1.55 -2.11
C GLY A 78 9.30 0.05 -2.03
N PRO A 79 9.70 -0.62 -3.12
CA PRO A 79 9.88 -2.09 -3.13
C PRO A 79 10.88 -2.58 -2.08
N ASP A 80 11.81 -1.71 -1.69
CA ASP A 80 12.80 -2.05 -0.68
C ASP A 80 12.24 -1.80 0.71
N GLY A 81 11.05 -1.22 0.75
CA GLY A 81 10.44 -0.80 2.00
C GLY A 81 10.82 0.63 2.30
N ALA A 82 11.40 1.28 1.30
CA ALA A 82 11.88 2.63 1.42
C ALA A 82 10.72 3.61 1.61
N PRO A 83 10.83 4.49 2.61
CA PRO A 83 9.82 5.51 2.85
C PRO A 83 9.88 6.59 1.78
N VAL A 84 8.70 7.03 1.36
CA VAL A 84 8.59 8.05 0.33
C VAL A 84 8.97 9.41 0.90
N GLN A 85 9.24 10.37 0.03
CA GLN A 85 9.69 11.69 0.47
C GLN A 85 8.77 12.26 1.56
N GLY A 86 7.49 12.01 1.41
CA GLY A 86 6.51 12.50 2.36
C GLY A 86 6.04 11.46 3.35
N ASN A 87 6.88 10.45 3.61
CA ASN A 87 6.49 9.35 4.48
C ASN A 87 6.50 9.82 5.94
N SER A 88 7.41 10.72 6.26
CA SER A 88 7.45 11.28 7.60
C SER A 88 6.26 12.23 7.81
N GLY A 89 5.88 12.48 9.06
CA GLY A 89 4.74 13.31 9.32
C GLY A 89 4.95 14.25 10.48
N GLY A 90 3.93 14.40 11.30
CA GLY A 90 4.00 15.32 12.42
C GLY A 90 2.87 16.34 12.37
N GLY A 91 1.69 15.91 12.76
CA GLY A 91 0.53 16.78 12.71
C GLY A 91 -0.76 15.99 12.67
N SER A 92 -0.70 14.79 12.15
CA SER A 92 -1.87 13.93 12.07
C SER A 92 -1.64 12.67 12.90
N GLY A 1 -8.55 -7.14 14.31
CA GLY A 1 -8.58 -8.39 15.10
C GLY A 1 -7.36 -8.53 15.99
N HIS A 2 -7.26 -9.65 16.69
CA HIS A 2 -6.16 -9.88 17.62
C HIS A 2 -4.87 -10.27 16.89
N MET A 3 -4.83 -10.00 15.61
CA MET A 3 -3.64 -10.19 14.81
C MET A 3 -3.32 -8.92 14.04
N SER A 4 -4.07 -7.87 14.32
CA SER A 4 -3.97 -6.63 13.57
C SER A 4 -3.18 -5.58 14.34
N GLY A 5 -3.04 -5.78 15.65
CA GLY A 5 -2.43 -4.78 16.49
C GLY A 5 -0.99 -5.10 16.83
N ASP A 6 -0.27 -5.63 15.87
CA ASP A 6 1.15 -5.92 16.03
C ASP A 6 2.00 -4.79 15.44
N ASN A 7 2.13 -4.77 14.14
CA ASN A 7 2.85 -3.71 13.46
C ASN A 7 1.87 -2.73 12.83
N GLY A 8 0.60 -3.13 12.77
CA GLY A 8 -0.43 -2.24 12.26
C GLY A 8 -0.80 -2.52 10.82
N GLY A 9 -0.25 -3.60 10.27
CA GLY A 9 -0.53 -3.95 8.90
C GLY A 9 -1.07 -5.35 8.76
N GLY A 10 -0.24 -6.25 8.26
CA GLY A 10 -0.66 -7.63 8.07
C GLY A 10 0.42 -8.45 7.39
N GLU A 11 0.01 -9.23 6.41
CA GLU A 11 0.97 -10.04 5.65
C GLU A 11 1.68 -9.16 4.64
N ARG A 12 3.00 -9.15 4.69
CA ARG A 12 3.76 -8.28 3.79
C ARG A 12 3.95 -8.91 2.42
N ARG A 13 3.81 -8.07 1.42
CA ARG A 13 3.92 -8.46 0.03
C ARG A 13 4.66 -7.36 -0.71
N LYS A 14 4.94 -7.58 -1.99
CA LYS A 14 5.64 -6.58 -2.79
C LYS A 14 4.98 -6.51 -4.14
N GLY A 15 5.11 -5.38 -4.79
CA GLY A 15 4.54 -5.23 -6.11
C GLY A 15 4.83 -3.92 -6.76
N SER A 16 3.97 -3.54 -7.66
CA SER A 16 4.04 -2.27 -8.33
C SER A 16 2.64 -1.77 -8.60
N VAL A 17 2.45 -0.50 -8.36
CA VAL A 17 1.15 0.14 -8.48
C VAL A 17 0.57 -0.08 -9.87
N LYS A 18 -0.70 -0.43 -9.89
CA LYS A 18 -1.44 -0.60 -11.12
C LYS A 18 -1.95 0.77 -11.57
N TRP A 19 -2.43 1.53 -10.60
CA TRP A 19 -2.73 2.95 -10.79
C TRP A 19 -3.23 3.56 -9.48
N PHE A 20 -2.84 4.80 -9.23
CA PHE A 20 -3.27 5.54 -8.06
C PHE A 20 -4.14 6.71 -8.50
N ASP A 21 -5.44 6.60 -8.26
CA ASP A 21 -6.37 7.63 -8.69
C ASP A 21 -7.08 8.24 -7.49
N THR A 22 -6.82 9.51 -7.23
CA THR A 22 -7.45 10.21 -6.12
C THR A 22 -8.84 10.72 -6.52
N GLN A 23 -9.13 10.69 -7.81
CA GLN A 23 -10.43 11.11 -8.31
C GLN A 23 -11.43 9.97 -8.15
N LYS A 24 -11.01 8.79 -8.56
CA LYS A 24 -11.80 7.58 -8.38
C LYS A 24 -11.90 7.28 -6.90
N GLY A 25 -10.85 7.66 -6.20
CA GLY A 25 -10.80 7.50 -4.77
C GLY A 25 -10.25 6.16 -4.38
N PHE A 26 -9.70 5.46 -5.35
CA PHE A 26 -9.10 4.17 -5.10
C PHE A 26 -8.01 3.84 -6.12
N GLY A 27 -7.09 2.99 -5.72
CA GLY A 27 -6.04 2.54 -6.59
C GLY A 27 -5.78 1.07 -6.41
N PHE A 28 -4.87 0.52 -7.17
CA PHE A 28 -4.53 -0.89 -7.04
C PHE A 28 -3.03 -1.10 -7.15
N ILE A 29 -2.56 -2.12 -6.46
CA ILE A 29 -1.17 -2.53 -6.55
C ILE A 29 -1.07 -3.95 -7.08
N THR A 30 -0.23 -4.14 -8.08
CA THR A 30 0.01 -5.46 -8.63
C THR A 30 1.18 -6.12 -7.91
N PRO A 31 0.91 -7.14 -7.07
CA PRO A 31 1.96 -7.78 -6.30
C PRO A 31 2.92 -8.60 -7.17
N ASP A 32 4.20 -8.30 -7.02
CA ASP A 32 5.27 -9.03 -7.72
C ASP A 32 5.46 -10.40 -7.09
N ASP A 33 4.87 -10.55 -5.91
CA ASP A 33 5.02 -11.78 -5.13
C ASP A 33 3.85 -12.71 -5.42
N GLY A 34 3.15 -12.41 -6.50
CA GLY A 34 2.02 -13.22 -6.91
C GLY A 34 0.76 -12.88 -6.13
N GLY A 35 -0.40 -13.03 -6.77
CA GLY A 35 -1.65 -12.78 -6.10
C GLY A 35 -2.59 -11.92 -6.93
N ASP A 36 -3.41 -11.15 -6.25
CA ASP A 36 -4.37 -10.27 -6.92
C ASP A 36 -3.99 -8.82 -6.65
N ASP A 37 -4.40 -7.92 -7.54
CA ASP A 37 -4.15 -6.50 -7.34
C ASP A 37 -4.84 -6.04 -6.07
N LEU A 38 -4.10 -5.36 -5.23
CA LEU A 38 -4.63 -4.91 -3.94
C LEU A 38 -5.01 -3.44 -4.00
N PHE A 39 -6.19 -3.13 -3.48
CA PHE A 39 -6.68 -1.76 -3.42
C PHE A 39 -5.79 -0.90 -2.53
N VAL A 40 -5.33 0.21 -3.06
CA VAL A 40 -4.50 1.12 -2.32
C VAL A 40 -4.93 2.56 -2.52
N HIS A 41 -4.97 3.32 -1.45
CA HIS A 41 -5.22 4.75 -1.57
C HIS A 41 -4.42 5.53 -0.54
N GLN A 42 -4.60 6.84 -0.55
CA GLN A 42 -3.77 7.75 0.24
C GLN A 42 -3.65 7.29 1.70
N SER A 43 -4.72 6.73 2.25
CA SER A 43 -4.74 6.35 3.65
C SER A 43 -3.91 5.10 3.91
N SER A 44 -3.47 4.46 2.84
CA SER A 44 -2.72 3.22 2.96
C SER A 44 -1.24 3.44 2.66
N ILE A 45 -0.84 4.68 2.50
CA ILE A 45 0.53 4.99 2.11
C ILE A 45 1.42 5.17 3.34
N ARG A 46 2.68 4.72 3.18
CA ARG A 46 3.67 4.69 4.27
C ARG A 46 3.82 6.04 4.97
N SER A 47 3.39 7.09 4.30
CA SER A 47 3.58 8.43 4.77
C SER A 47 2.59 8.76 5.89
N GLU A 48 3.11 9.33 6.95
CA GLU A 48 2.31 9.74 8.09
C GLU A 48 1.64 11.08 7.83
N GLY A 49 2.23 11.87 6.95
CA GLY A 49 1.68 13.17 6.62
C GLY A 49 1.00 13.16 5.26
N PHE A 50 1.61 13.82 4.29
CA PHE A 50 1.09 13.84 2.92
C PHE A 50 1.26 12.47 2.28
N ARG A 51 0.20 11.97 1.64
CA ARG A 51 0.19 10.62 1.14
C ARG A 51 -0.32 10.58 -0.30
N SER A 52 0.51 10.06 -1.19
CA SER A 52 0.14 9.86 -2.57
C SER A 52 1.07 8.84 -3.22
N LEU A 53 0.59 8.20 -4.27
CA LEU A 53 1.37 7.20 -4.98
C LEU A 53 1.48 7.54 -6.45
N ALA A 54 2.54 7.06 -7.05
CA ALA A 54 2.67 7.11 -8.49
C ALA A 54 2.16 5.81 -9.08
N ALA A 55 1.44 5.93 -10.18
CA ALA A 55 0.82 4.80 -10.86
C ALA A 55 1.83 3.71 -11.21
N GLU A 56 3.04 4.11 -11.56
CA GLU A 56 4.08 3.17 -11.96
C GLU A 56 4.94 2.71 -10.78
N GLU A 57 4.62 3.20 -9.59
CA GLU A 57 5.49 3.04 -8.43
C GLU A 57 5.62 1.58 -8.03
N ALA A 58 6.82 1.13 -7.74
CA ALA A 58 7.02 -0.19 -7.17
C ALA A 58 6.94 -0.09 -5.66
N VAL A 59 6.48 -1.14 -4.99
CA VAL A 59 6.11 -1.02 -3.60
C VAL A 59 6.33 -2.31 -2.80
N GLU A 60 6.66 -2.11 -1.52
CA GLU A 60 6.53 -3.16 -0.53
C GLU A 60 5.41 -2.74 0.40
N PHE A 61 4.52 -3.65 0.71
CA PHE A 61 3.29 -3.33 1.40
C PHE A 61 2.82 -4.50 2.21
N GLU A 62 1.74 -4.30 2.94
CA GLU A 62 1.09 -5.38 3.63
C GLU A 62 -0.33 -5.51 3.12
N VAL A 63 -0.86 -6.70 3.23
CA VAL A 63 -2.22 -6.97 2.77
C VAL A 63 -3.21 -6.88 3.93
N GLU A 64 -4.29 -6.16 3.69
CA GLU A 64 -5.40 -6.08 4.62
C GLU A 64 -6.69 -6.26 3.84
N ILE A 65 -7.61 -7.05 4.34
CA ILE A 65 -8.83 -7.29 3.59
C ILE A 65 -9.96 -6.40 4.05
N ASP A 66 -10.50 -5.65 3.10
CA ASP A 66 -11.62 -4.75 3.33
C ASP A 66 -12.90 -5.57 3.49
N ASN A 67 -13.93 -4.97 4.09
CA ASN A 67 -15.15 -5.69 4.46
C ASN A 67 -15.97 -6.09 3.23
N ASN A 68 -15.48 -5.72 2.06
CA ASN A 68 -16.11 -6.13 0.81
C ASN A 68 -15.42 -7.40 0.29
N ASN A 69 -14.55 -7.94 1.14
CA ASN A 69 -13.72 -9.10 0.80
C ASN A 69 -12.75 -8.77 -0.31
N ARG A 70 -12.47 -7.49 -0.46
CA ARG A 70 -11.48 -7.02 -1.40
C ARG A 70 -10.19 -6.74 -0.65
N PRO A 71 -9.13 -7.53 -0.88
CA PRO A 71 -7.87 -7.31 -0.21
C PRO A 71 -7.19 -6.05 -0.71
N LYS A 72 -6.65 -5.30 0.22
CA LYS A 72 -6.07 -4.01 -0.08
C LYS A 72 -4.65 -3.95 0.42
N ALA A 73 -3.87 -3.08 -0.20
CA ALA A 73 -2.47 -2.93 0.15
C ALA A 73 -2.27 -1.68 0.98
N ILE A 74 -1.59 -1.83 2.10
CA ILE A 74 -1.33 -0.71 2.98
C ILE A 74 0.13 -0.70 3.39
N ASP A 75 0.55 0.39 4.00
CA ASP A 75 1.94 0.60 4.41
C ASP A 75 2.82 0.60 3.18
N VAL A 76 2.25 1.15 2.13
CA VAL A 76 2.88 1.16 0.82
C VAL A 76 4.17 1.93 0.85
N SER A 77 5.25 1.24 0.58
CA SER A 77 6.59 1.84 0.58
C SER A 77 7.31 1.35 -0.66
N GLY A 78 8.57 1.73 -0.83
CA GLY A 78 9.34 1.19 -1.93
C GLY A 78 9.50 -0.33 -1.80
N PRO A 79 9.82 -1.03 -2.90
CA PRO A 79 9.98 -2.49 -2.92
C PRO A 79 10.92 -3.03 -1.83
N ASP A 80 11.85 -2.20 -1.36
CA ASP A 80 12.77 -2.61 -0.31
C ASP A 80 12.22 -2.27 1.07
N GLY A 81 11.11 -1.57 1.09
CA GLY A 81 10.55 -1.12 2.35
C GLY A 81 11.02 0.27 2.71
N ALA A 82 11.60 0.94 1.72
CA ALA A 82 12.10 2.29 1.89
C ALA A 82 10.98 3.30 1.66
N PRO A 83 10.96 4.40 2.42
CA PRO A 83 9.95 5.45 2.26
C PRO A 83 10.40 6.57 1.32
N VAL A 84 9.43 7.34 0.87
CA VAL A 84 9.68 8.49 0.02
C VAL A 84 10.03 9.70 0.88
N GLN A 85 10.61 10.72 0.27
CA GLN A 85 10.93 11.95 1.00
C GLN A 85 9.69 12.49 1.70
N GLY A 86 8.56 12.41 1.02
CA GLY A 86 7.30 12.84 1.60
C GLY A 86 6.69 11.76 2.47
N ASN A 87 7.50 11.20 3.37
CA ASN A 87 7.05 10.16 4.29
C ASN A 87 6.40 10.78 5.53
N SER A 88 6.92 11.93 5.92
CA SER A 88 6.35 12.66 7.06
C SER A 88 6.83 14.10 7.03
N GLY A 89 8.13 14.28 6.90
CA GLY A 89 8.69 15.62 6.83
C GLY A 89 10.18 15.63 7.10
N GLY A 90 10.90 14.72 6.47
CA GLY A 90 12.33 14.64 6.66
C GLY A 90 13.08 14.50 5.35
N GLY A 91 14.33 14.91 5.35
CA GLY A 91 15.13 14.83 4.15
C GLY A 91 16.07 13.64 4.16
N SER A 92 17.08 13.68 5.00
CA SER A 92 18.06 12.62 5.07
C SER A 92 18.67 12.57 6.47
N GLY A 1 -0.62 -12.05 27.90
CA GLY A 1 -1.03 -13.44 28.13
C GLY A 1 -0.75 -14.33 26.93
N HIS A 2 -1.80 -14.68 26.19
CA HIS A 2 -1.67 -15.59 25.07
C HIS A 2 -2.21 -14.94 23.80
N MET A 3 -1.76 -13.73 23.53
CA MET A 3 -2.15 -13.01 22.33
C MET A 3 -0.92 -12.51 21.59
N SER A 4 -1.02 -12.41 20.27
CA SER A 4 0.07 -11.93 19.45
C SER A 4 -0.48 -11.39 18.13
N GLY A 5 0.41 -10.95 17.26
CA GLY A 5 -0.01 -10.40 15.98
C GLY A 5 0.84 -9.21 15.56
N ASP A 6 1.20 -8.39 16.55
CA ASP A 6 2.01 -7.18 16.34
C ASP A 6 1.23 -6.14 15.53
N ASN A 7 1.10 -6.37 14.24
CA ASN A 7 0.42 -5.44 13.36
C ASN A 7 -1.04 -5.85 13.17
N GLY A 8 -1.45 -6.86 13.92
CA GLY A 8 -2.82 -7.33 13.84
C GLY A 8 -2.95 -8.56 12.97
N GLY A 9 -1.81 -9.06 12.50
CA GLY A 9 -1.83 -10.22 11.64
C GLY A 9 -1.90 -9.83 10.19
N GLY A 10 -1.02 -8.93 9.79
CA GLY A 10 -0.98 -8.50 8.41
C GLY A 10 0.19 -9.09 7.68
N GLU A 11 -0.10 -9.79 6.59
CA GLU A 11 0.92 -10.39 5.77
C GLU A 11 1.64 -9.30 4.97
N ARG A 12 2.95 -9.39 4.85
CA ARG A 12 3.71 -8.37 4.16
C ARG A 12 4.08 -8.84 2.76
N ARG A 13 3.88 -7.97 1.78
CA ARG A 13 4.08 -8.33 0.38
C ARG A 13 4.65 -7.14 -0.39
N LYS A 14 4.96 -7.36 -1.66
CA LYS A 14 5.59 -6.34 -2.49
C LYS A 14 4.93 -6.35 -3.85
N GLY A 15 5.08 -5.26 -4.58
CA GLY A 15 4.50 -5.20 -5.91
C GLY A 15 4.79 -3.90 -6.61
N SER A 16 3.93 -3.57 -7.54
CA SER A 16 4.04 -2.34 -8.27
C SER A 16 2.66 -1.77 -8.50
N VAL A 17 2.55 -0.48 -8.33
CA VAL A 17 1.29 0.22 -8.48
C VAL A 17 0.72 -0.01 -9.86
N LYS A 18 -0.56 -0.30 -9.90
CA LYS A 18 -1.29 -0.48 -11.14
C LYS A 18 -1.81 0.88 -11.59
N TRP A 19 -2.32 1.66 -10.62
CA TRP A 19 -2.61 3.06 -10.80
C TRP A 19 -3.13 3.67 -9.50
N PHE A 20 -2.71 4.90 -9.24
CA PHE A 20 -3.19 5.66 -8.10
C PHE A 20 -4.01 6.84 -8.59
N ASP A 21 -5.31 6.76 -8.44
CA ASP A 21 -6.18 7.82 -8.94
C ASP A 21 -6.90 8.53 -7.82
N THR A 22 -6.64 9.82 -7.71
CA THR A 22 -7.28 10.64 -6.69
C THR A 22 -8.69 11.06 -7.10
N GLN A 23 -8.98 10.93 -8.39
CA GLN A 23 -10.29 11.30 -8.92
C GLN A 23 -11.29 10.18 -8.66
N LYS A 24 -10.84 8.97 -8.91
CA LYS A 24 -11.62 7.78 -8.61
C LYS A 24 -11.72 7.62 -7.12
N GLY A 25 -10.63 7.98 -6.46
CA GLY A 25 -10.54 7.88 -5.02
C GLY A 25 -10.06 6.52 -4.59
N PHE A 26 -9.57 5.76 -5.55
CA PHE A 26 -9.04 4.45 -5.27
C PHE A 26 -7.95 4.08 -6.27
N GLY A 27 -7.04 3.22 -5.84
CA GLY A 27 -5.98 2.76 -6.70
C GLY A 27 -5.73 1.30 -6.50
N PHE A 28 -4.82 0.73 -7.27
CA PHE A 28 -4.52 -0.68 -7.14
C PHE A 28 -3.03 -0.93 -7.25
N ILE A 29 -2.57 -1.94 -6.54
CA ILE A 29 -1.19 -2.38 -6.62
C ILE A 29 -1.15 -3.80 -7.13
N THR A 30 -0.31 -4.05 -8.11
CA THR A 30 -0.09 -5.39 -8.60
C THR A 30 1.01 -6.04 -7.78
N PRO A 31 0.66 -6.98 -6.89
CA PRO A 31 1.65 -7.62 -6.03
C PRO A 31 2.61 -8.51 -6.81
N ASP A 32 3.90 -8.31 -6.56
CA ASP A 32 4.97 -9.07 -7.21
C ASP A 32 4.93 -10.50 -6.71
N ASP A 33 4.24 -10.70 -5.61
CA ASP A 33 4.11 -12.00 -4.98
C ASP A 33 2.98 -12.81 -5.64
N GLY A 34 2.34 -12.20 -6.62
CA GLY A 34 1.26 -12.85 -7.32
C GLY A 34 -0.09 -12.55 -6.69
N GLY A 35 -1.14 -13.11 -7.25
CA GLY A 35 -2.47 -12.87 -6.71
C GLY A 35 -3.22 -11.82 -7.49
N ASP A 36 -4.11 -11.12 -6.81
CA ASP A 36 -4.91 -10.09 -7.44
C ASP A 36 -4.41 -8.71 -7.05
N ASP A 37 -4.78 -7.71 -7.84
CA ASP A 37 -4.38 -6.34 -7.58
C ASP A 37 -5.04 -5.83 -6.31
N LEU A 38 -4.23 -5.21 -5.46
CA LEU A 38 -4.66 -4.79 -4.14
C LEU A 38 -5.00 -3.30 -4.12
N PHE A 39 -6.16 -2.99 -3.59
CA PHE A 39 -6.64 -1.62 -3.51
C PHE A 39 -5.75 -0.77 -2.61
N VAL A 40 -5.33 0.37 -3.15
CA VAL A 40 -4.48 1.28 -2.42
C VAL A 40 -4.88 2.72 -2.68
N HIS A 41 -5.00 3.50 -1.61
CA HIS A 41 -5.20 4.93 -1.75
C HIS A 41 -4.50 5.68 -0.63
N GLN A 42 -4.63 7.01 -0.65
CA GLN A 42 -3.88 7.89 0.24
C GLN A 42 -3.91 7.43 1.69
N SER A 43 -5.04 6.94 2.14
CA SER A 43 -5.20 6.57 3.55
C SER A 43 -4.41 5.31 3.88
N SER A 44 -3.98 4.59 2.86
CA SER A 44 -3.30 3.33 3.05
C SER A 44 -1.81 3.44 2.76
N ILE A 45 -1.31 4.66 2.60
CA ILE A 45 0.11 4.86 2.33
C ILE A 45 0.87 5.00 3.65
N ARG A 46 2.09 4.45 3.66
CA ARG A 46 2.90 4.34 4.89
C ARG A 46 3.26 5.70 5.47
N SER A 47 3.11 6.73 4.67
CA SER A 47 3.46 8.08 5.03
C SER A 47 2.53 8.64 6.11
N GLU A 48 3.14 9.36 7.03
CA GLU A 48 2.40 10.08 8.05
C GLU A 48 1.96 11.45 7.55
N GLY A 49 2.66 11.98 6.54
CA GLY A 49 2.33 13.28 6.02
C GLY A 49 1.72 13.20 4.64
N PHE A 50 2.53 13.37 3.61
CA PHE A 50 2.07 13.30 2.24
C PHE A 50 1.85 11.86 1.82
N ARG A 51 0.61 11.52 1.48
CA ARG A 51 0.25 10.15 1.16
C ARG A 51 -0.32 10.05 -0.24
N SER A 52 0.54 9.74 -1.20
CA SER A 52 0.13 9.57 -2.58
C SER A 52 1.16 8.74 -3.33
N LEU A 53 0.67 7.93 -4.25
CA LEU A 53 1.51 6.99 -4.97
C LEU A 53 1.58 7.33 -6.45
N ALA A 54 2.67 6.91 -7.07
CA ALA A 54 2.82 7.03 -8.50
C ALA A 54 2.39 5.75 -9.17
N ALA A 55 1.62 5.93 -10.24
CA ALA A 55 0.93 4.85 -10.93
C ALA A 55 1.83 3.68 -11.32
N GLU A 56 3.00 3.95 -11.85
CA GLU A 56 3.89 2.89 -12.32
C GLU A 56 4.88 2.44 -11.24
N GLU A 57 4.77 3.02 -10.06
CA GLU A 57 5.79 2.87 -9.04
C GLU A 57 5.80 1.48 -8.42
N ALA A 58 6.97 0.94 -8.17
CA ALA A 58 7.08 -0.31 -7.45
C ALA A 58 7.02 -0.03 -5.96
N VAL A 59 6.47 -0.95 -5.17
CA VAL A 59 6.14 -0.66 -3.79
C VAL A 59 6.26 -1.88 -2.89
N GLU A 60 6.34 -1.61 -1.60
CA GLU A 60 6.29 -2.62 -0.55
C GLU A 60 5.12 -2.27 0.34
N PHE A 61 4.42 -3.27 0.82
CA PHE A 61 3.18 -3.04 1.55
C PHE A 61 2.81 -4.24 2.39
N GLU A 62 1.76 -4.06 3.15
CA GLU A 62 1.16 -5.15 3.88
C GLU A 62 -0.17 -5.45 3.22
N VAL A 63 -0.62 -6.68 3.38
CA VAL A 63 -1.92 -7.07 2.87
C VAL A 63 -2.95 -6.99 3.98
N GLU A 64 -4.06 -6.39 3.66
CA GLU A 64 -5.18 -6.34 4.58
C GLU A 64 -6.46 -6.57 3.82
N ILE A 65 -7.24 -7.54 4.22
CA ILE A 65 -8.48 -7.82 3.53
C ILE A 65 -9.61 -6.98 4.11
N ASP A 66 -10.23 -6.22 3.23
CA ASP A 66 -11.30 -5.32 3.61
C ASP A 66 -12.58 -6.10 3.89
N ASN A 67 -13.57 -5.45 4.50
CA ASN A 67 -14.82 -6.13 4.88
C ASN A 67 -15.65 -6.48 3.65
N ASN A 68 -15.16 -6.07 2.49
CA ASN A 68 -15.79 -6.39 1.22
C ASN A 68 -15.06 -7.58 0.59
N ASN A 69 -14.32 -8.29 1.46
CA ASN A 69 -13.55 -9.50 1.15
C ASN A 69 -12.59 -9.31 -0.03
N ARG A 70 -12.27 -8.07 -0.35
CA ARG A 70 -11.21 -7.77 -1.29
C ARG A 70 -9.96 -7.35 -0.56
N PRO A 71 -8.81 -7.98 -0.84
CA PRO A 71 -7.56 -7.60 -0.21
C PRO A 71 -7.06 -6.26 -0.72
N LYS A 72 -6.55 -5.47 0.19
CA LYS A 72 -6.07 -4.15 -0.11
C LYS A 72 -4.66 -3.97 0.43
N ALA A 73 -3.90 -3.11 -0.21
CA ALA A 73 -2.52 -2.91 0.15
C ALA A 73 -2.35 -1.65 0.98
N ILE A 74 -1.68 -1.78 2.10
CA ILE A 74 -1.50 -0.66 3.02
C ILE A 74 -0.06 -0.60 3.51
N ASP A 75 0.27 0.52 4.15
CA ASP A 75 1.63 0.77 4.66
C ASP A 75 2.59 0.78 3.49
N VAL A 76 2.11 1.34 2.40
CA VAL A 76 2.82 1.31 1.14
C VAL A 76 4.04 2.23 1.15
N SER A 77 5.18 1.67 0.75
CA SER A 77 6.42 2.40 0.63
C SER A 77 7.20 1.83 -0.57
N GLY A 78 8.43 2.26 -0.78
CA GLY A 78 9.23 1.72 -1.88
C GLY A 78 9.41 0.22 -1.74
N PRO A 79 9.70 -0.50 -2.85
CA PRO A 79 9.83 -1.98 -2.85
C PRO A 79 10.82 -2.51 -1.80
N ASP A 80 11.86 -1.73 -1.52
CA ASP A 80 12.88 -2.14 -0.57
C ASP A 80 12.42 -1.82 0.85
N GLY A 81 11.30 -1.14 0.94
CA GLY A 81 10.83 -0.64 2.22
C GLY A 81 11.35 0.75 2.47
N ALA A 82 11.87 1.33 1.40
CA ALA A 82 12.45 2.65 1.45
C ALA A 82 11.37 3.69 1.72
N PRO A 83 11.57 4.51 2.75
CA PRO A 83 10.61 5.54 3.10
C PRO A 83 10.67 6.72 2.15
N VAL A 84 9.51 7.18 1.74
CA VAL A 84 9.41 8.31 0.84
C VAL A 84 9.61 9.60 1.61
N GLN A 85 9.89 10.70 0.93
CA GLN A 85 10.14 11.97 1.60
C GLN A 85 9.00 12.32 2.56
N GLY A 86 7.79 11.99 2.17
CA GLY A 86 6.64 12.29 2.99
C GLY A 86 6.26 11.17 3.95
N ASN A 87 7.18 10.23 4.18
CA ASN A 87 6.89 9.05 5.00
C ASN A 87 6.54 9.44 6.43
N SER A 88 7.23 10.44 6.95
CA SER A 88 6.93 10.93 8.28
C SER A 88 6.40 12.35 8.21
N GLY A 89 6.97 13.15 7.32
CA GLY A 89 6.52 14.51 7.16
C GLY A 89 7.59 15.51 7.53
N GLY A 90 8.46 15.12 8.44
CA GLY A 90 9.53 16.00 8.88
C GLY A 90 9.03 17.01 9.89
N GLY A 91 8.07 16.59 10.69
CA GLY A 91 7.49 17.47 11.68
C GLY A 91 6.24 16.88 12.29
N SER A 92 6.40 15.89 13.17
CA SER A 92 5.28 15.27 13.84
C SER A 92 4.62 16.24 14.82
N GLY A 1 -2.19 0.53 24.39
CA GLY A 1 -2.64 -0.78 24.95
C GLY A 1 -1.99 -1.94 24.25
N HIS A 2 -2.77 -2.64 23.43
CA HIS A 2 -2.27 -3.80 22.71
C HIS A 2 -3.08 -3.98 21.44
N MET A 3 -2.43 -4.50 20.39
CA MET A 3 -3.09 -4.73 19.10
C MET A 3 -3.61 -3.43 18.49
N SER A 4 -2.73 -2.73 17.78
CA SER A 4 -3.09 -1.50 17.09
C SER A 4 -2.14 -1.27 15.93
N GLY A 5 -0.89 -1.68 16.10
CA GLY A 5 0.10 -1.55 15.05
C GLY A 5 1.27 -2.48 15.30
N ASP A 6 0.96 -3.76 15.49
CA ASP A 6 1.95 -4.77 15.84
C ASP A 6 3.01 -4.91 14.73
N ASN A 7 2.58 -5.29 13.55
CA ASN A 7 3.50 -5.46 12.42
C ASN A 7 3.39 -4.25 11.48
N GLY A 8 2.34 -3.46 11.68
CA GLY A 8 2.12 -2.30 10.84
C GLY A 8 1.15 -2.61 9.71
N GLY A 9 0.41 -3.69 9.88
CA GLY A 9 -0.48 -4.17 8.84
C GLY A 9 -0.66 -5.67 8.92
N GLY A 10 0.43 -6.40 8.83
CA GLY A 10 0.38 -7.84 8.96
C GLY A 10 1.41 -8.53 8.09
N GLU A 11 0.91 -9.31 7.14
CA GLU A 11 1.77 -10.03 6.22
C GLU A 11 2.25 -9.09 5.11
N ARG A 12 3.54 -9.07 4.88
CA ARG A 12 4.13 -8.14 3.92
C ARG A 12 4.30 -8.79 2.57
N ARG A 13 4.07 -8.01 1.53
CA ARG A 13 4.20 -8.46 0.16
C ARG A 13 4.69 -7.30 -0.69
N LYS A 14 5.00 -7.57 -1.95
CA LYS A 14 5.57 -6.56 -2.83
C LYS A 14 4.75 -6.48 -4.10
N GLY A 15 4.90 -5.38 -4.81
CA GLY A 15 4.21 -5.23 -6.07
C GLY A 15 4.59 -3.99 -6.82
N SER A 16 3.77 -3.66 -7.79
CA SER A 16 3.92 -2.46 -8.57
C SER A 16 2.56 -1.83 -8.78
N VAL A 17 2.49 -0.55 -8.49
CA VAL A 17 1.26 0.21 -8.58
C VAL A 17 0.69 0.11 -9.97
N LYS A 18 -0.61 -0.15 -10.04
CA LYS A 18 -1.32 -0.13 -11.30
C LYS A 18 -1.58 1.31 -11.68
N TRP A 19 -2.08 2.07 -10.71
CA TRP A 19 -2.25 3.50 -10.81
C TRP A 19 -2.79 4.06 -9.52
N PHE A 20 -2.37 5.27 -9.20
CA PHE A 20 -2.87 5.99 -8.04
C PHE A 20 -3.69 7.18 -8.51
N ASP A 21 -5.00 7.10 -8.35
CA ASP A 21 -5.87 8.14 -8.87
C ASP A 21 -6.78 8.70 -7.78
N THR A 22 -6.52 9.93 -7.39
CA THR A 22 -7.32 10.62 -6.40
C THR A 22 -8.65 11.11 -7.00
N GLN A 23 -8.69 11.19 -8.32
CA GLN A 23 -9.91 11.56 -9.04
C GLN A 23 -10.94 10.44 -8.93
N LYS A 24 -10.47 9.23 -9.21
CA LYS A 24 -11.26 8.03 -9.06
C LYS A 24 -11.49 7.79 -7.58
N GLY A 25 -10.49 8.15 -6.81
CA GLY A 25 -10.56 8.01 -5.39
C GLY A 25 -10.07 6.66 -4.96
N PHE A 26 -9.36 5.99 -5.85
CA PHE A 26 -8.81 4.68 -5.55
C PHE A 26 -7.57 4.40 -6.39
N GLY A 27 -6.78 3.45 -5.94
CA GLY A 27 -5.65 2.98 -6.69
C GLY A 27 -5.48 1.50 -6.50
N PHE A 28 -4.60 0.90 -7.27
CA PHE A 28 -4.39 -0.54 -7.16
C PHE A 28 -2.92 -0.87 -7.30
N ILE A 29 -2.52 -1.95 -6.64
CA ILE A 29 -1.16 -2.45 -6.74
C ILE A 29 -1.17 -3.85 -7.31
N THR A 30 -0.35 -4.08 -8.30
CA THR A 30 -0.15 -5.42 -8.82
C THR A 30 0.98 -6.09 -8.04
N PRO A 31 0.65 -7.02 -7.14
CA PRO A 31 1.64 -7.67 -6.29
C PRO A 31 2.57 -8.60 -7.07
N ASP A 32 3.86 -8.37 -6.89
CA ASP A 32 4.90 -9.19 -7.51
C ASP A 32 4.88 -10.57 -6.90
N ASP A 33 4.31 -10.65 -5.71
CA ASP A 33 4.25 -11.86 -4.94
C ASP A 33 3.20 -12.82 -5.51
N GLY A 34 2.47 -12.34 -6.49
CA GLY A 34 1.43 -13.13 -7.09
C GLY A 34 0.06 -12.81 -6.52
N GLY A 35 -0.96 -13.50 -6.98
CA GLY A 35 -2.31 -13.23 -6.52
C GLY A 35 -3.05 -12.33 -7.48
N ASP A 36 -3.56 -11.23 -6.97
CA ASP A 36 -4.27 -10.26 -7.81
C ASP A 36 -4.07 -8.86 -7.26
N ASP A 37 -4.37 -7.86 -8.08
CA ASP A 37 -4.15 -6.47 -7.74
C ASP A 37 -4.95 -6.05 -6.51
N LEU A 38 -4.30 -5.26 -5.66
CA LEU A 38 -4.85 -4.89 -4.38
C LEU A 38 -5.09 -3.38 -4.32
N PHE A 39 -6.16 -3.00 -3.64
CA PHE A 39 -6.58 -1.60 -3.56
C PHE A 39 -5.68 -0.79 -2.63
N VAL A 40 -5.29 0.39 -3.12
CA VAL A 40 -4.50 1.33 -2.32
C VAL A 40 -4.89 2.76 -2.64
N HIS A 41 -5.07 3.55 -1.60
CA HIS A 41 -5.25 4.97 -1.77
C HIS A 41 -4.56 5.69 -0.62
N GLN A 42 -4.65 7.01 -0.60
CA GLN A 42 -3.86 7.84 0.32
C GLN A 42 -3.90 7.29 1.75
N SER A 43 -5.04 6.80 2.19
CA SER A 43 -5.20 6.39 3.57
C SER A 43 -4.45 5.09 3.85
N SER A 44 -4.00 4.41 2.80
CA SER A 44 -3.32 3.14 2.95
C SER A 44 -1.82 3.30 2.71
N ILE A 45 -1.36 4.54 2.64
CA ILE A 45 0.07 4.79 2.42
C ILE A 45 0.79 4.94 3.76
N ARG A 46 2.01 4.44 3.80
CA ARG A 46 2.83 4.38 5.02
C ARG A 46 3.10 5.77 5.60
N SER A 47 3.04 6.78 4.74
CA SER A 47 3.34 8.14 5.10
C SER A 47 2.51 8.63 6.28
N GLU A 48 3.19 9.24 7.22
CA GLU A 48 2.57 9.84 8.39
C GLU A 48 2.00 11.22 8.04
N GLY A 49 2.40 11.75 6.89
CA GLY A 49 1.93 13.06 6.48
C GLY A 49 1.33 13.05 5.08
N PHE A 50 2.13 13.40 4.09
CA PHE A 50 1.65 13.45 2.71
C PHE A 50 1.58 12.04 2.13
N ARG A 51 0.38 11.62 1.76
CA ARG A 51 0.16 10.25 1.34
C ARG A 51 -0.24 10.20 -0.13
N SER A 52 0.67 9.76 -0.96
CA SER A 52 0.42 9.64 -2.39
C SER A 52 1.36 8.62 -3.00
N LEU A 53 0.95 8.06 -4.12
CA LEU A 53 1.72 7.03 -4.80
C LEU A 53 1.91 7.39 -6.26
N ALA A 54 2.96 6.85 -6.85
CA ALA A 54 3.19 6.99 -8.27
C ALA A 54 2.64 5.77 -9.00
N ALA A 55 1.90 6.07 -10.06
CA ALA A 55 1.12 5.11 -10.81
C ALA A 55 1.89 3.85 -11.23
N GLU A 56 3.08 4.02 -11.79
CA GLU A 56 3.89 2.88 -12.23
C GLU A 56 4.87 2.38 -11.17
N GLU A 57 4.81 2.98 -10.00
CA GLU A 57 5.83 2.80 -8.98
C GLU A 57 5.75 1.41 -8.33
N ALA A 58 6.90 0.85 -8.01
CA ALA A 58 6.94 -0.43 -7.31
C ALA A 58 6.84 -0.20 -5.80
N VAL A 59 6.39 -1.21 -5.07
CA VAL A 59 6.03 -1.02 -3.68
C VAL A 59 6.27 -2.28 -2.83
N GLU A 60 6.57 -2.06 -1.54
CA GLU A 60 6.47 -3.10 -0.55
C GLU A 60 5.42 -2.68 0.46
N PHE A 61 4.54 -3.60 0.79
CA PHE A 61 3.35 -3.27 1.55
C PHE A 61 2.94 -4.43 2.43
N GLU A 62 1.92 -4.20 3.23
CA GLU A 62 1.30 -5.27 3.99
C GLU A 62 -0.05 -5.60 3.37
N VAL A 63 -0.49 -6.82 3.57
CA VAL A 63 -1.79 -7.23 3.09
C VAL A 63 -2.83 -7.13 4.19
N GLU A 64 -3.95 -6.53 3.86
CA GLU A 64 -5.08 -6.47 4.78
C GLU A 64 -6.36 -6.73 4.00
N ILE A 65 -7.20 -7.58 4.53
CA ILE A 65 -8.46 -7.87 3.86
C ILE A 65 -9.55 -6.94 4.37
N ASP A 66 -10.15 -6.22 3.43
CA ASP A 66 -11.18 -5.24 3.72
C ASP A 66 -12.47 -5.95 4.17
N ASN A 67 -13.38 -5.18 4.75
CA ASN A 67 -14.63 -5.73 5.30
C ASN A 67 -15.55 -6.23 4.20
N ASN A 68 -15.13 -6.04 2.96
CA ASN A 68 -15.87 -6.52 1.81
C ASN A 68 -15.14 -7.75 1.25
N ASN A 69 -14.37 -8.38 2.14
CA ASN A 69 -13.55 -9.57 1.84
C ASN A 69 -12.67 -9.37 0.61
N ARG A 70 -12.34 -8.11 0.34
CA ARG A 70 -11.41 -7.78 -0.71
C ARG A 70 -10.06 -7.44 -0.11
N PRO A 71 -9.00 -8.17 -0.47
CA PRO A 71 -7.67 -7.88 0.03
C PRO A 71 -7.11 -6.60 -0.56
N LYS A 72 -6.57 -5.78 0.30
CA LYS A 72 -6.04 -4.49 -0.08
C LYS A 72 -4.64 -4.33 0.48
N ALA A 73 -3.88 -3.44 -0.11
CA ALA A 73 -2.52 -3.23 0.35
C ALA A 73 -2.43 -1.96 1.19
N ILE A 74 -1.68 -2.03 2.27
CA ILE A 74 -1.51 -0.89 3.15
C ILE A 74 -0.07 -0.75 3.59
N ASP A 75 0.24 0.41 4.17
CA ASP A 75 1.60 0.75 4.61
C ASP A 75 2.52 0.72 3.41
N VAL A 76 2.00 1.21 2.31
CA VAL A 76 2.68 1.21 1.04
C VAL A 76 3.99 2.00 1.11
N SER A 77 5.05 1.37 0.67
CA SER A 77 6.36 1.99 0.65
C SER A 77 7.09 1.55 -0.62
N GLY A 78 8.30 2.01 -0.84
CA GLY A 78 9.07 1.54 -1.98
C GLY A 78 9.27 0.03 -1.95
N PRO A 79 9.65 -0.59 -3.07
CA PRO A 79 9.83 -2.05 -3.18
C PRO A 79 10.72 -2.64 -2.09
N ASP A 80 11.69 -1.87 -1.62
CA ASP A 80 12.61 -2.34 -0.57
C ASP A 80 12.10 -1.95 0.81
N GLY A 81 10.93 -1.35 0.85
CA GLY A 81 10.40 -0.84 2.10
C GLY A 81 10.92 0.55 2.37
N ALA A 82 11.32 1.22 1.30
CA ALA A 82 11.87 2.56 1.38
C ALA A 82 10.76 3.58 1.53
N PRO A 83 10.90 4.52 2.47
CA PRO A 83 9.89 5.56 2.69
C PRO A 83 9.89 6.60 1.57
N VAL A 84 8.72 7.13 1.30
CA VAL A 84 8.55 8.15 0.27
C VAL A 84 8.88 9.52 0.86
N GLN A 85 9.10 10.50 0.00
CA GLN A 85 9.45 11.84 0.46
C GLN A 85 8.46 12.34 1.50
N GLY A 86 7.19 12.07 1.27
CA GLY A 86 6.15 12.51 2.17
C GLY A 86 5.82 11.50 3.24
N ASN A 87 6.73 10.56 3.50
CA ASN A 87 6.46 9.48 4.44
C ASN A 87 6.38 10.03 5.86
N SER A 88 6.94 11.22 6.05
CA SER A 88 6.85 11.92 7.31
C SER A 88 7.32 13.36 7.13
N GLY A 89 8.62 13.53 6.93
CA GLY A 89 9.17 14.86 6.72
C GLY A 89 10.05 14.93 5.49
N GLY A 90 10.82 13.89 5.26
CA GLY A 90 11.70 13.87 4.11
C GLY A 90 11.91 12.47 3.57
N GLY A 91 12.04 11.50 4.47
CA GLY A 91 12.24 10.13 4.07
C GLY A 91 13.14 9.37 5.01
N SER A 92 12.91 9.55 6.31
CA SER A 92 13.68 8.85 7.32
C SER A 92 13.11 7.45 7.53
N GLY A 1 -5.21 1.91 14.70
CA GLY A 1 -4.15 1.23 15.49
C GLY A 1 -3.51 0.10 14.71
N HIS A 2 -2.25 -0.19 15.02
CA HIS A 2 -1.50 -1.24 14.35
C HIS A 2 -0.67 -2.04 15.34
N MET A 3 -1.15 -2.13 16.58
CA MET A 3 -0.46 -2.91 17.60
C MET A 3 -1.01 -4.33 17.64
N SER A 4 -2.21 -4.50 17.13
CA SER A 4 -2.87 -5.78 17.12
C SER A 4 -3.85 -5.84 15.96
N GLY A 5 -4.07 -7.02 15.39
CA GLY A 5 -4.97 -7.15 14.27
C GLY A 5 -5.47 -8.56 14.06
N ASP A 6 -6.71 -8.69 13.59
CA ASP A 6 -7.32 -9.99 13.34
C ASP A 6 -6.48 -10.80 12.36
N ASN A 7 -6.05 -10.14 11.30
CA ASN A 7 -5.24 -10.76 10.25
C ASN A 7 -3.76 -10.74 10.64
N GLY A 8 -3.47 -10.32 11.86
CA GLY A 8 -2.10 -10.22 12.31
C GLY A 8 -1.49 -8.87 12.01
N GLY A 9 -2.25 -8.03 11.32
CA GLY A 9 -1.76 -6.71 10.95
C GLY A 9 -1.78 -6.50 9.46
N GLY A 10 -1.33 -7.50 8.72
CA GLY A 10 -1.29 -7.42 7.28
C GLY A 10 -0.27 -8.37 6.69
N GLU A 11 -0.67 -9.06 5.63
CA GLU A 11 0.22 -10.01 4.97
C GLU A 11 1.23 -9.26 4.11
N ARG A 12 2.51 -9.38 4.44
CA ARG A 12 3.53 -8.57 3.80
C ARG A 12 3.81 -9.05 2.39
N ARG A 13 3.79 -8.12 1.45
CA ARG A 13 3.92 -8.40 0.04
C ARG A 13 4.73 -7.31 -0.65
N LYS A 14 4.97 -7.48 -1.94
CA LYS A 14 5.72 -6.52 -2.73
C LYS A 14 5.07 -6.45 -4.08
N GLY A 15 5.22 -5.35 -4.80
CA GLY A 15 4.65 -5.27 -6.11
C GLY A 15 4.91 -3.98 -6.80
N SER A 16 4.05 -3.68 -7.75
CA SER A 16 4.12 -2.46 -8.50
C SER A 16 2.72 -1.93 -8.71
N VAL A 17 2.56 -0.65 -8.50
CA VAL A 17 1.28 0.00 -8.58
C VAL A 17 0.66 -0.21 -9.95
N LYS A 18 -0.60 -0.55 -9.94
CA LYS A 18 -1.34 -0.74 -11.17
C LYS A 18 -1.87 0.62 -11.60
N TRP A 19 -2.36 1.38 -10.62
CA TRP A 19 -2.64 2.80 -10.80
C TRP A 19 -3.15 3.40 -9.50
N PHE A 20 -2.69 4.60 -9.20
CA PHE A 20 -3.17 5.37 -8.07
C PHE A 20 -3.96 6.55 -8.60
N ASP A 21 -5.27 6.50 -8.46
CA ASP A 21 -6.11 7.55 -9.00
C ASP A 21 -6.87 8.24 -7.88
N THR A 22 -6.54 9.50 -7.65
CA THR A 22 -7.19 10.30 -6.63
C THR A 22 -8.55 10.79 -7.13
N GLN A 23 -8.75 10.72 -8.43
CA GLN A 23 -9.99 11.18 -9.04
C GLN A 23 -11.06 10.10 -8.90
N LYS A 24 -10.63 8.87 -9.16
CA LYS A 24 -11.48 7.70 -8.96
C LYS A 24 -11.70 7.48 -7.49
N GLY A 25 -10.68 7.81 -6.74
CA GLY A 25 -10.72 7.67 -5.31
C GLY A 25 -10.29 6.30 -4.87
N PHE A 26 -9.64 5.58 -5.79
CA PHE A 26 -9.11 4.27 -5.49
C PHE A 26 -7.94 3.93 -6.39
N GLY A 27 -7.13 2.97 -5.96
CA GLY A 27 -6.03 2.51 -6.75
C GLY A 27 -5.79 1.03 -6.54
N PHE A 28 -4.86 0.47 -7.28
CA PHE A 28 -4.54 -0.95 -7.13
C PHE A 28 -3.05 -1.18 -7.26
N ILE A 29 -2.56 -2.19 -6.57
CA ILE A 29 -1.17 -2.60 -6.65
C ILE A 29 -1.08 -4.03 -7.14
N THR A 30 -0.22 -4.25 -8.12
CA THR A 30 0.03 -5.60 -8.63
C THR A 30 1.20 -6.22 -7.87
N PRO A 31 0.92 -7.20 -6.99
CA PRO A 31 1.97 -7.82 -6.17
C PRO A 31 2.94 -8.68 -6.99
N ASP A 32 4.22 -8.38 -6.84
CA ASP A 32 5.29 -9.13 -7.50
C ASP A 32 5.48 -10.47 -6.83
N ASP A 33 4.91 -10.59 -5.64
CA ASP A 33 5.07 -11.78 -4.82
C ASP A 33 3.97 -12.79 -5.14
N GLY A 34 3.15 -12.45 -6.12
CA GLY A 34 2.05 -13.30 -6.51
C GLY A 34 0.75 -12.88 -5.85
N GLY A 35 -0.36 -13.35 -6.40
CA GLY A 35 -1.66 -12.99 -5.86
C GLY A 35 -2.45 -12.13 -6.81
N ASP A 36 -3.29 -11.27 -6.25
CA ASP A 36 -4.11 -10.39 -7.05
C ASP A 36 -3.82 -8.95 -6.71
N ASP A 37 -4.17 -8.06 -7.64
CA ASP A 37 -4.03 -6.63 -7.43
C ASP A 37 -4.83 -6.18 -6.23
N LEU A 38 -4.19 -5.42 -5.36
CA LEU A 38 -4.81 -4.98 -4.11
C LEU A 38 -5.15 -3.50 -4.17
N PHE A 39 -6.31 -3.16 -3.63
CA PHE A 39 -6.76 -1.78 -3.57
C PHE A 39 -5.86 -0.95 -2.68
N VAL A 40 -5.41 0.18 -3.21
CA VAL A 40 -4.56 1.09 -2.48
C VAL A 40 -4.97 2.53 -2.73
N HIS A 41 -5.04 3.31 -1.69
CA HIS A 41 -5.28 4.73 -1.83
C HIS A 41 -4.55 5.51 -0.77
N GLN A 42 -4.75 6.82 -0.77
CA GLN A 42 -4.05 7.75 0.11
C GLN A 42 -3.99 7.25 1.55
N SER A 43 -5.11 6.74 2.03
CA SER A 43 -5.22 6.33 3.41
C SER A 43 -4.40 5.08 3.70
N SER A 44 -3.88 4.44 2.67
CA SER A 44 -3.12 3.21 2.83
C SER A 44 -1.65 3.41 2.47
N ILE A 45 -1.22 4.66 2.39
CA ILE A 45 0.18 4.93 2.08
C ILE A 45 0.98 5.05 3.39
N ARG A 46 2.22 4.55 3.34
CA ARG A 46 3.06 4.38 4.54
C ARG A 46 3.31 5.69 5.28
N SER A 47 3.12 6.80 4.60
CA SER A 47 3.42 8.11 5.14
C SER A 47 2.32 8.58 6.06
N GLU A 48 2.71 9.19 7.15
CA GLU A 48 1.78 9.79 8.09
C GLU A 48 1.49 11.24 7.72
N GLY A 49 2.28 11.78 6.79
CA GLY A 49 2.07 13.14 6.34
C GLY A 49 1.50 13.17 4.93
N PHE A 50 2.39 13.29 3.95
CA PHE A 50 1.98 13.30 2.54
C PHE A 50 1.66 11.87 2.10
N ARG A 51 0.42 11.65 1.70
CA ARG A 51 -0.03 10.32 1.34
C ARG A 51 -0.52 10.27 -0.10
N SER A 52 0.34 9.82 -0.99
CA SER A 52 -0.01 9.63 -2.39
C SER A 52 0.90 8.57 -2.99
N LEU A 53 0.46 7.96 -4.07
CA LEU A 53 1.23 6.92 -4.71
C LEU A 53 1.31 7.21 -6.20
N ALA A 54 2.33 6.70 -6.84
CA ALA A 54 2.50 6.87 -8.27
C ALA A 54 2.07 5.60 -8.98
N ALA A 55 1.30 5.82 -10.05
CA ALA A 55 0.62 4.76 -10.78
C ALA A 55 1.53 3.64 -11.24
N GLU A 56 2.67 3.98 -11.80
CA GLU A 56 3.60 2.98 -12.32
C GLU A 56 4.63 2.53 -11.29
N GLU A 57 4.55 3.07 -10.09
CA GLU A 57 5.61 2.94 -9.10
C GLU A 57 5.71 1.52 -8.56
N ALA A 58 6.91 1.09 -8.24
CA ALA A 58 7.10 -0.19 -7.57
C ALA A 58 7.04 0.02 -6.07
N VAL A 59 6.52 -0.95 -5.34
CA VAL A 59 6.17 -0.72 -3.94
C VAL A 59 6.31 -1.99 -3.08
N GLU A 60 6.38 -1.76 -1.77
CA GLU A 60 6.31 -2.82 -0.78
C GLU A 60 5.19 -2.46 0.18
N PHE A 61 4.41 -3.44 0.57
CA PHE A 61 3.17 -3.18 1.29
C PHE A 61 2.72 -4.40 2.07
N GLU A 62 1.68 -4.20 2.84
CA GLU A 62 1.02 -5.28 3.53
C GLU A 62 -0.36 -5.47 2.90
N VAL A 63 -0.86 -6.67 2.94
CA VAL A 63 -2.19 -6.95 2.45
C VAL A 63 -3.18 -7.04 3.60
N GLU A 64 -4.17 -6.17 3.55
CA GLU A 64 -5.23 -6.14 4.54
C GLU A 64 -6.56 -6.36 3.84
N ILE A 65 -7.37 -7.25 4.35
CA ILE A 65 -8.66 -7.49 3.75
C ILE A 65 -9.69 -6.49 4.27
N ASP A 66 -10.29 -5.78 3.33
CA ASP A 66 -11.28 -4.75 3.63
C ASP A 66 -12.57 -5.40 4.15
N ASN A 67 -13.45 -4.60 4.72
CA ASN A 67 -14.71 -5.10 5.28
C ASN A 67 -15.67 -5.52 4.18
N ASN A 68 -15.25 -5.33 2.95
CA ASN A 68 -15.98 -5.81 1.78
C ASN A 68 -15.36 -7.11 1.30
N ASN A 69 -14.47 -7.65 2.12
CA ASN A 69 -13.77 -8.91 1.86
C ASN A 69 -12.85 -8.81 0.64
N ARG A 70 -12.58 -7.59 0.21
CA ARG A 70 -11.62 -7.37 -0.86
C ARG A 70 -10.27 -7.04 -0.25
N PRO A 71 -9.23 -7.82 -0.57
CA PRO A 71 -7.90 -7.56 -0.05
C PRO A 71 -7.30 -6.30 -0.65
N LYS A 72 -6.71 -5.50 0.21
CA LYS A 72 -6.18 -4.20 -0.16
C LYS A 72 -4.74 -4.09 0.27
N ALA A 73 -4.01 -3.19 -0.35
CA ALA A 73 -2.60 -2.99 -0.03
C ALA A 73 -2.43 -1.72 0.77
N ILE A 74 -1.74 -1.84 1.89
CA ILE A 74 -1.54 -0.71 2.78
C ILE A 74 -0.09 -0.67 3.25
N ASP A 75 0.27 0.43 3.89
CA ASP A 75 1.64 0.64 4.38
C ASP A 75 2.59 0.64 3.22
N VAL A 76 2.09 1.18 2.12
CA VAL A 76 2.78 1.15 0.85
C VAL A 76 4.04 1.98 0.88
N SER A 77 5.16 1.35 0.62
CA SER A 77 6.46 2.01 0.59
C SER A 77 7.17 1.63 -0.70
N GLY A 78 8.41 2.07 -0.90
CA GLY A 78 9.17 1.61 -2.06
C GLY A 78 9.36 0.11 -2.06
N PRO A 79 9.78 -0.49 -3.18
CA PRO A 79 9.97 -1.94 -3.30
C PRO A 79 10.90 -2.54 -2.23
N ASP A 80 11.85 -1.75 -1.74
CA ASP A 80 12.75 -2.22 -0.69
C ASP A 80 12.20 -1.85 0.68
N GLY A 81 11.07 -1.17 0.67
CA GLY A 81 10.48 -0.65 1.87
C GLY A 81 10.94 0.77 2.13
N ALA A 82 11.54 1.36 1.12
CA ALA A 82 12.08 2.71 1.20
C ALA A 82 10.96 3.73 1.21
N PRO A 83 10.79 4.45 2.32
CA PRO A 83 9.79 5.50 2.44
C PRO A 83 10.35 6.87 2.08
N VAL A 84 9.47 7.76 1.64
CA VAL A 84 9.86 9.11 1.31
C VAL A 84 10.03 9.94 2.57
N GLN A 85 10.69 11.09 2.46
CA GLN A 85 10.91 11.96 3.62
C GLN A 85 9.59 12.31 4.31
N GLY A 86 8.53 12.36 3.53
CA GLY A 86 7.21 12.65 4.08
C GLY A 86 6.56 11.44 4.74
N ASN A 87 7.37 10.46 5.15
CA ASN A 87 6.86 9.25 5.80
C ASN A 87 6.43 9.54 7.23
N SER A 88 7.37 9.96 8.06
CA SER A 88 7.08 10.18 9.47
C SER A 88 6.68 11.64 9.71
N GLY A 89 6.27 11.94 10.94
CA GLY A 89 5.86 13.29 11.27
C GLY A 89 6.06 13.58 12.75
N GLY A 90 7.25 14.05 13.08
CA GLY A 90 7.61 14.30 14.46
C GLY A 90 9.07 14.03 14.74
N GLY A 91 9.77 13.50 13.75
CA GLY A 91 11.16 13.16 13.92
C GLY A 91 12.09 14.13 13.19
N SER A 92 11.64 15.36 13.01
CA SER A 92 12.45 16.38 12.38
C SER A 92 13.13 17.24 13.44
N GLY A 1 -4.08 2.98 19.02
CA GLY A 1 -5.15 2.58 18.09
C GLY A 1 -6.50 2.49 18.77
N HIS A 2 -7.46 3.27 18.30
CA HIS A 2 -8.78 3.33 18.92
C HIS A 2 -9.69 2.24 18.38
N MET A 3 -9.18 1.43 17.47
CA MET A 3 -9.94 0.32 16.91
C MET A 3 -9.99 -0.84 17.92
N SER A 4 -8.99 -0.89 18.80
CA SER A 4 -8.94 -1.87 19.87
C SER A 4 -9.04 -3.31 19.34
N GLY A 5 -7.92 -3.84 18.88
CA GLY A 5 -7.92 -5.21 18.39
C GLY A 5 -7.74 -5.29 16.90
N ASP A 6 -6.49 -5.22 16.44
CA ASP A 6 -6.19 -5.35 15.03
C ASP A 6 -4.73 -5.74 14.86
N ASN A 7 -4.43 -6.38 13.75
CA ASN A 7 -3.09 -6.90 13.50
C ASN A 7 -2.24 -5.90 12.71
N GLY A 8 -2.87 -4.85 12.20
CA GLY A 8 -2.14 -3.82 11.47
C GLY A 8 -1.81 -4.24 10.05
N GLY A 9 -2.67 -5.07 9.48
CA GLY A 9 -2.44 -5.58 8.15
C GLY A 9 -2.47 -7.08 8.11
N GLY A 10 -1.29 -7.69 8.11
CA GLY A 10 -1.21 -9.14 8.07
C GLY A 10 0.05 -9.63 7.39
N GLU A 11 -0.11 -10.17 6.20
CA GLU A 11 1.01 -10.71 5.44
C GLU A 11 1.66 -9.60 4.61
N ARG A 12 2.99 -9.57 4.60
CA ARG A 12 3.71 -8.57 3.82
C ARG A 12 3.90 -9.05 2.40
N ARG A 13 3.87 -8.11 1.47
CA ARG A 13 3.98 -8.42 0.05
C ARG A 13 4.72 -7.29 -0.67
N LYS A 14 5.02 -7.50 -1.94
CA LYS A 14 5.69 -6.50 -2.75
C LYS A 14 5.03 -6.48 -4.11
N GLY A 15 5.15 -5.37 -4.81
CA GLY A 15 4.55 -5.29 -6.12
C GLY A 15 4.87 -4.02 -6.85
N SER A 16 4.05 -3.75 -7.83
CA SER A 16 4.16 -2.55 -8.62
C SER A 16 2.78 -1.98 -8.82
N VAL A 17 2.67 -0.69 -8.57
CA VAL A 17 1.41 0.01 -8.63
C VAL A 17 0.78 -0.13 -10.00
N LYS A 18 -0.49 -0.43 -9.98
CA LYS A 18 -1.28 -0.55 -11.19
C LYS A 18 -1.78 0.84 -11.57
N TRP A 19 -2.22 1.58 -10.55
CA TRP A 19 -2.46 3.02 -10.65
C TRP A 19 -2.91 3.59 -9.33
N PHE A 20 -2.48 4.80 -9.04
CA PHE A 20 -2.94 5.55 -7.88
C PHE A 20 -3.71 6.76 -8.38
N ASP A 21 -5.02 6.71 -8.26
CA ASP A 21 -5.84 7.79 -8.79
C ASP A 21 -6.65 8.45 -7.69
N THR A 22 -6.36 9.71 -7.47
CA THR A 22 -7.07 10.50 -6.49
C THR A 22 -8.44 10.94 -7.03
N GLN A 23 -8.60 10.91 -8.34
CA GLN A 23 -9.84 11.32 -8.97
C GLN A 23 -10.88 10.22 -8.81
N LYS A 24 -10.49 9.01 -9.18
CA LYS A 24 -11.33 7.84 -8.99
C LYS A 24 -11.51 7.58 -7.51
N GLY A 25 -10.45 7.91 -6.78
CA GLY A 25 -10.47 7.80 -5.35
C GLY A 25 -10.04 6.43 -4.88
N PHE A 26 -9.43 5.69 -5.78
CA PHE A 26 -8.89 4.39 -5.44
C PHE A 26 -7.73 4.01 -6.36
N GLY A 27 -6.89 3.12 -5.89
CA GLY A 27 -5.78 2.65 -6.67
C GLY A 27 -5.58 1.17 -6.49
N PHE A 28 -4.65 0.60 -7.24
CA PHE A 28 -4.38 -0.82 -7.15
C PHE A 28 -2.89 -1.08 -7.26
N ILE A 29 -2.45 -2.15 -6.63
CA ILE A 29 -1.07 -2.61 -6.73
C ILE A 29 -1.03 -4.02 -7.26
N THR A 30 -0.18 -4.26 -8.24
CA THR A 30 0.05 -5.60 -8.73
C THR A 30 1.20 -6.24 -7.95
N PRO A 31 0.88 -7.19 -7.06
CA PRO A 31 1.91 -7.81 -6.22
C PRO A 31 2.86 -8.69 -7.02
N ASP A 32 4.15 -8.40 -6.91
CA ASP A 32 5.19 -9.13 -7.63
C ASP A 32 5.39 -10.50 -7.01
N ASP A 33 4.88 -10.67 -5.80
CA ASP A 33 5.07 -11.91 -5.07
C ASP A 33 3.88 -12.83 -5.32
N GLY A 34 3.02 -12.40 -6.23
CA GLY A 34 1.84 -13.18 -6.56
C GLY A 34 0.62 -12.73 -5.79
N GLY A 35 -0.56 -12.87 -6.40
CA GLY A 35 -1.78 -12.48 -5.74
C GLY A 35 -2.72 -11.75 -6.67
N ASP A 36 -3.58 -10.93 -6.10
CA ASP A 36 -4.49 -10.10 -6.88
C ASP A 36 -4.12 -8.65 -6.68
N ASP A 37 -4.51 -7.80 -7.62
CA ASP A 37 -4.25 -6.38 -7.49
C ASP A 37 -4.90 -5.83 -6.23
N LEU A 38 -4.08 -5.22 -5.38
CA LEU A 38 -4.56 -4.76 -4.08
C LEU A 38 -4.92 -3.29 -4.14
N PHE A 39 -6.10 -2.97 -3.61
CA PHE A 39 -6.57 -1.59 -3.55
C PHE A 39 -5.72 -0.76 -2.62
N VAL A 40 -5.24 0.38 -3.13
CA VAL A 40 -4.46 1.32 -2.34
C VAL A 40 -4.87 2.75 -2.62
N HIS A 41 -4.98 3.52 -1.57
CA HIS A 41 -5.19 4.94 -1.70
C HIS A 41 -4.43 5.67 -0.61
N GLN A 42 -4.57 6.98 -0.56
CA GLN A 42 -3.77 7.82 0.35
C GLN A 42 -3.77 7.26 1.78
N SER A 43 -4.89 6.67 2.19
CA SER A 43 -5.03 6.19 3.55
C SER A 43 -4.34 4.85 3.73
N SER A 44 -3.78 4.32 2.65
CA SER A 44 -3.09 3.05 2.68
C SER A 44 -1.59 3.23 2.62
N ILE A 45 -1.14 4.47 2.48
CA ILE A 45 0.28 4.73 2.27
C ILE A 45 1.00 4.82 3.60
N ARG A 46 2.21 4.26 3.63
CA ARG A 46 3.02 4.14 4.85
C ARG A 46 3.30 5.49 5.50
N SER A 47 3.25 6.54 4.70
CA SER A 47 3.54 7.88 5.14
C SER A 47 2.69 8.28 6.33
N GLU A 48 3.34 8.86 7.32
CA GLU A 48 2.67 9.36 8.51
C GLU A 48 2.11 10.76 8.26
N GLY A 49 2.58 11.42 7.20
CA GLY A 49 2.12 12.76 6.90
C GLY A 49 1.50 12.86 5.51
N PHE A 50 2.34 13.19 4.52
CA PHE A 50 1.85 13.35 3.16
C PHE A 50 1.77 11.98 2.48
N ARG A 51 0.56 11.61 2.07
CA ARG A 51 0.32 10.26 1.56
C ARG A 51 -0.15 10.30 0.13
N SER A 52 0.67 9.79 -0.75
CA SER A 52 0.34 9.67 -2.16
C SER A 52 1.22 8.59 -2.79
N LEU A 53 0.73 8.00 -3.86
CA LEU A 53 1.47 6.95 -4.54
C LEU A 53 1.57 7.28 -6.01
N ALA A 54 2.51 6.66 -6.69
CA ALA A 54 2.70 6.87 -8.11
C ALA A 54 2.25 5.64 -8.87
N ALA A 55 1.48 5.92 -9.91
CA ALA A 55 0.78 4.90 -10.69
C ALA A 55 1.68 3.78 -11.19
N GLU A 56 2.82 4.12 -11.75
CA GLU A 56 3.72 3.13 -12.34
C GLU A 56 4.76 2.62 -11.35
N GLU A 57 4.68 3.11 -10.12
CA GLU A 57 5.74 2.90 -9.14
C GLU A 57 5.79 1.45 -8.67
N ALA A 58 6.94 1.02 -8.20
CA ALA A 58 7.06 -0.28 -7.55
C ALA A 58 6.98 -0.06 -6.04
N VAL A 59 6.49 -1.05 -5.31
CA VAL A 59 6.14 -0.81 -3.91
C VAL A 59 6.31 -2.05 -3.02
N GLU A 60 6.40 -1.79 -1.72
CA GLU A 60 6.40 -2.80 -0.69
C GLU A 60 5.26 -2.48 0.27
N PHE A 61 4.52 -3.47 0.69
CA PHE A 61 3.30 -3.26 1.43
C PHE A 61 2.89 -4.48 2.22
N GLU A 62 1.82 -4.34 2.98
CA GLU A 62 1.18 -5.45 3.64
C GLU A 62 -0.17 -5.67 2.99
N VAL A 63 -0.69 -6.88 3.11
CA VAL A 63 -2.02 -7.17 2.62
C VAL A 63 -3.01 -7.17 3.77
N GLU A 64 -4.07 -6.41 3.59
CA GLU A 64 -5.14 -6.33 4.58
C GLU A 64 -6.46 -6.51 3.87
N ILE A 65 -7.33 -7.33 4.42
CA ILE A 65 -8.63 -7.55 3.81
C ILE A 65 -9.62 -6.51 4.30
N ASP A 66 -10.20 -5.81 3.34
CA ASP A 66 -11.12 -4.72 3.61
C ASP A 66 -12.46 -5.26 4.13
N ASN A 67 -13.29 -4.39 4.69
CA ASN A 67 -14.59 -4.81 5.21
C ASN A 67 -15.43 -5.49 4.14
N ASN A 68 -15.15 -5.18 2.88
CA ASN A 68 -15.89 -5.73 1.76
C ASN A 68 -15.25 -7.02 1.28
N ASN A 69 -14.53 -7.67 2.22
CA ASN A 69 -13.85 -8.97 2.04
C ASN A 69 -12.94 -9.00 0.82
N ARG A 70 -12.61 -7.84 0.29
CA ARG A 70 -11.65 -7.74 -0.79
C ARG A 70 -10.31 -7.29 -0.24
N PRO A 71 -9.23 -8.01 -0.56
CA PRO A 71 -7.91 -7.68 -0.03
C PRO A 71 -7.34 -6.41 -0.64
N LYS A 72 -6.72 -5.61 0.21
CA LYS A 72 -6.13 -4.35 -0.18
C LYS A 72 -4.72 -4.26 0.36
N ALA A 73 -3.95 -3.32 -0.14
CA ALA A 73 -2.58 -3.16 0.32
C ALA A 73 -2.43 -1.91 1.16
N ILE A 74 -1.61 -2.00 2.19
CA ILE A 74 -1.38 -0.87 3.08
C ILE A 74 0.09 -0.80 3.49
N ASP A 75 0.46 0.32 4.08
CA ASP A 75 1.83 0.59 4.51
C ASP A 75 2.73 0.61 3.30
N VAL A 76 2.17 1.14 2.23
CA VAL A 76 2.82 1.17 0.94
C VAL A 76 4.08 2.03 0.96
N SER A 77 5.17 1.43 0.53
CA SER A 77 6.47 2.10 0.45
C SER A 77 7.16 1.66 -0.83
N GLY A 78 8.40 2.10 -1.06
CA GLY A 78 9.14 1.58 -2.19
C GLY A 78 9.37 0.09 -2.07
N PRO A 79 9.68 -0.61 -3.18
CA PRO A 79 9.81 -2.08 -3.20
C PRO A 79 10.80 -2.63 -2.18
N ASP A 80 11.78 -1.83 -1.82
CA ASP A 80 12.81 -2.24 -0.88
C ASP A 80 12.42 -1.86 0.54
N GLY A 81 11.27 -1.23 0.66
CA GLY A 81 10.82 -0.72 1.94
C GLY A 81 11.31 0.69 2.16
N ALA A 82 11.60 1.36 1.05
CA ALA A 82 12.09 2.72 1.08
C ALA A 82 10.93 3.71 1.20
N PRO A 83 10.91 4.49 2.29
CA PRO A 83 9.86 5.47 2.52
C PRO A 83 10.09 6.74 1.71
N VAL A 84 9.02 7.45 1.44
CA VAL A 84 9.08 8.68 0.66
C VAL A 84 9.35 9.87 1.58
N GLN A 85 9.76 10.99 1.02
CA GLN A 85 10.04 12.18 1.82
C GLN A 85 8.86 12.52 2.73
N GLY A 86 7.66 12.40 2.18
CA GLY A 86 6.46 12.72 2.92
C GLY A 86 6.04 11.62 3.89
N ASN A 87 6.88 10.61 4.07
CA ASN A 87 6.54 9.48 4.93
C ASN A 87 6.85 9.86 6.38
N SER A 88 7.99 10.50 6.57
CA SER A 88 8.43 10.96 7.88
C SER A 88 9.70 11.79 7.73
N GLY A 89 10.57 11.32 6.85
CA GLY A 89 11.80 12.02 6.57
C GLY A 89 12.43 11.55 5.28
N GLY A 90 12.78 12.48 4.42
CA GLY A 90 13.38 12.14 3.13
C GLY A 90 14.82 11.72 3.28
N GLY A 91 15.48 12.19 4.33
CA GLY A 91 16.86 11.84 4.56
C GLY A 91 17.66 12.99 5.14
N SER A 92 17.17 14.20 4.94
CA SER A 92 17.81 15.38 5.48
C SER A 92 17.00 15.91 6.66
N GLY A 1 -10.24 -4.68 18.21
CA GLY A 1 -10.16 -4.87 16.74
C GLY A 1 -10.12 -3.54 16.01
N HIS A 2 -10.21 -3.60 14.67
CA HIS A 2 -10.26 -2.40 13.83
C HIS A 2 -8.91 -1.66 13.81
N MET A 3 -7.96 -2.21 14.56
CA MET A 3 -6.63 -1.62 14.71
C MET A 3 -5.88 -2.39 15.79
N SER A 4 -6.55 -2.55 16.92
CA SER A 4 -5.98 -3.27 18.05
C SER A 4 -5.97 -4.77 17.77
N GLY A 5 -4.79 -5.38 17.86
CA GLY A 5 -4.68 -6.80 17.57
C GLY A 5 -3.95 -7.05 16.27
N ASP A 6 -3.60 -5.97 15.59
CA ASP A 6 -2.89 -6.05 14.32
C ASP A 6 -1.66 -5.16 14.37
N ASN A 7 -0.73 -5.41 13.45
CA ASN A 7 0.51 -4.65 13.38
C ASN A 7 0.43 -3.61 12.27
N GLY A 8 -0.78 -3.12 12.01
CA GLY A 8 -0.98 -2.22 10.89
C GLY A 8 -0.80 -2.94 9.58
N GLY A 9 -1.07 -4.24 9.59
CA GLY A 9 -0.86 -5.07 8.43
C GLY A 9 -0.61 -6.52 8.83
N GLY A 10 0.65 -6.86 9.06
CA GLY A 10 0.99 -8.21 9.47
C GLY A 10 1.76 -8.95 8.42
N GLU A 11 1.06 -9.35 7.38
CA GLU A 11 1.69 -10.01 6.25
C GLU A 11 2.20 -8.96 5.27
N ARG A 12 3.46 -9.08 4.89
CA ARG A 12 4.06 -8.10 4.00
C ARG A 12 4.24 -8.68 2.62
N ARG A 13 4.04 -7.84 1.62
CA ARG A 13 4.14 -8.26 0.24
C ARG A 13 4.73 -7.12 -0.59
N LYS A 14 5.09 -7.43 -1.83
CA LYS A 14 5.64 -6.44 -2.73
C LYS A 14 4.80 -6.38 -3.97
N GLY A 15 4.92 -5.30 -4.71
CA GLY A 15 4.21 -5.21 -5.97
C GLY A 15 4.54 -3.96 -6.72
N SER A 16 3.68 -3.66 -7.67
CA SER A 16 3.80 -2.48 -8.46
C SER A 16 2.42 -1.92 -8.70
N VAL A 17 2.29 -0.64 -8.50
CA VAL A 17 1.04 0.06 -8.62
C VAL A 17 0.44 -0.18 -9.99
N LYS A 18 -0.84 -0.47 -10.01
CA LYS A 18 -1.57 -0.64 -11.25
C LYS A 18 -2.08 0.73 -11.67
N TRP A 19 -2.55 1.50 -10.68
CA TRP A 19 -2.85 2.91 -10.86
C TRP A 19 -3.31 3.52 -9.54
N PHE A 20 -2.98 4.79 -9.35
CA PHE A 20 -3.40 5.54 -8.18
C PHE A 20 -4.21 6.75 -8.62
N ASP A 21 -5.46 6.82 -8.21
CA ASP A 21 -6.32 7.91 -8.64
C ASP A 21 -6.99 8.58 -7.45
N THR A 22 -6.76 9.87 -7.30
CA THR A 22 -7.38 10.65 -6.24
C THR A 22 -8.80 11.07 -6.63
N GLN A 23 -9.11 10.96 -7.93
CA GLN A 23 -10.43 11.34 -8.42
C GLN A 23 -11.43 10.22 -8.13
N LYS A 24 -11.04 9.00 -8.49
CA LYS A 24 -11.83 7.83 -8.19
C LYS A 24 -11.83 7.59 -6.69
N GLY A 25 -10.71 7.95 -6.10
CA GLY A 25 -10.56 7.82 -4.67
C GLY A 25 -10.05 6.46 -4.30
N PHE A 26 -9.52 5.75 -5.28
CA PHE A 26 -8.96 4.44 -5.04
C PHE A 26 -7.87 4.11 -6.04
N GLY A 27 -6.98 3.22 -5.64
CA GLY A 27 -5.93 2.74 -6.51
C GLY A 27 -5.73 1.26 -6.33
N PHE A 28 -4.88 0.67 -7.15
CA PHE A 28 -4.60 -0.76 -7.04
C PHE A 28 -3.11 -1.02 -7.18
N ILE A 29 -2.65 -2.00 -6.44
CA ILE A 29 -1.27 -2.46 -6.55
C ILE A 29 -1.26 -3.90 -7.01
N THR A 30 -0.49 -4.19 -8.03
CA THR A 30 -0.31 -5.55 -8.50
C THR A 30 0.84 -6.19 -7.72
N PRO A 31 0.53 -7.09 -6.78
CA PRO A 31 1.56 -7.69 -5.93
C PRO A 31 2.46 -8.64 -6.70
N ASP A 32 3.76 -8.36 -6.61
CA ASP A 32 4.78 -9.19 -7.24
C ASP A 32 4.95 -10.47 -6.43
N ASP A 33 4.45 -10.43 -5.21
CA ASP A 33 4.60 -11.52 -4.25
C ASP A 33 3.44 -12.50 -4.39
N GLY A 34 2.71 -12.37 -5.48
CA GLY A 34 1.59 -13.24 -5.74
C GLY A 34 0.29 -12.62 -5.29
N GLY A 35 -0.81 -13.05 -5.88
CA GLY A 35 -2.10 -12.50 -5.56
C GLY A 35 -2.60 -11.59 -6.65
N ASP A 36 -3.82 -11.10 -6.50
CA ASP A 36 -4.40 -10.17 -7.45
C ASP A 36 -4.22 -8.75 -6.94
N ASP A 37 -4.67 -7.77 -7.71
CA ASP A 37 -4.44 -6.36 -7.38
C ASP A 37 -5.03 -6.00 -6.04
N LEU A 38 -4.25 -5.28 -5.25
CA LEU A 38 -4.64 -4.86 -3.92
C LEU A 38 -4.97 -3.37 -3.92
N PHE A 39 -6.14 -3.05 -3.41
CA PHE A 39 -6.61 -1.67 -3.34
C PHE A 39 -5.72 -0.83 -2.43
N VAL A 40 -5.32 0.32 -2.93
CA VAL A 40 -4.49 1.22 -2.17
C VAL A 40 -4.92 2.66 -2.39
N HIS A 41 -4.92 3.45 -1.33
CA HIS A 41 -5.15 4.86 -1.48
C HIS A 41 -4.33 5.66 -0.47
N GLN A 42 -4.45 6.99 -0.51
CA GLN A 42 -3.55 7.89 0.20
C GLN A 42 -3.40 7.52 1.69
N SER A 43 -4.47 7.05 2.29
CA SER A 43 -4.48 6.79 3.73
C SER A 43 -3.70 5.50 4.04
N SER A 44 -3.31 4.79 3.00
CA SER A 44 -2.59 3.55 3.16
C SER A 44 -1.12 3.70 2.76
N ILE A 45 -0.70 4.93 2.49
CA ILE A 45 0.67 5.16 2.05
C ILE A 45 1.56 5.46 3.26
N ARG A 46 2.76 4.90 3.25
CA ARG A 46 3.68 4.95 4.39
C ARG A 46 4.16 6.37 4.71
N SER A 47 3.89 7.30 3.82
CA SER A 47 4.48 8.63 3.88
C SER A 47 4.18 9.32 5.20
N GLU A 48 5.16 10.09 5.64
CA GLU A 48 5.08 10.85 6.87
C GLU A 48 4.10 12.01 6.74
N GLY A 49 3.84 12.43 5.52
CA GLY A 49 2.94 13.55 5.31
C GLY A 49 2.19 13.46 3.99
N PHE A 50 2.88 13.78 2.90
CA PHE A 50 2.28 13.75 1.58
C PHE A 50 2.11 12.32 1.11
N ARG A 51 0.87 11.88 0.93
CA ARG A 51 0.59 10.48 0.68
C ARG A 51 -0.06 10.29 -0.67
N SER A 52 0.73 9.82 -1.61
CA SER A 52 0.26 9.55 -2.95
C SER A 52 1.16 8.53 -3.61
N LEU A 53 0.61 7.77 -4.53
CA LEU A 53 1.36 6.78 -5.26
C LEU A 53 1.39 7.12 -6.73
N ALA A 54 2.46 6.73 -7.40
CA ALA A 54 2.57 6.87 -8.83
C ALA A 54 2.10 5.59 -9.49
N ALA A 55 1.28 5.77 -10.50
CA ALA A 55 0.55 4.68 -11.15
C ALA A 55 1.43 3.50 -11.54
N GLU A 56 2.58 3.76 -12.12
CA GLU A 56 3.46 2.67 -12.59
C GLU A 56 4.48 2.24 -11.55
N GLU A 57 4.43 2.83 -10.36
CA GLU A 57 5.49 2.70 -9.38
C GLU A 57 5.54 1.30 -8.77
N ALA A 58 6.72 0.86 -8.38
CA ALA A 58 6.87 -0.40 -7.66
C ALA A 58 6.90 -0.12 -6.16
N VAL A 59 6.38 -1.03 -5.35
CA VAL A 59 6.14 -0.76 -3.94
C VAL A 59 6.27 -2.01 -3.06
N GLU A 60 6.38 -1.77 -1.76
CA GLU A 60 6.32 -2.81 -0.74
C GLU A 60 5.27 -2.40 0.28
N PHE A 61 4.53 -3.35 0.79
CA PHE A 61 3.35 -3.06 1.59
C PHE A 61 2.97 -4.23 2.47
N GLU A 62 1.95 -4.02 3.29
CA GLU A 62 1.35 -5.08 4.05
C GLU A 62 -0.02 -5.36 3.47
N VAL A 63 -0.56 -6.52 3.79
CA VAL A 63 -1.86 -6.90 3.26
C VAL A 63 -2.96 -6.75 4.31
N GLU A 64 -4.05 -6.16 3.88
CA GLU A 64 -5.26 -6.05 4.70
C GLU A 64 -6.46 -6.38 3.82
N ILE A 65 -7.39 -7.15 4.32
CA ILE A 65 -8.55 -7.49 3.52
C ILE A 65 -9.76 -6.64 3.90
N ASP A 66 -10.31 -5.97 2.91
CA ASP A 66 -11.47 -5.11 3.09
C ASP A 66 -12.72 -5.95 3.35
N ASN A 67 -13.75 -5.33 3.93
CA ASN A 67 -14.96 -6.03 4.36
C ASN A 67 -15.79 -6.53 3.18
N ASN A 68 -15.33 -6.22 1.98
CA ASN A 68 -15.97 -6.70 0.76
C ASN A 68 -15.07 -7.77 0.13
N ASN A 69 -14.30 -8.42 1.01
CA ASN A 69 -13.37 -9.51 0.66
C ASN A 69 -12.41 -9.12 -0.46
N ARG A 70 -12.18 -7.83 -0.60
CA ARG A 70 -11.20 -7.32 -1.53
C ARG A 70 -9.93 -6.98 -0.77
N PRO A 71 -8.84 -7.71 -0.99
CA PRO A 71 -7.58 -7.43 -0.32
C PRO A 71 -7.00 -6.10 -0.77
N LYS A 72 -6.42 -5.40 0.17
CA LYS A 72 -5.91 -4.07 -0.06
C LYS A 72 -4.50 -3.96 0.47
N ALA A 73 -3.74 -3.06 -0.12
CA ALA A 73 -2.36 -2.88 0.25
C ALA A 73 -2.17 -1.60 1.05
N ILE A 74 -1.48 -1.71 2.17
CA ILE A 74 -1.27 -0.56 3.04
C ILE A 74 0.19 -0.52 3.51
N ASP A 75 0.57 0.62 4.09
CA ASP A 75 1.94 0.88 4.54
C ASP A 75 2.85 0.85 3.32
N VAL A 76 2.32 1.38 2.25
CA VAL A 76 2.99 1.30 0.96
C VAL A 76 4.27 2.10 0.96
N SER A 77 5.36 1.40 0.71
CA SER A 77 6.68 1.99 0.69
C SER A 77 7.35 1.60 -0.63
N GLY A 78 8.61 1.97 -0.83
CA GLY A 78 9.32 1.54 -2.02
C GLY A 78 9.46 0.02 -2.05
N PRO A 79 9.75 -0.58 -3.23
CA PRO A 79 9.87 -2.04 -3.37
C PRO A 79 10.90 -2.66 -2.43
N ASP A 80 11.93 -1.90 -2.08
CA ASP A 80 12.98 -2.38 -1.18
C ASP A 80 12.62 -2.03 0.25
N GLY A 81 11.46 -1.44 0.43
CA GLY A 81 11.03 -1.03 1.74
C GLY A 81 11.59 0.32 2.11
N ALA A 82 11.95 1.09 1.10
CA ALA A 82 12.50 2.43 1.30
C ALA A 82 11.47 3.34 1.97
N PRO A 83 11.74 3.74 3.23
CA PRO A 83 10.84 4.58 3.98
C PRO A 83 11.30 6.04 4.04
N VAL A 84 11.09 6.76 2.96
CA VAL A 84 11.44 8.16 2.92
C VAL A 84 10.26 8.98 3.41
N GLN A 85 10.49 10.22 3.78
CA GLN A 85 9.42 11.07 4.28
C GLN A 85 8.32 11.19 3.22
N GLY A 86 8.73 11.23 1.97
CA GLY A 86 7.79 11.30 0.87
C GLY A 86 7.49 9.94 0.27
N ASN A 87 7.13 8.97 1.12
CA ASN A 87 6.70 7.63 0.69
C ASN A 87 7.86 6.78 0.17
N SER A 88 8.26 7.01 -1.08
CA SER A 88 9.24 6.16 -1.74
C SER A 88 10.27 6.99 -2.51
N GLY A 89 9.78 7.74 -3.48
CA GLY A 89 10.65 8.60 -4.24
C GLY A 89 9.93 9.84 -4.72
N GLY A 90 9.96 10.07 -6.03
CA GLY A 90 9.33 11.24 -6.58
C GLY A 90 10.22 12.46 -6.45
N GLY A 91 11.52 12.21 -6.42
CA GLY A 91 12.49 13.29 -6.31
C GLY A 91 13.86 12.87 -6.81
N SER A 92 14.43 11.85 -6.20
CA SER A 92 15.71 11.32 -6.65
C SER A 92 15.47 10.22 -7.68
N GLY A 1 -4.73 -20.62 12.41
CA GLY A 1 -6.03 -19.92 12.53
C GLY A 1 -6.00 -18.55 11.87
N HIS A 2 -6.93 -17.69 12.25
CA HIS A 2 -6.98 -16.34 11.71
C HIS A 2 -6.17 -15.39 12.58
N MET A 3 -5.98 -15.78 13.83
CA MET A 3 -5.18 -15.00 14.76
C MET A 3 -3.73 -15.50 14.74
N SER A 4 -3.56 -16.77 15.04
CA SER A 4 -2.23 -17.37 15.02
C SER A 4 -1.96 -18.01 13.65
N GLY A 5 -0.84 -17.65 13.05
CA GLY A 5 -0.53 -18.13 11.71
C GLY A 5 0.00 -17.01 10.84
N ASP A 6 -0.46 -15.80 11.13
CA ASP A 6 0.02 -14.60 10.44
C ASP A 6 0.46 -13.59 11.49
N ASN A 7 0.80 -12.37 11.08
CA ASN A 7 1.14 -11.33 12.03
C ASN A 7 -0.12 -10.85 12.75
N GLY A 8 -1.28 -11.11 12.15
CA GLY A 8 -2.54 -10.79 12.77
C GLY A 8 -3.19 -9.54 12.20
N GLY A 9 -2.60 -8.99 11.14
CA GLY A 9 -3.16 -7.80 10.53
C GLY A 9 -3.03 -7.82 9.03
N GLY A 10 -1.79 -7.77 8.55
CA GLY A 10 -1.54 -7.77 7.13
C GLY A 10 -0.26 -8.48 6.79
N GLU A 11 -0.38 -9.51 5.97
CA GLU A 11 0.77 -10.28 5.53
C GLU A 11 1.60 -9.43 4.55
N ARG A 12 2.91 -9.43 4.74
CA ARG A 12 3.76 -8.55 3.95
C ARG A 12 3.98 -9.13 2.55
N ARG A 13 3.81 -8.26 1.57
CA ARG A 13 3.87 -8.63 0.17
C ARG A 13 4.54 -7.50 -0.60
N LYS A 14 4.77 -7.68 -1.88
CA LYS A 14 5.44 -6.66 -2.68
C LYS A 14 4.77 -6.59 -4.03
N GLY A 15 4.94 -5.47 -4.72
CA GLY A 15 4.34 -5.35 -6.04
C GLY A 15 4.73 -4.09 -6.76
N SER A 16 3.89 -3.72 -7.70
CA SER A 16 4.04 -2.53 -8.47
C SER A 16 2.68 -1.91 -8.70
N VAL A 17 2.60 -0.62 -8.46
CA VAL A 17 1.35 0.10 -8.53
C VAL A 17 0.71 -0.08 -9.90
N LYS A 18 -0.58 -0.35 -9.88
CA LYS A 18 -1.35 -0.47 -11.09
C LYS A 18 -1.81 0.91 -11.52
N TRP A 19 -2.25 1.69 -10.53
CA TRP A 19 -2.48 3.12 -10.71
C TRP A 19 -2.94 3.73 -9.39
N PHE A 20 -2.54 4.97 -9.19
CA PHE A 20 -2.99 5.76 -8.05
C PHE A 20 -3.79 6.94 -8.56
N ASP A 21 -5.07 6.96 -8.24
CA ASP A 21 -5.94 8.02 -8.74
C ASP A 21 -6.61 8.75 -7.59
N THR A 22 -6.29 10.01 -7.44
CA THR A 22 -6.89 10.85 -6.41
C THR A 22 -8.25 11.38 -6.87
N GLN A 23 -8.49 11.32 -8.16
CA GLN A 23 -9.76 11.79 -8.73
C GLN A 23 -10.83 10.72 -8.55
N LYS A 24 -10.45 9.49 -8.89
CA LYS A 24 -11.32 8.34 -8.71
C LYS A 24 -11.51 8.07 -7.24
N GLY A 25 -10.43 8.33 -6.51
CA GLY A 25 -10.43 8.15 -5.08
C GLY A 25 -10.03 6.75 -4.69
N PHE A 26 -9.43 6.03 -5.63
CA PHE A 26 -8.92 4.70 -5.36
C PHE A 26 -7.77 4.34 -6.27
N GLY A 27 -6.94 3.42 -5.81
CA GLY A 27 -5.82 2.95 -6.60
C GLY A 27 -5.63 1.47 -6.41
N PHE A 28 -4.73 0.87 -7.17
CA PHE A 28 -4.49 -0.56 -7.08
C PHE A 28 -3.01 -0.87 -7.21
N ILE A 29 -2.59 -1.96 -6.58
CA ILE A 29 -1.24 -2.45 -6.68
C ILE A 29 -1.22 -3.84 -7.29
N THR A 30 -0.34 -4.04 -8.26
CA THR A 30 -0.13 -5.36 -8.82
C THR A 30 0.96 -6.06 -8.02
N PRO A 31 0.59 -7.04 -7.19
CA PRO A 31 1.54 -7.70 -6.30
C PRO A 31 2.49 -8.64 -7.04
N ASP A 32 3.77 -8.40 -6.84
CA ASP A 32 4.83 -9.25 -7.37
C ASP A 32 4.90 -10.53 -6.57
N ASP A 33 4.45 -10.44 -5.32
CA ASP A 33 4.63 -11.51 -4.36
C ASP A 33 3.38 -12.36 -4.25
N GLY A 34 2.57 -12.33 -5.30
CA GLY A 34 1.38 -13.15 -5.35
C GLY A 34 0.13 -12.40 -4.97
N GLY A 35 -0.99 -12.75 -5.59
CA GLY A 35 -2.24 -12.10 -5.31
C GLY A 35 -2.78 -11.36 -6.51
N ASP A 36 -3.93 -10.73 -6.33
CA ASP A 36 -4.53 -9.92 -7.39
C ASP A 36 -4.24 -8.47 -7.11
N ASP A 37 -4.61 -7.59 -8.03
CA ASP A 37 -4.43 -6.16 -7.84
C ASP A 37 -5.14 -5.72 -6.56
N LEU A 38 -4.39 -5.09 -5.68
CA LEU A 38 -4.88 -4.76 -4.35
C LEU A 38 -5.13 -3.26 -4.22
N PHE A 39 -6.27 -2.92 -3.63
CA PHE A 39 -6.69 -1.54 -3.49
C PHE A 39 -5.76 -0.76 -2.57
N VAL A 40 -5.34 0.41 -3.05
CA VAL A 40 -4.53 1.33 -2.27
C VAL A 40 -4.94 2.76 -2.54
N HIS A 41 -5.04 3.54 -1.50
CA HIS A 41 -5.25 4.96 -1.64
C HIS A 41 -4.47 5.69 -0.57
N GLN A 42 -4.58 7.01 -0.55
CA GLN A 42 -3.75 7.85 0.31
C GLN A 42 -3.68 7.31 1.75
N SER A 43 -4.79 6.81 2.25
CA SER A 43 -4.86 6.37 3.65
C SER A 43 -4.18 5.02 3.84
N SER A 44 -3.71 4.43 2.75
CA SER A 44 -3.03 3.15 2.80
C SER A 44 -1.54 3.32 2.60
N ILE A 45 -1.08 4.55 2.50
CA ILE A 45 0.32 4.83 2.22
C ILE A 45 1.11 4.89 3.52
N ARG A 46 2.35 4.40 3.47
CA ARG A 46 3.23 4.27 4.64
C ARG A 46 3.45 5.61 5.35
N SER A 47 3.07 6.69 4.68
CA SER A 47 3.30 8.03 5.18
C SER A 47 2.20 8.45 6.14
N GLU A 48 2.60 9.20 7.14
CA GLU A 48 1.66 9.72 8.13
C GLU A 48 1.38 11.19 7.87
N GLY A 49 1.89 11.71 6.75
CA GLY A 49 1.61 13.07 6.35
C GLY A 49 1.24 13.16 4.88
N PHE A 50 2.23 13.33 4.03
CA PHE A 50 2.00 13.38 2.59
C PHE A 50 1.81 11.97 2.06
N ARG A 51 0.64 11.69 1.49
CA ARG A 51 0.30 10.35 1.09
C ARG A 51 -0.17 10.31 -0.36
N SER A 52 0.74 9.96 -1.24
CA SER A 52 0.42 9.85 -2.65
C SER A 52 1.34 8.81 -3.28
N LEU A 53 0.87 8.22 -4.37
CA LEU A 53 1.61 7.17 -5.04
C LEU A 53 1.76 7.46 -6.52
N ALA A 54 2.80 6.91 -7.10
CA ALA A 54 3.00 6.95 -8.54
C ALA A 54 2.48 5.66 -9.15
N ALA A 55 1.69 5.84 -10.20
CA ALA A 55 1.00 4.75 -10.88
C ALA A 55 1.95 3.64 -11.31
N GLU A 56 3.11 3.99 -11.83
CA GLU A 56 4.06 3.00 -12.32
C GLU A 56 5.04 2.54 -11.25
N GLU A 57 4.88 3.04 -10.03
CA GLU A 57 5.86 2.83 -8.98
C GLU A 57 5.82 1.41 -8.45
N ALA A 58 6.94 0.92 -7.97
CA ALA A 58 6.98 -0.38 -7.33
C ALA A 58 6.85 -0.20 -5.81
N VAL A 59 6.41 -1.24 -5.10
CA VAL A 59 6.02 -1.08 -3.72
C VAL A 59 6.26 -2.33 -2.88
N GLU A 60 6.58 -2.11 -1.60
CA GLU A 60 6.52 -3.16 -0.60
C GLU A 60 5.43 -2.77 0.39
N PHE A 61 4.59 -3.72 0.72
CA PHE A 61 3.37 -3.44 1.46
C PHE A 61 2.94 -4.65 2.26
N GLU A 62 1.87 -4.49 2.99
CA GLU A 62 1.19 -5.60 3.61
C GLU A 62 -0.20 -5.70 3.03
N VAL A 63 -0.71 -6.90 2.92
CA VAL A 63 -2.04 -7.10 2.38
C VAL A 63 -3.04 -7.38 3.49
N GLU A 64 -4.10 -6.60 3.50
CA GLU A 64 -5.15 -6.70 4.48
C GLU A 64 -6.47 -6.92 3.77
N ILE A 65 -7.28 -7.84 4.26
CA ILE A 65 -8.55 -8.10 3.63
C ILE A 65 -9.68 -7.33 4.31
N ASP A 66 -10.32 -6.49 3.51
CA ASP A 66 -11.38 -5.61 3.99
C ASP A 66 -12.64 -6.44 4.30
N ASN A 67 -13.59 -5.82 5.01
CA ASN A 67 -14.80 -6.50 5.48
C ASN A 67 -15.73 -6.89 4.34
N ASN A 68 -15.34 -6.53 3.13
CA ASN A 68 -16.08 -6.91 1.94
C ASN A 68 -15.38 -8.09 1.25
N ASN A 69 -14.39 -8.63 1.96
CA ASN A 69 -13.58 -9.77 1.49
C ASN A 69 -12.75 -9.39 0.26
N ARG A 70 -12.64 -8.09 0.02
CA ARG A 70 -11.80 -7.60 -1.05
C ARG A 70 -10.45 -7.21 -0.47
N PRO A 71 -9.38 -7.91 -0.85
CA PRO A 71 -8.06 -7.66 -0.28
C PRO A 71 -7.47 -6.35 -0.78
N LYS A 72 -6.83 -5.65 0.13
CA LYS A 72 -6.24 -4.36 -0.15
C LYS A 72 -4.80 -4.33 0.35
N ALA A 73 -4.01 -3.44 -0.21
CA ALA A 73 -2.63 -3.29 0.24
C ALA A 73 -2.49 -2.05 1.09
N ILE A 74 -1.69 -2.14 2.15
CA ILE A 74 -1.48 -1.01 3.03
C ILE A 74 -0.02 -0.91 3.43
N ASP A 75 0.33 0.24 3.98
CA ASP A 75 1.71 0.53 4.39
C ASP A 75 2.59 0.55 3.16
N VAL A 76 2.02 1.08 2.09
CA VAL A 76 2.68 1.12 0.80
C VAL A 76 3.98 1.89 0.87
N SER A 77 5.07 1.22 0.56
CA SER A 77 6.38 1.83 0.58
C SER A 77 7.13 1.41 -0.68
N GLY A 78 8.36 1.84 -0.86
CA GLY A 78 9.14 1.35 -1.98
C GLY A 78 9.39 -0.15 -1.88
N PRO A 79 9.75 -0.81 -2.99
CA PRO A 79 10.05 -2.27 -3.01
C PRO A 79 11.10 -2.69 -1.98
N ASP A 80 11.94 -1.75 -1.55
CA ASP A 80 12.96 -2.01 -0.55
C ASP A 80 12.41 -1.74 0.84
N GLY A 81 11.18 -1.28 0.89
CA GLY A 81 10.59 -0.83 2.14
C GLY A 81 10.95 0.62 2.38
N ALA A 82 11.45 1.26 1.33
CA ALA A 82 11.93 2.61 1.40
C ALA A 82 10.79 3.61 1.46
N PRO A 83 10.81 4.50 2.45
CA PRO A 83 9.87 5.59 2.55
C PRO A 83 10.41 6.85 1.90
N VAL A 84 9.50 7.68 1.41
CA VAL A 84 9.86 8.93 0.77
C VAL A 84 10.04 10.02 1.82
N GLN A 85 10.66 11.12 1.46
CA GLN A 85 10.87 12.24 2.39
C GLN A 85 9.56 12.61 3.09
N GLY A 86 8.48 12.54 2.34
CA GLY A 86 7.17 12.81 2.88
C GLY A 86 6.53 11.60 3.54
N ASN A 87 7.32 10.88 4.34
CA ASN A 87 6.81 9.73 5.09
C ASN A 87 6.21 10.20 6.41
N SER A 88 7.07 10.61 7.33
CA SER A 88 6.63 11.12 8.62
C SER A 88 7.22 12.49 8.85
N GLY A 89 7.60 13.13 7.76
CA GLY A 89 8.18 14.46 7.82
C GLY A 89 8.23 15.09 6.44
N GLY A 90 9.18 15.98 6.23
CA GLY A 90 9.34 16.60 4.93
C GLY A 90 10.69 16.27 4.31
N GLY A 91 11.57 15.67 5.10
CA GLY A 91 12.89 15.33 4.63
C GLY A 91 13.92 16.37 5.02
N SER A 92 13.63 17.63 4.72
CA SER A 92 14.52 18.71 5.09
C SER A 92 13.86 19.56 6.18
N GLY A 1 -9.31 2.51 16.59
CA GLY A 1 -10.20 2.52 15.40
C GLY A 1 -10.99 1.23 15.29
N HIS A 2 -12.06 1.25 14.50
CA HIS A 2 -12.89 0.07 14.30
C HIS A 2 -12.13 -0.96 13.47
N MET A 3 -11.36 -0.48 12.49
CA MET A 3 -10.49 -1.35 11.73
C MET A 3 -9.38 -1.88 12.63
N SER A 4 -9.21 -3.19 12.65
CA SER A 4 -8.23 -3.81 13.52
C SER A 4 -8.08 -5.29 13.18
N GLY A 5 -7.11 -5.95 13.79
CA GLY A 5 -6.88 -7.36 13.53
C GLY A 5 -5.42 -7.69 13.45
N ASP A 6 -4.66 -6.82 12.78
CA ASP A 6 -3.24 -7.03 12.58
C ASP A 6 -2.46 -5.81 13.07
N ASN A 7 -1.14 -5.91 12.95
CA ASN A 7 -0.24 -4.85 13.43
C ASN A 7 -0.21 -3.65 12.50
N GLY A 8 -1.30 -3.45 11.76
CA GLY A 8 -1.34 -2.40 10.77
C GLY A 8 -1.19 -2.97 9.37
N GLY A 9 -0.96 -4.27 9.31
CA GLY A 9 -0.82 -4.95 8.04
C GLY A 9 -0.93 -6.45 8.20
N GLY A 10 0.10 -7.05 8.79
CA GLY A 10 0.09 -8.48 9.03
C GLY A 10 0.92 -9.23 8.01
N GLU A 11 0.30 -9.55 6.90
CA GLU A 11 0.99 -10.22 5.81
C GLU A 11 1.77 -9.20 4.99
N ARG A 12 2.95 -9.55 4.53
CA ARG A 12 3.77 -8.61 3.76
C ARG A 12 3.90 -9.07 2.32
N ARG A 13 3.96 -8.12 1.41
CA ARG A 13 4.06 -8.41 -0.02
C ARG A 13 4.79 -7.30 -0.76
N LYS A 14 5.05 -7.53 -2.04
CA LYS A 14 5.74 -6.57 -2.88
C LYS A 14 5.03 -6.51 -4.21
N GLY A 15 5.16 -5.41 -4.91
CA GLY A 15 4.53 -5.29 -6.20
C GLY A 15 4.80 -3.99 -6.88
N SER A 16 3.95 -3.67 -7.83
CA SER A 16 4.04 -2.43 -8.56
C SER A 16 2.65 -1.88 -8.79
N VAL A 17 2.53 -0.59 -8.61
CA VAL A 17 1.28 0.11 -8.71
C VAL A 17 0.70 -0.04 -10.11
N LYS A 18 -0.58 -0.34 -10.16
CA LYS A 18 -1.30 -0.40 -11.42
C LYS A 18 -1.69 1.02 -11.80
N TRP A 19 -2.21 1.74 -10.81
CA TRP A 19 -2.49 3.15 -10.93
C TRP A 19 -3.02 3.70 -9.62
N PHE A 20 -2.59 4.90 -9.30
CA PHE A 20 -3.09 5.62 -8.15
C PHE A 20 -3.94 6.78 -8.66
N ASP A 21 -5.25 6.65 -8.53
CA ASP A 21 -6.12 7.66 -9.08
C ASP A 21 -6.79 8.47 -7.98
N THR A 22 -6.51 9.76 -8.00
CA THR A 22 -7.07 10.68 -7.02
C THR A 22 -8.49 11.11 -7.43
N GLN A 23 -8.82 10.85 -8.70
CA GLN A 23 -10.13 11.20 -9.24
C GLN A 23 -11.14 10.12 -8.91
N LYS A 24 -10.74 8.88 -9.16
CA LYS A 24 -11.56 7.71 -8.86
C LYS A 24 -11.67 7.56 -7.36
N GLY A 25 -10.59 7.92 -6.70
CA GLY A 25 -10.51 7.82 -5.27
C GLY A 25 -10.03 6.47 -4.84
N PHE A 26 -9.50 5.71 -5.78
CA PHE A 26 -8.94 4.40 -5.48
C PHE A 26 -7.80 4.07 -6.43
N GLY A 27 -6.93 3.18 -5.98
CA GLY A 27 -5.85 2.72 -6.81
C GLY A 27 -5.62 1.24 -6.63
N PHE A 28 -4.73 0.66 -7.41
CA PHE A 28 -4.45 -0.76 -7.32
C PHE A 28 -2.96 -1.03 -7.43
N ILE A 29 -2.52 -2.05 -6.73
CA ILE A 29 -1.15 -2.51 -6.82
C ILE A 29 -1.11 -3.93 -7.35
N THR A 30 -0.28 -4.17 -8.33
CA THR A 30 -0.06 -5.51 -8.83
C THR A 30 1.08 -6.16 -8.04
N PRO A 31 0.77 -7.11 -7.15
CA PRO A 31 1.78 -7.74 -6.31
C PRO A 31 2.70 -8.66 -7.12
N ASP A 32 4.00 -8.41 -6.98
CA ASP A 32 5.03 -9.22 -7.64
C ASP A 32 5.10 -10.57 -6.96
N ASP A 33 4.54 -10.62 -5.77
CA ASP A 33 4.57 -11.82 -4.94
C ASP A 33 3.41 -12.74 -5.33
N GLY A 34 2.62 -12.30 -6.29
CA GLY A 34 1.50 -13.08 -6.76
C GLY A 34 0.21 -12.69 -6.07
N GLY A 35 -0.90 -13.29 -6.50
CA GLY A 35 -2.18 -12.99 -5.90
C GLY A 35 -3.03 -12.11 -6.77
N ASP A 36 -3.86 -11.28 -6.14
CA ASP A 36 -4.74 -10.38 -6.85
C ASP A 36 -4.23 -8.95 -6.72
N ASP A 37 -4.57 -8.11 -7.70
CA ASP A 37 -4.27 -6.70 -7.63
C ASP A 37 -4.96 -6.10 -6.42
N LEU A 38 -4.21 -5.36 -5.63
CA LEU A 38 -4.67 -4.93 -4.33
C LEU A 38 -4.98 -3.45 -4.32
N PHE A 39 -6.13 -3.11 -3.74
CA PHE A 39 -6.59 -1.73 -3.67
C PHE A 39 -5.69 -0.90 -2.76
N VAL A 40 -5.27 0.25 -3.26
CA VAL A 40 -4.44 1.15 -2.51
C VAL A 40 -4.85 2.60 -2.73
N HIS A 41 -4.98 3.34 -1.65
CA HIS A 41 -5.21 4.77 -1.76
C HIS A 41 -4.50 5.51 -0.64
N GLN A 42 -4.63 6.83 -0.64
CA GLN A 42 -3.87 7.72 0.23
C GLN A 42 -3.86 7.26 1.68
N SER A 43 -4.99 6.78 2.16
CA SER A 43 -5.15 6.47 3.58
C SER A 43 -4.28 5.29 3.99
N SER A 44 -3.76 4.57 3.01
CA SER A 44 -2.97 3.38 3.26
C SER A 44 -1.51 3.56 2.85
N ILE A 45 -1.09 4.80 2.66
CA ILE A 45 0.27 5.07 2.21
C ILE A 45 1.24 5.28 3.39
N ARG A 46 2.49 4.85 3.17
CA ARG A 46 3.58 4.88 4.18
C ARG A 46 3.49 6.06 5.15
N SER A 47 3.27 7.23 4.61
CA SER A 47 3.37 8.46 5.36
C SER A 47 2.08 8.79 6.08
N GLU A 48 2.20 9.45 7.21
CA GLU A 48 1.06 9.80 8.04
C GLU A 48 0.60 11.22 7.79
N GLY A 49 1.25 11.91 6.86
CA GLY A 49 0.86 13.26 6.51
C GLY A 49 0.58 13.40 5.03
N PHE A 50 1.65 13.49 4.24
CA PHE A 50 1.52 13.52 2.80
C PHE A 50 1.34 12.11 2.28
N ARG A 51 0.28 11.87 1.52
CA ARG A 51 -0.07 10.52 1.12
C ARG A 51 -0.49 10.47 -0.35
N SER A 52 0.34 9.85 -1.17
CA SER A 52 0.03 9.63 -2.56
C SER A 52 0.94 8.55 -3.14
N LEU A 53 0.54 8.00 -4.27
CA LEU A 53 1.33 7.00 -4.96
C LEU A 53 1.47 7.36 -6.42
N ALA A 54 2.53 6.88 -7.04
CA ALA A 54 2.70 7.02 -8.47
C ALA A 54 2.26 5.76 -9.17
N ALA A 55 1.47 5.97 -10.21
CA ALA A 55 0.79 4.92 -10.95
C ALA A 55 1.71 3.80 -11.41
N GLU A 56 2.85 4.15 -11.96
CA GLU A 56 3.77 3.17 -12.52
C GLU A 56 4.80 2.68 -11.51
N GLU A 57 4.68 3.14 -10.28
CA GLU A 57 5.72 2.92 -9.28
C GLU A 57 5.70 1.50 -8.73
N ALA A 58 6.83 1.06 -8.22
CA ALA A 58 6.90 -0.22 -7.54
C ALA A 58 6.81 0.00 -6.04
N VAL A 59 6.39 -1.01 -5.29
CA VAL A 59 6.07 -0.83 -3.89
C VAL A 59 6.30 -2.10 -3.07
N GLU A 60 6.66 -1.91 -1.81
CA GLU A 60 6.62 -2.96 -0.82
C GLU A 60 5.56 -2.58 0.20
N PHE A 61 4.73 -3.52 0.56
CA PHE A 61 3.52 -3.23 1.31
C PHE A 61 3.10 -4.42 2.14
N GLU A 62 2.07 -4.20 2.92
CA GLU A 62 1.45 -5.27 3.68
C GLU A 62 0.10 -5.56 3.06
N VAL A 63 -0.46 -6.70 3.38
CA VAL A 63 -1.78 -7.07 2.87
C VAL A 63 -2.81 -7.04 3.97
N GLU A 64 -3.82 -6.22 3.77
CA GLU A 64 -4.93 -6.12 4.70
C GLU A 64 -6.22 -6.37 3.96
N ILE A 65 -7.09 -7.18 4.52
CA ILE A 65 -8.36 -7.43 3.89
C ILE A 65 -9.43 -6.53 4.45
N ASP A 66 -10.04 -5.76 3.56
CA ASP A 66 -11.06 -4.79 3.93
C ASP A 66 -12.33 -5.53 4.39
N ASN A 67 -13.21 -4.82 5.09
CA ASN A 67 -14.42 -5.42 5.66
C ASN A 67 -15.39 -5.88 4.57
N ASN A 68 -15.06 -5.57 3.34
CA ASN A 68 -15.84 -6.00 2.18
C ASN A 68 -15.19 -7.24 1.58
N ASN A 69 -14.39 -7.91 2.41
CA ASN A 69 -13.60 -9.10 2.06
C ASN A 69 -12.77 -8.86 0.81
N ARG A 70 -12.44 -7.61 0.56
CA ARG A 70 -11.60 -7.23 -0.55
C ARG A 70 -10.19 -6.95 -0.03
N PRO A 71 -9.21 -7.78 -0.39
CA PRO A 71 -7.83 -7.57 0.03
C PRO A 71 -7.22 -6.32 -0.62
N LYS A 72 -6.52 -5.55 0.20
CA LYS A 72 -5.98 -4.28 -0.22
C LYS A 72 -4.54 -4.14 0.29
N ALA A 73 -3.78 -3.30 -0.39
CA ALA A 73 -2.38 -3.10 -0.04
C ALA A 73 -2.19 -1.84 0.77
N ILE A 74 -1.46 -1.94 1.87
CA ILE A 74 -1.26 -0.82 2.78
C ILE A 74 0.20 -0.75 3.22
N ASP A 75 0.53 0.35 3.89
CA ASP A 75 1.90 0.61 4.36
C ASP A 75 2.82 0.68 3.17
N VAL A 76 2.29 1.27 2.12
CA VAL A 76 2.94 1.31 0.83
C VAL A 76 4.27 2.05 0.89
N SER A 77 5.34 1.33 0.60
CA SER A 77 6.67 1.89 0.62
C SER A 77 7.36 1.56 -0.69
N GLY A 78 8.59 2.00 -0.88
CA GLY A 78 9.32 1.63 -2.08
C GLY A 78 9.50 0.13 -2.18
N PRO A 79 9.81 -0.41 -3.37
CA PRO A 79 9.99 -1.85 -3.59
C PRO A 79 10.95 -2.51 -2.59
N ASP A 80 11.96 -1.77 -2.13
CA ASP A 80 12.93 -2.31 -1.19
C ASP A 80 12.43 -2.15 0.24
N GLY A 81 11.30 -1.47 0.38
CA GLY A 81 10.74 -1.21 1.67
C GLY A 81 11.21 0.11 2.23
N ALA A 82 11.63 0.99 1.34
CA ALA A 82 12.08 2.32 1.71
C ALA A 82 10.90 3.27 1.83
N PRO A 83 10.58 3.73 3.05
CA PRO A 83 9.52 4.68 3.29
C PRO A 83 10.06 6.09 3.50
N VAL A 84 9.86 6.95 2.52
CA VAL A 84 10.19 8.34 2.66
C VAL A 84 9.15 8.97 3.56
N GLN A 85 9.61 9.71 4.56
CA GLN A 85 8.72 10.31 5.55
C GLN A 85 7.83 11.36 4.88
N GLY A 86 8.31 11.90 3.78
CA GLY A 86 7.53 12.80 2.98
C GLY A 86 6.83 12.09 1.83
N ASN A 87 6.42 10.85 2.08
CA ASN A 87 5.75 10.01 1.10
C ASN A 87 6.65 9.73 -0.11
N SER A 88 6.53 10.56 -1.14
CA SER A 88 7.27 10.37 -2.37
C SER A 88 7.63 11.72 -2.98
N GLY A 89 7.85 12.71 -2.12
CA GLY A 89 8.19 14.04 -2.59
C GLY A 89 6.97 14.79 -3.09
N GLY A 90 6.54 14.47 -4.29
CA GLY A 90 5.36 15.09 -4.86
C GLY A 90 4.63 14.18 -5.80
N GLY A 91 4.33 12.98 -5.34
CA GLY A 91 3.67 11.99 -6.17
C GLY A 91 4.62 11.39 -7.18
N SER A 92 5.90 11.40 -6.85
CA SER A 92 6.93 10.89 -7.72
C SER A 92 6.95 9.37 -7.70
N GLY A 1 -10.33 -20.55 7.97
CA GLY A 1 -9.86 -19.26 7.39
C GLY A 1 -9.67 -18.21 8.45
N HIS A 2 -8.52 -17.54 8.42
CA HIS A 2 -8.23 -16.47 9.38
C HIS A 2 -7.36 -15.40 8.73
N MET A 3 -7.46 -15.30 7.42
CA MET A 3 -6.73 -14.28 6.67
C MET A 3 -7.56 -13.00 6.58
N SER A 4 -7.12 -11.97 7.27
CA SER A 4 -7.82 -10.68 7.25
C SER A 4 -6.85 -9.54 7.53
N GLY A 5 -6.03 -9.70 8.56
CA GLY A 5 -5.06 -8.68 8.91
C GLY A 5 -4.68 -8.74 10.36
N ASP A 6 -3.47 -8.32 10.70
CA ASP A 6 -3.00 -8.40 12.07
C ASP A 6 -3.15 -7.07 12.80
N ASN A 7 -2.21 -6.17 12.60
CA ASN A 7 -2.16 -4.91 13.35
C ASN A 7 -2.55 -3.73 12.47
N GLY A 8 -3.44 -3.98 11.53
CA GLY A 8 -3.73 -2.98 10.51
C GLY A 8 -3.04 -3.36 9.22
N GLY A 9 -2.51 -4.57 9.23
CA GLY A 9 -1.80 -5.11 8.10
C GLY A 9 -1.34 -6.53 8.41
N GLY A 10 -0.08 -6.68 8.76
CA GLY A 10 0.43 -7.99 9.11
C GLY A 10 1.36 -8.55 8.06
N GLU A 11 0.81 -9.41 7.21
CA GLU A 11 1.58 -10.03 6.15
C GLU A 11 2.10 -8.99 5.17
N ARG A 12 3.38 -9.04 4.88
CA ARG A 12 3.99 -8.10 3.95
C ARG A 12 4.06 -8.70 2.56
N ARG A 13 3.96 -7.83 1.58
CA ARG A 13 4.02 -8.25 0.20
C ARG A 13 4.69 -7.15 -0.62
N LYS A 14 4.91 -7.41 -1.88
CA LYS A 14 5.58 -6.48 -2.75
C LYS A 14 4.86 -6.44 -4.07
N GLY A 15 5.04 -5.37 -4.81
CA GLY A 15 4.43 -5.28 -6.11
C GLY A 15 4.77 -4.00 -6.82
N SER A 16 3.88 -3.63 -7.71
CA SER A 16 4.00 -2.40 -8.43
C SER A 16 2.61 -1.85 -8.64
N VAL A 17 2.49 -0.55 -8.45
CA VAL A 17 1.23 0.14 -8.56
C VAL A 17 0.62 -0.09 -9.93
N LYS A 18 -0.65 -0.40 -9.93
CA LYS A 18 -1.40 -0.56 -11.16
C LYS A 18 -1.92 0.79 -11.58
N TRP A 19 -2.41 1.56 -10.60
CA TRP A 19 -2.68 2.97 -10.76
C TRP A 19 -3.20 3.56 -9.46
N PHE A 20 -2.78 4.79 -9.21
CA PHE A 20 -3.25 5.55 -8.06
C PHE A 20 -4.13 6.68 -8.54
N ASP A 21 -5.42 6.60 -8.23
CA ASP A 21 -6.34 7.60 -8.71
C ASP A 21 -7.06 8.29 -7.56
N THR A 22 -6.84 9.58 -7.43
CA THR A 22 -7.49 10.39 -6.41
C THR A 22 -8.92 10.74 -6.85
N GLN A 23 -9.20 10.58 -8.13
CA GLN A 23 -10.51 10.91 -8.69
C GLN A 23 -11.49 9.77 -8.44
N LYS A 24 -11.06 8.56 -8.75
CA LYS A 24 -11.85 7.36 -8.47
C LYS A 24 -11.95 7.17 -6.97
N GLY A 25 -10.90 7.61 -6.30
CA GLY A 25 -10.84 7.53 -4.86
C GLY A 25 -10.29 6.20 -4.42
N PHE A 26 -9.74 5.47 -5.37
CA PHE A 26 -9.11 4.19 -5.09
C PHE A 26 -8.06 3.86 -6.11
N GLY A 27 -7.08 3.06 -5.70
CA GLY A 27 -6.04 2.63 -6.58
C GLY A 27 -5.78 1.15 -6.42
N PHE A 28 -4.87 0.62 -7.20
CA PHE A 28 -4.56 -0.80 -7.12
C PHE A 28 -3.06 -1.02 -7.22
N ILE A 29 -2.60 -2.04 -6.52
CA ILE A 29 -1.21 -2.48 -6.61
C ILE A 29 -1.16 -3.90 -7.10
N THR A 30 -0.33 -4.15 -8.11
CA THR A 30 -0.13 -5.49 -8.61
C THR A 30 0.99 -6.16 -7.83
N PRO A 31 0.68 -7.14 -6.97
CA PRO A 31 1.68 -7.81 -6.16
C PRO A 31 2.64 -8.64 -7.03
N ASP A 32 3.93 -8.43 -6.78
CA ASP A 32 5.00 -8.99 -7.62
C ASP A 32 5.10 -10.51 -7.48
N ASP A 33 4.84 -11.00 -6.29
CA ASP A 33 5.07 -12.41 -6.00
C ASP A 33 3.84 -13.24 -6.28
N GLY A 34 2.77 -12.56 -6.65
CA GLY A 34 1.54 -13.24 -7.00
C GLY A 34 0.33 -12.65 -6.30
N GLY A 35 -0.84 -12.92 -6.84
CA GLY A 35 -2.06 -12.42 -6.25
C GLY A 35 -2.76 -11.43 -7.14
N ASP A 36 -3.98 -11.10 -6.78
CA ASP A 36 -4.77 -10.12 -7.53
C ASP A 36 -4.38 -8.71 -7.11
N ASP A 37 -4.70 -7.74 -7.94
CA ASP A 37 -4.40 -6.35 -7.67
C ASP A 37 -5.07 -5.89 -6.40
N LEU A 38 -4.28 -5.25 -5.55
CA LEU A 38 -4.74 -4.89 -4.23
C LEU A 38 -5.05 -3.41 -4.14
N PHE A 39 -6.22 -3.10 -3.61
CA PHE A 39 -6.70 -1.73 -3.50
C PHE A 39 -5.81 -0.92 -2.56
N VAL A 40 -5.38 0.23 -3.06
CA VAL A 40 -4.56 1.13 -2.28
C VAL A 40 -4.98 2.57 -2.51
N HIS A 41 -5.01 3.36 -1.45
CA HIS A 41 -5.27 4.78 -1.60
C HIS A 41 -4.46 5.58 -0.59
N GLN A 42 -4.63 6.90 -0.62
CA GLN A 42 -3.80 7.83 0.15
C GLN A 42 -3.69 7.41 1.61
N SER A 43 -4.76 6.88 2.16
CA SER A 43 -4.80 6.54 3.58
C SER A 43 -4.06 5.24 3.85
N SER A 44 -3.61 4.58 2.79
CA SER A 44 -2.88 3.34 2.91
C SER A 44 -1.40 3.56 2.60
N ILE A 45 -1.01 4.80 2.37
CA ILE A 45 0.37 5.07 2.01
C ILE A 45 1.20 5.37 3.26
N ARG A 46 2.40 4.82 3.31
CA ARG A 46 3.25 4.88 4.50
C ARG A 46 3.77 6.29 4.79
N SER A 47 3.50 7.20 3.88
CA SER A 47 4.12 8.52 3.88
C SER A 47 3.88 9.26 5.19
N GLU A 48 4.97 9.77 5.74
CA GLU A 48 4.92 10.64 6.90
C GLU A 48 4.45 12.03 6.47
N GLY A 49 4.58 12.33 5.19
CA GLY A 49 4.15 13.60 4.66
C GLY A 49 2.97 13.46 3.73
N PHE A 50 3.17 13.76 2.46
CA PHE A 50 2.09 13.69 1.48
C PHE A 50 1.84 12.25 1.05
N ARG A 51 0.60 11.82 1.09
CA ARG A 51 0.25 10.45 0.81
C ARG A 51 -0.33 10.30 -0.59
N SER A 52 0.55 9.98 -1.52
CA SER A 52 0.15 9.73 -2.89
C SER A 52 1.09 8.73 -3.52
N LEU A 53 0.55 7.85 -4.34
CA LEU A 53 1.33 6.85 -5.02
C LEU A 53 1.48 7.19 -6.48
N ALA A 54 2.60 6.83 -7.04
CA ALA A 54 2.81 6.95 -8.46
C ALA A 54 2.32 5.70 -9.16
N ALA A 55 1.51 5.91 -10.17
CA ALA A 55 0.77 4.87 -10.86
C ALA A 55 1.65 3.70 -11.30
N GLU A 56 2.80 3.99 -11.88
CA GLU A 56 3.69 2.95 -12.40
C GLU A 56 4.72 2.49 -11.37
N GLU A 57 4.66 3.02 -10.16
CA GLU A 57 5.72 2.84 -9.19
C GLU A 57 5.73 1.42 -8.63
N ALA A 58 6.90 0.94 -8.27
CA ALA A 58 7.01 -0.35 -7.60
C ALA A 58 6.98 -0.11 -6.10
N VAL A 59 6.47 -1.07 -5.34
CA VAL A 59 6.17 -0.83 -3.93
C VAL A 59 6.30 -2.08 -3.07
N GLU A 60 6.40 -1.84 -1.77
CA GLU A 60 6.33 -2.89 -0.76
C GLU A 60 5.28 -2.48 0.25
N PHE A 61 4.48 -3.42 0.68
CA PHE A 61 3.29 -3.11 1.46
C PHE A 61 2.90 -4.27 2.35
N GLU A 62 1.89 -4.03 3.14
CA GLU A 62 1.28 -5.07 3.93
C GLU A 62 -0.06 -5.41 3.31
N VAL A 63 -0.54 -6.60 3.59
CA VAL A 63 -1.83 -7.02 3.08
C VAL A 63 -2.88 -6.99 4.16
N GLU A 64 -3.99 -6.36 3.86
CA GLU A 64 -5.14 -6.33 4.76
C GLU A 64 -6.40 -6.51 3.95
N ILE A 65 -7.32 -7.32 4.44
CA ILE A 65 -8.58 -7.50 3.76
C ILE A 65 -9.61 -6.51 4.25
N ASP A 66 -10.10 -5.71 3.32
CA ASP A 66 -11.05 -4.65 3.60
C ASP A 66 -12.40 -5.27 3.97
N ASN A 67 -13.30 -4.47 4.56
CA ASN A 67 -14.62 -4.94 4.97
C ASN A 67 -15.48 -5.28 3.75
N ASN A 68 -14.92 -5.07 2.58
CA ASN A 68 -15.54 -5.46 1.33
C ASN A 68 -15.09 -6.88 0.94
N ASN A 69 -14.26 -7.47 1.80
CA ASN A 69 -13.74 -8.83 1.64
C ASN A 69 -12.78 -8.94 0.46
N ARG A 70 -12.41 -7.80 -0.10
CA ARG A 70 -11.38 -7.75 -1.11
C ARG A 70 -10.08 -7.27 -0.47
N PRO A 71 -9.00 -8.04 -0.61
CA PRO A 71 -7.72 -7.69 -0.02
C PRO A 71 -7.14 -6.43 -0.62
N LYS A 72 -6.55 -5.62 0.24
CA LYS A 72 -6.02 -4.34 -0.17
C LYS A 72 -4.59 -4.19 0.33
N ALA A 73 -3.85 -3.30 -0.31
CA ALA A 73 -2.46 -3.08 0.05
C ALA A 73 -2.33 -1.78 0.84
N ILE A 74 -1.66 -1.87 1.97
CA ILE A 74 -1.50 -0.71 2.85
C ILE A 74 -0.07 -0.62 3.35
N ASP A 75 0.25 0.53 3.96
CA ASP A 75 1.58 0.82 4.47
C ASP A 75 2.58 0.76 3.34
N VAL A 76 2.14 1.30 2.22
CA VAL A 76 2.86 1.20 0.97
C VAL A 76 4.16 1.99 1.01
N SER A 77 5.25 1.28 0.78
CA SER A 77 6.58 1.85 0.79
C SER A 77 7.28 1.48 -0.52
N GLY A 78 8.55 1.86 -0.68
CA GLY A 78 9.28 1.48 -1.87
C GLY A 78 9.52 -0.02 -1.94
N PRO A 79 9.82 -0.57 -3.13
CA PRO A 79 10.05 -2.02 -3.30
C PRO A 79 11.14 -2.57 -2.39
N ASP A 80 12.09 -1.73 -2.04
CA ASP A 80 13.20 -2.14 -1.19
C ASP A 80 12.87 -1.90 0.26
N GLY A 81 11.62 -1.52 0.52
CA GLY A 81 11.21 -1.19 1.87
C GLY A 81 11.74 0.16 2.28
N ALA A 82 11.95 1.01 1.30
CA ALA A 82 12.51 2.33 1.51
C ALA A 82 11.41 3.32 1.94
N PRO A 83 11.48 3.78 3.19
CA PRO A 83 10.53 4.74 3.73
C PRO A 83 11.06 6.17 3.79
N VAL A 84 10.82 6.93 2.73
CA VAL A 84 11.17 8.34 2.74
C VAL A 84 9.99 9.13 3.26
N GLN A 85 10.23 10.38 3.64
CA GLN A 85 9.16 11.22 4.17
C GLN A 85 7.97 11.24 3.23
N GLY A 86 8.25 11.36 1.95
CA GLY A 86 7.20 11.42 0.96
C GLY A 86 6.96 10.09 0.29
N ASN A 87 6.73 9.05 1.11
CA ASN A 87 6.45 7.70 0.63
C ASN A 87 7.67 7.08 -0.06
N SER A 88 7.83 7.39 -1.35
CA SER A 88 8.91 6.87 -2.18
C SER A 88 8.93 7.60 -3.52
N GLY A 89 9.81 7.18 -4.40
CA GLY A 89 9.90 7.78 -5.72
C GLY A 89 11.08 7.24 -6.48
N GLY A 90 10.84 6.22 -7.29
CA GLY A 90 11.92 5.60 -8.02
C GLY A 90 11.58 5.38 -9.47
N GLY A 91 10.60 4.51 -9.72
CA GLY A 91 10.23 4.17 -11.07
C GLY A 91 11.28 3.32 -11.76
N SER A 92 12.13 2.70 -10.96
CA SER A 92 13.19 1.86 -11.47
C SER A 92 13.55 0.78 -10.44
N GLY A 1 -7.92 -3.40 14.81
CA GLY A 1 -6.63 -2.69 14.90
C GLY A 1 -6.32 -2.26 16.31
N HIS A 2 -5.81 -1.03 16.45
CA HIS A 2 -5.45 -0.46 17.74
C HIS A 2 -4.38 -1.31 18.41
N MET A 3 -3.42 -1.77 17.59
CA MET A 3 -2.34 -2.63 18.05
C MET A 3 -2.88 -3.92 18.64
N SER A 4 -3.41 -4.78 17.78
CA SER A 4 -3.97 -6.04 18.20
C SER A 4 -3.96 -7.03 17.04
N GLY A 5 -3.99 -8.32 17.33
CA GLY A 5 -3.91 -9.33 16.30
C GLY A 5 -5.26 -9.58 15.64
N ASP A 6 -5.85 -8.52 15.10
CA ASP A 6 -7.11 -8.62 14.39
C ASP A 6 -6.94 -9.37 13.09
N ASN A 7 -6.10 -8.84 12.21
CA ASN A 7 -5.83 -9.48 10.94
C ASN A 7 -4.59 -10.36 11.05
N GLY A 8 -4.07 -10.45 12.25
CA GLY A 8 -2.89 -11.27 12.49
C GLY A 8 -1.61 -10.51 12.23
N GLY A 9 -1.66 -9.19 12.41
CA GLY A 9 -0.49 -8.38 12.18
C GLY A 9 -0.48 -7.81 10.78
N GLY A 10 -0.19 -8.68 9.81
CA GLY A 10 -0.17 -8.25 8.43
C GLY A 10 0.78 -9.08 7.59
N GLU A 11 0.27 -9.61 6.51
CA GLU A 11 1.09 -10.36 5.57
C GLU A 11 1.78 -9.38 4.63
N ARG A 12 3.08 -9.51 4.47
CA ARG A 12 3.84 -8.53 3.69
C ARG A 12 4.08 -9.02 2.28
N ARG A 13 3.96 -8.11 1.33
CA ARG A 13 4.09 -8.42 -0.07
C ARG A 13 4.75 -7.25 -0.81
N LYS A 14 5.02 -7.43 -2.09
CA LYS A 14 5.61 -6.39 -2.91
C LYS A 14 4.87 -6.33 -4.21
N GLY A 15 5.01 -5.24 -4.93
CA GLY A 15 4.39 -5.14 -6.22
C GLY A 15 4.67 -3.84 -6.91
N SER A 16 3.82 -3.53 -7.85
CA SER A 16 3.91 -2.31 -8.59
C SER A 16 2.52 -1.76 -8.76
N VAL A 17 2.39 -0.48 -8.52
CA VAL A 17 1.12 0.22 -8.60
C VAL A 17 0.52 0.02 -9.99
N LYS A 18 -0.77 -0.28 -10.01
CA LYS A 18 -1.52 -0.36 -11.24
C LYS A 18 -1.82 1.05 -11.71
N TRP A 19 -2.36 1.84 -10.80
CA TRP A 19 -2.56 3.26 -11.00
C TRP A 19 -3.15 3.89 -9.74
N PHE A 20 -2.64 5.06 -9.40
CA PHE A 20 -3.15 5.83 -8.28
C PHE A 20 -4.06 6.91 -8.83
N ASP A 21 -5.35 6.73 -8.65
CA ASP A 21 -6.32 7.65 -9.21
C ASP A 21 -6.85 8.58 -8.13
N THR A 22 -6.43 9.82 -8.19
CA THR A 22 -6.87 10.83 -7.24
C THR A 22 -8.25 11.35 -7.63
N GLN A 23 -8.67 11.05 -8.85
CA GLN A 23 -9.97 11.46 -9.35
C GLN A 23 -11.05 10.51 -8.86
N LYS A 24 -10.80 9.22 -9.06
CA LYS A 24 -11.72 8.18 -8.65
C LYS A 24 -11.64 7.99 -7.15
N GLY A 25 -10.45 8.26 -6.65
CA GLY A 25 -10.22 8.23 -5.22
C GLY A 25 -9.83 6.86 -4.75
N PHE A 26 -9.39 6.02 -5.66
CA PHE A 26 -8.88 4.71 -5.29
C PHE A 26 -7.87 4.20 -6.31
N GLY A 27 -6.92 3.41 -5.84
CA GLY A 27 -5.89 2.87 -6.70
C GLY A 27 -5.68 1.40 -6.44
N PHE A 28 -4.82 0.79 -7.23
CA PHE A 28 -4.54 -0.64 -7.09
C PHE A 28 -3.06 -0.91 -7.21
N ILE A 29 -2.62 -1.98 -6.57
CA ILE A 29 -1.25 -2.45 -6.68
C ILE A 29 -1.25 -3.87 -7.22
N THR A 30 -0.41 -4.13 -8.21
CA THR A 30 -0.23 -5.47 -8.70
C THR A 30 0.95 -6.12 -7.97
N PRO A 31 0.67 -7.07 -7.07
CA PRO A 31 1.72 -7.70 -6.25
C PRO A 31 2.66 -8.59 -7.05
N ASP A 32 3.94 -8.30 -6.93
CA ASP A 32 5.01 -9.12 -7.51
C ASP A 32 5.17 -10.40 -6.70
N ASP A 33 4.61 -10.38 -5.50
CA ASP A 33 4.71 -11.49 -4.56
C ASP A 33 3.63 -12.52 -4.85
N GLY A 34 2.82 -12.22 -5.85
CA GLY A 34 1.74 -13.10 -6.21
C GLY A 34 0.42 -12.65 -5.63
N GLY A 35 -0.67 -13.25 -6.09
CA GLY A 35 -1.99 -12.89 -5.59
C GLY A 35 -2.72 -11.97 -6.53
N ASP A 36 -3.72 -11.27 -6.01
CA ASP A 36 -4.53 -10.37 -6.81
C ASP A 36 -4.22 -8.93 -6.46
N ASP A 37 -4.56 -8.02 -7.37
CA ASP A 37 -4.30 -6.60 -7.21
C ASP A 37 -4.98 -6.06 -5.96
N LEU A 38 -4.23 -5.29 -5.19
CA LEU A 38 -4.73 -4.78 -3.92
C LEU A 38 -5.06 -3.29 -4.02
N PHE A 39 -6.18 -2.92 -3.42
CA PHE A 39 -6.63 -1.53 -3.41
C PHE A 39 -5.78 -0.67 -2.48
N VAL A 40 -5.38 0.48 -2.99
CA VAL A 40 -4.60 1.45 -2.21
C VAL A 40 -5.01 2.88 -2.52
N HIS A 41 -5.11 3.69 -1.50
CA HIS A 41 -5.26 5.12 -1.68
C HIS A 41 -4.50 5.85 -0.59
N GLN A 42 -4.54 7.18 -0.63
CA GLN A 42 -3.69 8.05 0.18
C GLN A 42 -3.64 7.62 1.65
N SER A 43 -4.75 7.13 2.18
CA SER A 43 -4.84 6.84 3.60
C SER A 43 -4.13 5.53 3.95
N SER A 44 -3.73 4.78 2.94
CA SER A 44 -3.04 3.53 3.17
C SER A 44 -1.58 3.61 2.74
N ILE A 45 -1.12 4.82 2.48
CA ILE A 45 0.26 5.03 2.08
C ILE A 45 1.11 5.30 3.32
N ARG A 46 2.33 4.76 3.32
CA ARG A 46 3.20 4.76 4.49
C ARG A 46 3.70 6.15 4.88
N SER A 47 3.47 7.10 4.00
CA SER A 47 4.07 8.41 4.10
C SER A 47 3.72 9.12 5.40
N GLU A 48 4.74 9.65 6.06
CA GLU A 48 4.57 10.44 7.25
C GLU A 48 4.16 11.87 6.91
N GLY A 49 4.24 12.20 5.63
CA GLY A 49 3.81 13.51 5.17
C GLY A 49 2.90 13.42 3.96
N PHE A 50 3.49 13.47 2.78
CA PHE A 50 2.73 13.45 1.53
C PHE A 50 2.37 12.01 1.14
N ARG A 51 1.08 11.72 1.11
CA ARG A 51 0.60 10.37 0.83
C ARG A 51 -0.03 10.29 -0.55
N SER A 52 0.77 9.88 -1.52
CA SER A 52 0.30 9.68 -2.86
C SER A 52 1.22 8.73 -3.59
N LEU A 53 0.63 7.91 -4.42
CA LEU A 53 1.37 6.92 -5.18
C LEU A 53 1.49 7.35 -6.62
N ALA A 54 2.54 6.89 -7.27
CA ALA A 54 2.68 7.09 -8.69
C ALA A 54 2.23 5.84 -9.42
N ALA A 55 1.47 6.02 -10.48
CA ALA A 55 0.79 4.93 -11.15
C ALA A 55 1.71 3.75 -11.45
N GLU A 56 2.87 4.01 -12.01
CA GLU A 56 3.81 2.95 -12.41
C GLU A 56 4.79 2.58 -11.30
N GLU A 57 4.63 3.18 -10.13
CA GLU A 57 5.60 3.03 -9.04
C GLU A 57 5.65 1.58 -8.57
N ALA A 58 6.84 1.12 -8.22
CA ALA A 58 6.97 -0.18 -7.57
C ALA A 58 6.93 0.04 -6.06
N VAL A 59 6.41 -0.93 -5.32
CA VAL A 59 6.11 -0.70 -3.91
C VAL A 59 6.24 -1.96 -3.06
N GLU A 60 6.39 -1.75 -1.77
CA GLU A 60 6.33 -2.81 -0.78
C GLU A 60 5.23 -2.45 0.21
N PHE A 61 4.45 -3.43 0.58
CA PHE A 61 3.26 -3.20 1.36
C PHE A 61 2.89 -4.41 2.16
N GLU A 62 1.87 -4.26 2.96
CA GLU A 62 1.29 -5.37 3.67
C GLU A 62 -0.14 -5.52 3.20
N VAL A 63 -0.65 -6.73 3.29
CA VAL A 63 -1.99 -7.00 2.83
C VAL A 63 -2.96 -7.04 3.99
N GLU A 64 -4.01 -6.25 3.86
CA GLU A 64 -5.08 -6.21 4.84
C GLU A 64 -6.40 -6.47 4.15
N ILE A 65 -7.16 -7.41 4.66
CA ILE A 65 -8.42 -7.76 4.04
C ILE A 65 -9.55 -6.90 4.56
N ASP A 66 -10.25 -6.28 3.63
CA ASP A 66 -11.34 -5.36 3.94
C ASP A 66 -12.58 -6.14 4.44
N ASN A 67 -13.55 -5.42 4.99
CA ASN A 67 -14.78 -6.04 5.52
C ASN A 67 -15.52 -6.82 4.42
N ASN A 68 -15.31 -6.42 3.18
CA ASN A 68 -15.96 -7.07 2.04
C ASN A 68 -15.16 -8.30 1.62
N ASN A 69 -14.13 -8.58 2.40
CA ASN A 69 -13.28 -9.77 2.22
C ASN A 69 -12.36 -9.64 1.02
N ARG A 70 -12.38 -8.47 0.40
CA ARG A 70 -11.47 -8.19 -0.69
C ARG A 70 -10.20 -7.58 -0.11
N PRO A 71 -9.04 -8.19 -0.37
CA PRO A 71 -7.78 -7.73 0.19
C PRO A 71 -7.31 -6.42 -0.40
N LYS A 72 -6.71 -5.60 0.43
CA LYS A 72 -6.16 -4.33 0.03
C LYS A 72 -4.75 -4.20 0.56
N ALA A 73 -4.00 -3.27 0.03
CA ALA A 73 -2.61 -3.09 0.45
C ALA A 73 -2.49 -1.85 1.31
N ILE A 74 -1.64 -1.93 2.33
CA ILE A 74 -1.41 -0.80 3.21
C ILE A 74 0.05 -0.69 3.54
N ASP A 75 0.41 0.46 4.10
CA ASP A 75 1.79 0.77 4.47
C ASP A 75 2.65 0.76 3.23
N VAL A 76 2.07 1.28 2.16
CA VAL A 76 2.69 1.24 0.86
C VAL A 76 3.96 2.07 0.85
N SER A 77 5.08 1.38 0.69
CA SER A 77 6.40 1.99 0.70
C SER A 77 7.13 1.61 -0.58
N GLY A 78 8.39 2.01 -0.72
CA GLY A 78 9.18 1.59 -1.89
C GLY A 78 9.35 0.08 -1.91
N PRO A 79 9.70 -0.52 -3.08
CA PRO A 79 9.86 -1.98 -3.23
C PRO A 79 10.80 -2.61 -2.19
N ASP A 80 11.84 -1.89 -1.79
CA ASP A 80 12.78 -2.39 -0.80
C ASP A 80 12.34 -1.99 0.59
N GLY A 81 11.25 -1.26 0.65
CA GLY A 81 10.75 -0.74 1.90
C GLY A 81 11.29 0.64 2.17
N ALA A 82 11.54 1.39 1.11
CA ALA A 82 11.96 2.79 1.23
C ALA A 82 10.88 3.61 1.94
N PRO A 83 11.16 4.06 3.17
CA PRO A 83 10.20 4.76 4.00
C PRO A 83 10.47 6.26 4.06
N VAL A 84 10.23 6.95 2.97
CA VAL A 84 10.45 8.37 2.93
C VAL A 84 9.20 9.11 3.36
N GLN A 85 9.35 10.38 3.72
CA GLN A 85 8.21 11.20 4.14
C GLN A 85 7.15 11.23 3.06
N GLY A 86 7.59 11.31 1.83
CA GLY A 86 6.67 11.39 0.70
C GLY A 86 6.50 10.04 0.01
N ASN A 87 6.26 8.99 0.80
CA ASN A 87 6.00 7.64 0.27
C ASN A 87 7.25 7.00 -0.33
N SER A 88 7.62 7.44 -1.52
CA SER A 88 8.75 6.89 -2.25
C SER A 88 9.28 7.92 -3.24
N GLY A 89 8.42 8.33 -4.17
CA GLY A 89 8.82 9.35 -5.14
C GLY A 89 9.90 8.83 -6.07
N GLY A 90 9.61 7.75 -6.77
CA GLY A 90 10.59 7.16 -7.65
C GLY A 90 11.74 6.52 -6.90
N GLY A 91 11.40 5.80 -5.83
CA GLY A 91 12.41 5.21 -4.99
C GLY A 91 12.31 3.70 -4.96
N SER A 92 13.25 3.06 -4.28
CA SER A 92 13.28 1.61 -4.18
C SER A 92 13.48 1.20 -2.73
N GLY A 1 -11.77 -10.44 18.24
CA GLY A 1 -11.36 -9.02 18.30
C GLY A 1 -10.84 -8.53 16.96
N HIS A 2 -10.77 -7.22 16.79
CA HIS A 2 -10.33 -6.63 15.53
C HIS A 2 -8.93 -6.05 15.68
N MET A 3 -7.92 -6.84 15.30
CA MET A 3 -6.53 -6.40 15.37
C MET A 3 -5.80 -6.72 14.08
N SER A 4 -4.81 -5.90 13.76
CA SER A 4 -3.99 -6.11 12.59
C SER A 4 -2.56 -5.64 12.89
N GLY A 5 -2.01 -6.14 13.99
CA GLY A 5 -0.66 -5.78 14.36
C GLY A 5 0.13 -6.99 14.82
N ASP A 6 -0.31 -8.16 14.39
CA ASP A 6 0.29 -9.45 14.78
C ASP A 6 1.81 -9.42 14.62
N ASN A 7 2.25 -9.06 13.43
CA ASN A 7 3.67 -9.00 13.12
C ASN A 7 4.13 -7.55 12.99
N GLY A 8 3.52 -6.68 13.78
CA GLY A 8 3.78 -5.26 13.66
C GLY A 8 2.89 -4.64 12.60
N GLY A 9 1.91 -5.41 12.18
CA GLY A 9 0.98 -4.97 11.15
C GLY A 9 0.31 -6.15 10.49
N GLY A 10 0.18 -6.08 9.18
CA GLY A 10 -0.41 -7.19 8.45
C GLY A 10 0.65 -7.99 7.74
N GLU A 11 0.24 -9.04 7.06
CA GLU A 11 1.15 -9.87 6.29
C GLU A 11 1.79 -9.04 5.18
N ARG A 12 3.12 -9.06 5.10
CA ARG A 12 3.82 -8.20 4.15
C ARG A 12 3.99 -8.88 2.80
N ARG A 13 3.87 -8.07 1.76
CA ARG A 13 3.98 -8.51 0.38
C ARG A 13 4.65 -7.39 -0.42
N LYS A 14 4.89 -7.62 -1.70
CA LYS A 14 5.51 -6.61 -2.55
C LYS A 14 4.81 -6.58 -3.89
N GLY A 15 4.96 -5.48 -4.60
CA GLY A 15 4.37 -5.38 -5.91
C GLY A 15 4.74 -4.11 -6.64
N SER A 16 3.92 -3.76 -7.60
CA SER A 16 4.09 -2.56 -8.35
C SER A 16 2.71 -1.98 -8.63
N VAL A 17 2.59 -0.70 -8.42
CA VAL A 17 1.33 0.00 -8.52
C VAL A 17 0.68 -0.17 -9.88
N LYS A 18 -0.60 -0.43 -9.85
CA LYS A 18 -1.41 -0.52 -11.05
C LYS A 18 -1.78 0.90 -11.46
N TRP A 19 -2.29 1.65 -10.48
CA TRP A 19 -2.54 3.07 -10.62
C TRP A 19 -3.09 3.63 -9.32
N PHE A 20 -2.65 4.84 -8.99
CA PHE A 20 -3.15 5.55 -7.82
C PHE A 20 -4.00 6.73 -8.28
N ASP A 21 -5.32 6.62 -8.12
CA ASP A 21 -6.21 7.67 -8.56
C ASP A 21 -6.82 8.40 -7.38
N THR A 22 -6.50 9.68 -7.26
CA THR A 22 -7.03 10.52 -6.20
C THR A 22 -8.44 11.00 -6.53
N GLN A 23 -8.81 10.92 -7.79
CA GLN A 23 -10.11 11.38 -8.26
C GLN A 23 -11.18 10.33 -8.01
N LYS A 24 -10.89 9.11 -8.45
CA LYS A 24 -11.80 7.99 -8.31
C LYS A 24 -11.84 7.56 -6.85
N GLY A 25 -10.74 7.85 -6.19
CA GLY A 25 -10.65 7.61 -4.76
C GLY A 25 -10.18 6.22 -4.44
N PHE A 26 -9.62 5.56 -5.43
CA PHE A 26 -9.05 4.25 -5.19
C PHE A 26 -7.95 3.93 -6.19
N GLY A 27 -7.05 3.06 -5.78
CA GLY A 27 -5.99 2.62 -6.64
C GLY A 27 -5.73 1.14 -6.47
N PHE A 28 -4.83 0.60 -7.26
CA PHE A 28 -4.50 -0.82 -7.16
C PHE A 28 -3.01 -1.03 -7.21
N ILE A 29 -2.57 -2.08 -6.54
CA ILE A 29 -1.19 -2.52 -6.61
C ILE A 29 -1.13 -3.93 -7.16
N THR A 30 -0.28 -4.15 -8.13
CA THR A 30 -0.06 -5.49 -8.65
C THR A 30 1.02 -6.16 -7.83
N PRO A 31 0.63 -7.12 -6.97
CA PRO A 31 1.59 -7.78 -6.09
C PRO A 31 2.52 -8.72 -6.83
N ASP A 32 3.82 -8.51 -6.61
CA ASP A 32 4.87 -9.33 -7.21
C ASP A 32 4.88 -10.69 -6.54
N ASP A 33 4.36 -10.72 -5.33
CA ASP A 33 4.34 -11.94 -4.53
C ASP A 33 2.92 -12.49 -4.48
N GLY A 34 2.11 -12.08 -5.44
CA GLY A 34 0.74 -12.53 -5.49
C GLY A 34 0.21 -12.56 -6.91
N GLY A 35 -1.11 -12.48 -7.06
CA GLY A 35 -1.71 -12.59 -8.38
C GLY A 35 -2.64 -11.43 -8.70
N ASP A 36 -3.68 -11.27 -7.90
CA ASP A 36 -4.69 -10.25 -8.15
C ASP A 36 -4.31 -8.93 -7.49
N ASP A 37 -4.67 -7.84 -8.16
CA ASP A 37 -4.32 -6.50 -7.73
C ASP A 37 -5.01 -6.13 -6.43
N LEU A 38 -4.31 -5.39 -5.60
CA LEU A 38 -4.81 -5.02 -4.28
C LEU A 38 -5.07 -3.53 -4.20
N PHE A 39 -6.20 -3.18 -3.60
CA PHE A 39 -6.63 -1.79 -3.49
C PHE A 39 -5.71 -0.98 -2.60
N VAL A 40 -5.28 0.16 -3.11
CA VAL A 40 -4.43 1.07 -2.37
C VAL A 40 -4.89 2.51 -2.55
N HIS A 41 -4.91 3.26 -1.47
CA HIS A 41 -5.20 4.68 -1.56
C HIS A 41 -4.41 5.46 -0.53
N GLN A 42 -4.65 6.77 -0.49
CA GLN A 42 -3.93 7.69 0.38
C GLN A 42 -3.80 7.15 1.80
N SER A 43 -4.89 6.62 2.32
CA SER A 43 -4.92 6.12 3.69
C SER A 43 -4.17 4.80 3.83
N SER A 44 -3.63 4.30 2.73
CA SER A 44 -2.89 3.06 2.75
C SER A 44 -1.40 3.29 2.49
N ILE A 45 -1.00 4.56 2.40
CA ILE A 45 0.38 4.87 2.08
C ILE A 45 1.20 5.01 3.37
N ARG A 46 2.45 4.54 3.29
CA ARG A 46 3.33 4.42 4.47
C ARG A 46 3.57 5.77 5.17
N SER A 47 3.23 6.85 4.49
CA SER A 47 3.50 8.18 4.97
C SER A 47 2.50 8.58 6.06
N GLU A 48 3.01 9.25 7.07
CA GLU A 48 2.18 9.77 8.15
C GLU A 48 1.78 11.23 7.88
N GLY A 49 2.42 11.84 6.89
CA GLY A 49 2.12 13.23 6.57
C GLY A 49 1.53 13.38 5.18
N PHE A 50 2.41 13.43 4.17
CA PHE A 50 1.96 13.55 2.79
C PHE A 50 1.76 12.17 2.19
N ARG A 51 0.54 11.87 1.77
CA ARG A 51 0.22 10.52 1.31
C ARG A 51 -0.31 10.54 -0.11
N SER A 52 0.48 9.97 -0.99
CA SER A 52 0.08 9.77 -2.37
C SER A 52 1.01 8.73 -2.99
N LEU A 53 0.51 7.98 -3.94
CA LEU A 53 1.29 6.94 -4.57
C LEU A 53 1.42 7.23 -6.05
N ALA A 54 2.41 6.62 -6.68
CA ALA A 54 2.63 6.79 -8.09
C ALA A 54 2.27 5.53 -8.84
N ALA A 55 1.51 5.73 -9.90
CA ALA A 55 0.91 4.65 -10.69
C ALA A 55 1.93 3.62 -11.17
N GLU A 56 3.07 4.06 -11.64
CA GLU A 56 4.07 3.17 -12.23
C GLU A 56 5.05 2.63 -11.19
N GLU A 57 4.85 3.00 -9.94
CA GLU A 57 5.84 2.78 -8.91
C GLU A 57 5.84 1.32 -8.44
N ALA A 58 7.01 0.83 -8.06
CA ALA A 58 7.10 -0.47 -7.39
C ALA A 58 7.04 -0.24 -5.89
N VAL A 59 6.50 -1.20 -5.13
CA VAL A 59 6.18 -0.95 -3.74
C VAL A 59 6.28 -2.19 -2.85
N GLU A 60 6.39 -1.93 -1.56
CA GLU A 60 6.31 -2.96 -0.53
C GLU A 60 5.19 -2.57 0.43
N PHE A 61 4.42 -3.55 0.86
CA PHE A 61 3.20 -3.27 1.60
C PHE A 61 2.79 -4.47 2.43
N GLU A 62 1.74 -4.30 3.20
CA GLU A 62 1.12 -5.41 3.88
C GLU A 62 -0.29 -5.59 3.35
N VAL A 63 -0.84 -6.76 3.59
CA VAL A 63 -2.18 -7.07 3.13
C VAL A 63 -3.19 -6.87 4.25
N GLU A 64 -4.25 -6.17 3.91
CA GLU A 64 -5.39 -6.00 4.78
C GLU A 64 -6.64 -6.37 3.98
N ILE A 65 -7.61 -7.00 4.59
CA ILE A 65 -8.81 -7.37 3.84
C ILE A 65 -9.97 -6.45 4.18
N ASP A 66 -10.48 -5.82 3.13
CA ASP A 66 -11.59 -4.88 3.24
C ASP A 66 -12.88 -5.64 3.53
N ASN A 67 -13.91 -4.92 3.99
CA ASN A 67 -15.19 -5.53 4.37
C ASN A 67 -15.85 -6.23 3.17
N ASN A 68 -15.40 -5.88 1.98
CA ASN A 68 -15.93 -6.47 0.76
C ASN A 68 -15.21 -7.79 0.46
N ASN A 69 -14.32 -8.16 1.37
CA ASN A 69 -13.57 -9.42 1.29
C ASN A 69 -12.52 -9.38 0.19
N ARG A 70 -12.38 -8.23 -0.44
CA ARG A 70 -11.33 -8.02 -1.41
C ARG A 70 -10.13 -7.40 -0.72
N PRO A 71 -8.99 -8.11 -0.72
CA PRO A 71 -7.80 -7.67 -0.02
C PRO A 71 -7.22 -6.39 -0.61
N LYS A 72 -6.66 -5.58 0.27
CA LYS A 72 -6.12 -4.28 -0.08
C LYS A 72 -4.69 -4.18 0.41
N ALA A 73 -3.93 -3.33 -0.23
CA ALA A 73 -2.53 -3.13 0.14
C ALA A 73 -2.36 -1.84 0.92
N ILE A 74 -1.68 -1.92 2.06
CA ILE A 74 -1.47 -0.77 2.92
C ILE A 74 -0.02 -0.72 3.41
N ASP A 75 0.34 0.40 4.02
CA ASP A 75 1.71 0.66 4.49
C ASP A 75 2.64 0.64 3.30
N VAL A 76 2.13 1.17 2.21
CA VAL A 76 2.80 1.10 0.93
C VAL A 76 4.06 1.94 0.92
N SER A 77 5.18 1.26 0.80
CA SER A 77 6.48 1.90 0.77
C SER A 77 7.18 1.48 -0.51
N GLY A 78 8.43 1.89 -0.72
CA GLY A 78 9.16 1.43 -1.88
C GLY A 78 9.42 -0.06 -1.83
N PRO A 79 9.85 -0.67 -2.95
CA PRO A 79 10.11 -2.12 -3.02
C PRO A 79 11.13 -2.61 -1.98
N ASP A 80 12.00 -1.72 -1.54
CA ASP A 80 13.00 -2.06 -0.53
C ASP A 80 12.40 -1.87 0.86
N GLY A 81 11.24 -1.23 0.90
CA GLY A 81 10.63 -0.84 2.15
C GLY A 81 10.99 0.58 2.52
N ALA A 82 11.57 1.28 1.57
CA ALA A 82 12.03 2.64 1.77
C ALA A 82 10.90 3.64 1.58
N PRO A 83 10.68 4.52 2.56
CA PRO A 83 9.69 5.58 2.45
C PRO A 83 10.23 6.79 1.69
N VAL A 84 9.33 7.60 1.19
CA VAL A 84 9.72 8.80 0.46
C VAL A 84 10.05 9.93 1.43
N GLN A 85 10.73 10.94 0.93
CA GLN A 85 11.10 12.09 1.76
C GLN A 85 9.89 12.65 2.49
N GLY A 86 8.78 12.74 1.77
CA GLY A 86 7.56 13.24 2.35
C GLY A 86 6.75 12.17 3.05
N ASN A 87 7.41 11.38 3.88
CA ASN A 87 6.74 10.33 4.65
C ASN A 87 5.94 10.94 5.79
N SER A 88 6.63 11.37 6.83
CA SER A 88 5.98 11.92 8.00
C SER A 88 5.72 13.41 7.83
N GLY A 89 6.49 14.02 6.94
CA GLY A 89 6.32 15.44 6.69
C GLY A 89 7.29 15.93 5.63
N GLY A 90 8.51 15.43 5.69
CA GLY A 90 9.53 15.83 4.74
C GLY A 90 10.93 15.69 5.30
N GLY A 91 11.02 15.51 6.61
CA GLY A 91 12.30 15.40 7.27
C GLY A 91 12.95 14.05 7.07
N SER A 92 13.31 13.72 5.84
CA SER A 92 14.02 12.48 5.56
C SER A 92 15.44 12.80 5.13
N GLY A 1 11.62 -11.03 11.65
CA GLY A 1 12.61 -9.99 11.99
C GLY A 1 14.02 -10.51 11.88
N HIS A 2 14.92 -10.01 12.73
CA HIS A 2 16.28 -10.51 12.76
C HIS A 2 16.59 -11.08 14.14
N MET A 3 16.41 -10.27 15.17
CA MET A 3 16.54 -10.75 16.53
C MET A 3 15.17 -11.17 17.04
N SER A 4 14.21 -10.28 16.88
CA SER A 4 12.84 -10.55 17.25
C SER A 4 12.11 -11.25 16.10
N GLY A 5 11.11 -12.05 16.43
CA GLY A 5 10.37 -12.77 15.42
C GLY A 5 9.23 -11.93 14.87
N ASP A 6 8.69 -12.37 13.72
CA ASP A 6 7.59 -11.68 13.06
C ASP A 6 8.03 -10.30 12.55
N ASN A 7 7.11 -9.63 11.88
CA ASN A 7 7.36 -8.28 11.38
C ASN A 7 6.26 -7.34 11.86
N GLY A 8 5.70 -7.64 13.01
CA GLY A 8 4.57 -6.88 13.51
C GLY A 8 3.26 -7.65 13.37
N GLY A 9 3.34 -8.85 12.78
CA GLY A 9 2.18 -9.72 12.73
C GLY A 9 1.35 -9.54 11.47
N GLY A 10 1.77 -8.63 10.60
CA GLY A 10 1.03 -8.38 9.38
C GLY A 10 1.71 -9.00 8.19
N GLU A 11 0.93 -9.65 7.35
CA GLU A 11 1.43 -10.27 6.14
C GLU A 11 1.91 -9.20 5.15
N ARG A 12 3.19 -9.25 4.82
CA ARG A 12 3.76 -8.25 3.93
C ARG A 12 4.01 -8.83 2.55
N ARG A 13 3.95 -7.97 1.56
CA ARG A 13 4.15 -8.36 0.17
C ARG A 13 4.79 -7.23 -0.61
N LYS A 14 5.12 -7.50 -1.85
CA LYS A 14 5.76 -6.52 -2.72
C LYS A 14 5.03 -6.47 -4.04
N GLY A 15 5.18 -5.39 -4.76
CA GLY A 15 4.57 -5.31 -6.06
C GLY A 15 4.85 -4.01 -6.76
N SER A 16 3.96 -3.65 -7.64
CA SER A 16 4.07 -2.41 -8.36
C SER A 16 2.68 -1.83 -8.57
N VAL A 17 2.57 -0.54 -8.39
CA VAL A 17 1.31 0.16 -8.48
C VAL A 17 0.67 -0.09 -9.84
N LYS A 18 -0.62 -0.36 -9.79
CA LYS A 18 -1.44 -0.50 -10.98
C LYS A 18 -1.80 0.89 -11.46
N TRP A 19 -2.28 1.70 -10.51
CA TRP A 19 -2.51 3.12 -10.70
C TRP A 19 -3.00 3.71 -9.40
N PHE A 20 -2.62 4.95 -9.14
CA PHE A 20 -3.07 5.66 -7.95
C PHE A 20 -3.92 6.84 -8.36
N ASP A 21 -5.21 6.73 -8.21
CA ASP A 21 -6.11 7.76 -8.68
C ASP A 21 -6.91 8.37 -7.53
N THR A 22 -6.61 9.61 -7.24
CA THR A 22 -7.31 10.34 -6.19
C THR A 22 -8.66 10.88 -6.70
N GLN A 23 -8.86 10.84 -8.01
CA GLN A 23 -10.12 11.26 -8.60
C GLN A 23 -11.16 10.15 -8.42
N LYS A 24 -10.71 8.92 -8.67
CA LYS A 24 -11.54 7.75 -8.42
C LYS A 24 -11.61 7.52 -6.93
N GLY A 25 -10.55 7.91 -6.27
CA GLY A 25 -10.46 7.81 -4.83
C GLY A 25 -9.91 6.48 -4.41
N PHE A 26 -9.40 5.73 -5.38
CA PHE A 26 -8.83 4.44 -5.11
C PHE A 26 -7.74 4.09 -6.12
N GLY A 27 -6.87 3.18 -5.72
CA GLY A 27 -5.84 2.70 -6.59
C GLY A 27 -5.63 1.23 -6.40
N PHE A 28 -4.74 0.64 -7.16
CA PHE A 28 -4.45 -0.78 -7.03
C PHE A 28 -2.96 -1.03 -7.10
N ILE A 29 -2.52 -2.09 -6.46
CA ILE A 29 -1.14 -2.53 -6.54
C ILE A 29 -1.08 -3.95 -7.07
N THR A 30 -0.24 -4.18 -8.05
CA THR A 30 -0.01 -5.51 -8.57
C THR A 30 1.09 -6.18 -7.76
N PRO A 31 0.75 -7.14 -6.89
CA PRO A 31 1.72 -7.82 -6.04
C PRO A 31 2.64 -8.74 -6.86
N ASP A 32 3.93 -8.53 -6.69
CA ASP A 32 4.93 -9.32 -7.40
C ASP A 32 4.96 -10.73 -6.86
N ASP A 33 4.75 -10.85 -5.57
CA ASP A 33 4.81 -12.13 -4.89
C ASP A 33 3.41 -12.57 -4.48
N GLY A 34 2.43 -12.06 -5.19
CA GLY A 34 1.04 -12.39 -4.91
C GLY A 34 0.21 -12.54 -6.16
N GLY A 35 -1.10 -12.59 -5.99
CA GLY A 35 -1.99 -12.80 -7.10
C GLY A 35 -2.65 -11.54 -7.59
N ASP A 36 -3.85 -11.28 -7.10
CA ASP A 36 -4.66 -10.18 -7.60
C ASP A 36 -4.22 -8.85 -7.02
N ASP A 37 -4.56 -7.79 -7.73
CA ASP A 37 -4.20 -6.44 -7.36
C ASP A 37 -4.88 -6.04 -6.06
N LEU A 38 -4.15 -5.35 -5.21
CA LEU A 38 -4.67 -4.92 -3.93
C LEU A 38 -4.98 -3.43 -3.96
N PHE A 39 -6.13 -3.08 -3.45
CA PHE A 39 -6.58 -1.69 -3.40
C PHE A 39 -5.67 -0.85 -2.52
N VAL A 40 -5.26 0.29 -3.04
CA VAL A 40 -4.41 1.20 -2.30
C VAL A 40 -4.80 2.66 -2.55
N HIS A 41 -4.93 3.43 -1.50
CA HIS A 41 -5.10 4.86 -1.63
C HIS A 41 -4.38 5.58 -0.49
N GLN A 42 -4.48 6.90 -0.49
CA GLN A 42 -3.67 7.76 0.37
C GLN A 42 -3.66 7.27 1.83
N SER A 43 -4.78 6.80 2.32
CA SER A 43 -4.89 6.46 3.73
C SER A 43 -4.20 5.15 4.04
N SER A 44 -3.75 4.47 3.00
CA SER A 44 -3.09 3.18 3.17
C SER A 44 -1.62 3.27 2.78
N ILE A 45 -1.10 4.49 2.71
CA ILE A 45 0.32 4.67 2.41
C ILE A 45 1.11 4.75 3.71
N ARG A 46 2.34 4.22 3.70
CA ARG A 46 3.20 4.22 4.91
C ARG A 46 3.27 5.61 5.54
N SER A 47 3.29 6.61 4.68
CA SER A 47 3.33 7.99 5.08
C SER A 47 2.16 8.35 5.99
N GLU A 48 2.48 8.97 7.09
CA GLU A 48 1.48 9.54 7.98
C GLU A 48 1.35 11.04 7.74
N GLY A 49 2.01 11.52 6.68
CA GLY A 49 1.91 12.91 6.30
C GLY A 49 1.37 13.07 4.89
N PHE A 50 2.25 13.36 3.94
CA PHE A 50 1.86 13.46 2.54
C PHE A 50 1.84 12.06 1.93
N ARG A 51 0.67 11.64 1.46
CA ARG A 51 0.48 10.27 1.05
C ARG A 51 0.03 10.19 -0.40
N SER A 52 0.87 9.62 -1.24
CA SER A 52 0.54 9.45 -2.64
C SER A 52 1.43 8.40 -3.26
N LEU A 53 0.95 7.81 -4.33
CA LEU A 53 1.69 6.78 -5.05
C LEU A 53 1.73 7.10 -6.53
N ALA A 54 2.79 6.67 -7.18
CA ALA A 54 2.90 6.83 -8.62
C ALA A 54 2.42 5.58 -9.32
N ALA A 55 1.65 5.81 -10.37
CA ALA A 55 0.88 4.77 -11.06
C ALA A 55 1.70 3.53 -11.42
N GLU A 56 2.87 3.71 -12.00
CA GLU A 56 3.72 2.57 -12.40
C GLU A 56 4.73 2.18 -11.33
N GLU A 57 4.70 2.85 -10.20
CA GLU A 57 5.77 2.79 -9.21
C GLU A 57 5.76 1.45 -8.46
N ALA A 58 6.94 0.86 -8.31
CA ALA A 58 7.07 -0.40 -7.57
C ALA A 58 7.01 -0.12 -6.07
N VAL A 59 6.51 -1.07 -5.30
CA VAL A 59 6.20 -0.82 -3.90
C VAL A 59 6.36 -2.06 -3.02
N GLU A 60 6.43 -1.82 -1.72
CA GLU A 60 6.38 -2.86 -0.71
C GLU A 60 5.30 -2.48 0.30
N PHE A 61 4.53 -3.45 0.72
CA PHE A 61 3.31 -3.19 1.48
C PHE A 61 2.92 -4.36 2.35
N GLU A 62 1.88 -4.16 3.14
CA GLU A 62 1.29 -5.23 3.89
C GLU A 62 -0.12 -5.45 3.39
N VAL A 63 -0.59 -6.68 3.52
CA VAL A 63 -1.89 -7.03 3.00
C VAL A 63 -2.95 -6.95 4.10
N GLU A 64 -4.01 -6.24 3.78
CA GLU A 64 -5.13 -6.07 4.70
C GLU A 64 -6.41 -6.34 3.94
N ILE A 65 -7.40 -6.94 4.56
CA ILE A 65 -8.65 -7.22 3.86
C ILE A 65 -9.74 -6.26 4.29
N ASP A 66 -10.35 -5.63 3.30
CA ASP A 66 -11.43 -4.67 3.51
C ASP A 66 -12.76 -5.43 3.73
N ASN A 67 -13.77 -4.73 4.22
CA ASN A 67 -15.05 -5.36 4.58
C ASN A 67 -15.83 -5.80 3.35
N ASN A 68 -15.26 -5.56 2.18
CA ASN A 68 -15.83 -6.01 0.92
C ASN A 68 -15.14 -7.31 0.50
N ASN A 69 -14.44 -7.91 1.48
CA ASN A 69 -13.65 -9.14 1.31
C ASN A 69 -12.63 -9.03 0.19
N ARG A 70 -12.37 -7.81 -0.25
CA ARG A 70 -11.36 -7.55 -1.24
C ARG A 70 -10.11 -7.06 -0.54
N PRO A 71 -9.01 -7.81 -0.65
CA PRO A 71 -7.76 -7.45 0.01
C PRO A 71 -7.16 -6.18 -0.58
N LYS A 72 -6.51 -5.44 0.28
CA LYS A 72 -5.95 -4.15 -0.05
C LYS A 72 -4.52 -4.06 0.44
N ALA A 73 -3.77 -3.15 -0.13
CA ALA A 73 -2.38 -2.96 0.24
C ALA A 73 -2.23 -1.72 1.11
N ILE A 74 -1.46 -1.86 2.19
CA ILE A 74 -1.30 -0.81 3.18
C ILE A 74 0.17 -0.63 3.55
N ASP A 75 0.44 0.50 4.20
CA ASP A 75 1.79 0.89 4.62
C ASP A 75 2.72 0.84 3.44
N VAL A 76 2.17 1.23 2.31
CA VAL A 76 2.85 1.15 1.04
C VAL A 76 4.09 2.04 1.02
N SER A 77 5.19 1.43 0.62
CA SER A 77 6.46 2.12 0.51
C SER A 77 7.15 1.64 -0.77
N GLY A 78 8.37 2.09 -1.04
CA GLY A 78 9.10 1.58 -2.18
C GLY A 78 9.34 0.08 -2.08
N PRO A 79 9.74 -0.59 -3.16
CA PRO A 79 9.95 -2.05 -3.17
C PRO A 79 10.95 -2.54 -2.11
N ASP A 80 11.87 -1.66 -1.74
CA ASP A 80 12.88 -1.99 -0.74
C ASP A 80 12.39 -1.60 0.65
N GLY A 81 11.19 -1.04 0.70
CA GLY A 81 10.66 -0.53 1.94
C GLY A 81 11.04 0.92 2.13
N ALA A 82 11.54 1.51 1.06
CA ALA A 82 11.98 2.89 1.07
C ALA A 82 10.79 3.84 1.08
N PRO A 83 10.62 4.60 2.15
CA PRO A 83 9.50 5.53 2.29
C PRO A 83 9.70 6.79 1.48
N VAL A 84 8.60 7.42 1.12
CA VAL A 84 8.63 8.64 0.33
C VAL A 84 8.85 9.84 1.25
N GLN A 85 9.23 10.97 0.69
CA GLN A 85 9.51 12.16 1.49
C GLN A 85 8.37 12.48 2.44
N GLY A 86 7.15 12.28 1.97
CA GLY A 86 5.97 12.56 2.77
C GLY A 86 5.69 11.52 3.85
N ASN A 87 6.64 10.63 4.11
CA ASN A 87 6.47 9.55 5.07
C ASN A 87 6.18 10.09 6.47
N SER A 88 7.10 10.90 6.98
CA SER A 88 7.02 11.44 8.34
C SER A 88 7.16 10.29 9.35
N GLY A 89 6.97 10.60 10.63
CA GLY A 89 7.10 9.58 11.65
C GLY A 89 6.49 10.03 12.96
N GLY A 90 6.42 9.10 13.92
CA GLY A 90 5.84 9.42 15.20
C GLY A 90 6.89 9.56 16.28
N GLY A 91 6.61 10.38 17.27
CA GLY A 91 7.54 10.59 18.36
C GLY A 91 7.10 9.88 19.63
N SER A 92 5.82 9.55 19.70
CA SER A 92 5.27 8.88 20.86
C SER A 92 4.26 7.81 20.43
N GLY A 1 -6.37 -3.42 13.57
CA GLY A 1 -5.51 -4.63 13.68
C GLY A 1 -6.27 -5.80 14.29
N HIS A 2 -5.93 -7.01 13.83
CA HIS A 2 -6.58 -8.24 14.28
C HIS A 2 -8.08 -8.22 13.96
N MET A 3 -8.43 -7.91 12.72
CA MET A 3 -9.83 -7.82 12.33
C MET A 3 -10.02 -7.94 10.82
N SER A 4 -9.31 -7.11 10.09
CA SER A 4 -9.51 -7.00 8.65
C SER A 4 -8.99 -8.25 7.93
N GLY A 5 -7.75 -8.58 8.16
CA GLY A 5 -7.12 -9.70 7.50
C GLY A 5 -5.72 -9.89 8.00
N ASP A 6 -5.60 -9.97 9.30
CA ASP A 6 -4.32 -9.97 9.97
C ASP A 6 -3.88 -11.39 10.27
N ASN A 7 -2.57 -11.57 10.41
CA ASN A 7 -1.98 -12.88 10.68
C ASN A 7 -1.41 -12.92 12.08
N GLY A 8 -1.85 -11.98 12.91
CA GLY A 8 -1.31 -11.85 14.25
C GLY A 8 -0.35 -10.68 14.35
N GLY A 9 -0.11 -10.03 13.23
CA GLY A 9 0.74 -8.86 13.20
C GLY A 9 0.52 -8.05 11.94
N GLY A 10 1.00 -8.57 10.82
CA GLY A 10 0.87 -7.88 9.56
C GLY A 10 1.54 -8.62 8.43
N GLU A 11 0.73 -9.27 7.62
CA GLU A 11 1.21 -9.99 6.44
C GLU A 11 1.77 -8.99 5.44
N ARG A 12 2.94 -9.28 4.87
CA ARG A 12 3.59 -8.31 3.99
C ARG A 12 3.80 -8.88 2.61
N ARG A 13 3.81 -7.99 1.63
CA ARG A 13 3.97 -8.39 0.23
C ARG A 13 4.63 -7.28 -0.58
N LYS A 14 4.95 -7.59 -1.83
CA LYS A 14 5.60 -6.64 -2.71
C LYS A 14 4.87 -6.60 -4.03
N GLY A 15 5.05 -5.52 -4.77
CA GLY A 15 4.46 -5.45 -6.09
C GLY A 15 4.80 -4.18 -6.81
N SER A 16 3.95 -3.82 -7.75
CA SER A 16 4.10 -2.60 -8.50
C SER A 16 2.74 -1.96 -8.66
N VAL A 17 2.70 -0.65 -8.49
CA VAL A 17 1.48 0.10 -8.55
C VAL A 17 0.89 0.03 -9.94
N LYS A 18 -0.40 -0.23 -9.96
CA LYS A 18 -1.17 -0.27 -11.18
C LYS A 18 -1.53 1.16 -11.57
N TRP A 19 -2.04 1.90 -10.58
CA TRP A 19 -2.26 3.33 -10.70
C TRP A 19 -2.82 3.89 -9.40
N PHE A 20 -2.33 5.06 -9.03
CA PHE A 20 -2.87 5.81 -7.91
C PHE A 20 -3.67 6.98 -8.44
N ASP A 21 -4.98 6.91 -8.33
CA ASP A 21 -5.82 7.97 -8.84
C ASP A 21 -6.62 8.61 -7.72
N THR A 22 -6.41 9.90 -7.55
CA THR A 22 -7.12 10.67 -6.52
C THR A 22 -8.50 11.10 -7.03
N GLN A 23 -8.68 11.08 -8.34
CA GLN A 23 -9.92 11.50 -8.95
C GLN A 23 -10.94 10.38 -8.89
N LYS A 24 -10.48 9.18 -9.22
CA LYS A 24 -11.30 7.99 -9.12
C LYS A 24 -11.55 7.67 -7.67
N GLY A 25 -10.55 8.02 -6.87
CA GLY A 25 -10.63 7.83 -5.45
C GLY A 25 -10.16 6.47 -5.03
N PHE A 26 -9.46 5.81 -5.94
CA PHE A 26 -8.91 4.50 -5.64
C PHE A 26 -7.70 4.20 -6.50
N GLY A 27 -6.90 3.24 -6.05
CA GLY A 27 -5.74 2.80 -6.80
C GLY A 27 -5.53 1.32 -6.64
N PHE A 28 -4.63 0.75 -7.41
CA PHE A 28 -4.37 -0.68 -7.33
C PHE A 28 -2.87 -0.96 -7.33
N ILE A 29 -2.50 -2.04 -6.70
CA ILE A 29 -1.14 -2.54 -6.76
C ILE A 29 -1.15 -3.96 -7.27
N THR A 30 -0.25 -4.27 -8.18
CA THR A 30 -0.05 -5.64 -8.61
C THR A 30 1.04 -6.28 -7.78
N PRO A 31 0.67 -7.15 -6.83
CA PRO A 31 1.63 -7.86 -6.00
C PRO A 31 2.48 -8.82 -6.83
N ASP A 32 3.79 -8.70 -6.66
CA ASP A 32 4.76 -9.55 -7.36
C ASP A 32 4.69 -10.98 -6.81
N ASP A 33 4.00 -11.12 -5.68
CA ASP A 33 3.88 -12.41 -5.01
C ASP A 33 2.70 -13.20 -5.59
N GLY A 34 1.99 -12.58 -6.50
CA GLY A 34 0.86 -13.24 -7.12
C GLY A 34 -0.44 -12.91 -6.43
N GLY A 35 -1.50 -13.62 -6.80
CA GLY A 35 -2.82 -13.34 -6.24
C GLY A 35 -3.64 -12.47 -7.16
N ASP A 36 -4.04 -11.31 -6.66
CA ASP A 36 -4.79 -10.35 -7.46
C ASP A 36 -4.29 -8.95 -7.13
N ASP A 37 -4.82 -7.94 -7.80
CA ASP A 37 -4.43 -6.57 -7.56
C ASP A 37 -5.04 -6.06 -6.27
N LEU A 38 -4.24 -5.34 -5.50
CA LEU A 38 -4.63 -4.88 -4.18
C LEU A 38 -4.89 -3.39 -4.18
N PHE A 39 -6.05 -3.02 -3.67
CA PHE A 39 -6.48 -1.62 -3.64
C PHE A 39 -5.61 -0.78 -2.72
N VAL A 40 -5.21 0.39 -3.23
CA VAL A 40 -4.43 1.34 -2.46
C VAL A 40 -4.88 2.76 -2.71
N HIS A 41 -5.04 3.51 -1.66
CA HIS A 41 -5.32 4.92 -1.78
C HIS A 41 -4.63 5.69 -0.67
N GLN A 42 -4.86 6.98 -0.66
CA GLN A 42 -4.18 7.92 0.23
C GLN A 42 -4.08 7.40 1.67
N SER A 43 -5.16 6.88 2.19
CA SER A 43 -5.21 6.46 3.58
C SER A 43 -4.36 5.21 3.83
N SER A 44 -3.88 4.59 2.76
CA SER A 44 -3.12 3.35 2.90
C SER A 44 -1.66 3.56 2.54
N ILE A 45 -1.26 4.81 2.35
CA ILE A 45 0.11 5.11 1.95
C ILE A 45 1.01 5.26 3.17
N ARG A 46 2.27 4.82 2.99
CA ARG A 46 3.30 4.73 4.03
C ARG A 46 3.29 5.91 5.00
N SER A 47 2.97 7.11 4.50
CA SER A 47 3.09 8.32 5.26
C SER A 47 2.01 8.43 6.32
N GLU A 48 2.30 9.22 7.32
CA GLU A 48 1.29 9.67 8.26
C GLU A 48 1.02 11.16 8.08
N GLY A 49 1.68 11.76 7.09
CA GLY A 49 1.46 13.16 6.77
C GLY A 49 0.91 13.32 5.36
N PHE A 50 1.79 13.60 4.41
CA PHE A 50 1.39 13.70 3.02
C PHE A 50 1.33 12.30 2.41
N ARG A 51 0.15 11.92 1.96
CA ARG A 51 -0.09 10.57 1.51
C ARG A 51 -0.54 10.55 0.05
N SER A 52 0.38 10.16 -0.81
CA SER A 52 0.10 10.00 -2.23
C SER A 52 1.05 8.97 -2.80
N LEU A 53 0.59 8.26 -3.81
CA LEU A 53 1.37 7.21 -4.40
C LEU A 53 1.61 7.51 -5.86
N ALA A 54 2.59 6.85 -6.45
CA ALA A 54 2.91 7.03 -7.84
C ALA A 54 2.48 5.81 -8.64
N ALA A 55 1.79 6.09 -9.71
CA ALA A 55 1.11 5.09 -10.53
C ALA A 55 2.03 3.99 -11.05
N GLU A 56 3.18 4.36 -11.58
CA GLU A 56 4.10 3.39 -12.17
C GLU A 56 5.11 2.85 -11.16
N GLU A 57 4.95 3.24 -9.92
CA GLU A 57 5.93 2.96 -8.88
C GLU A 57 5.88 1.49 -8.47
N ALA A 58 7.02 0.94 -8.08
CA ALA A 58 7.05 -0.38 -7.47
C ALA A 58 6.90 -0.21 -5.96
N VAL A 59 6.48 -1.25 -5.25
CA VAL A 59 6.07 -1.07 -3.86
C VAL A 59 6.33 -2.32 -3.00
N GLU A 60 6.61 -2.07 -1.73
CA GLU A 60 6.52 -3.07 -0.70
C GLU A 60 5.45 -2.62 0.27
N PHE A 61 4.59 -3.53 0.66
CA PHE A 61 3.39 -3.17 1.41
C PHE A 61 2.99 -4.28 2.36
N GLU A 62 2.01 -3.98 3.18
CA GLU A 62 1.40 -4.95 4.05
C GLU A 62 0.03 -5.26 3.50
N VAL A 63 -0.45 -6.46 3.76
CA VAL A 63 -1.72 -6.89 3.24
C VAL A 63 -2.81 -6.74 4.28
N GLU A 64 -3.93 -6.20 3.85
CA GLU A 64 -5.08 -6.06 4.72
C GLU A 64 -6.34 -6.33 3.92
N ILE A 65 -7.25 -7.12 4.46
CA ILE A 65 -8.45 -7.46 3.72
C ILE A 65 -9.63 -6.62 4.19
N ASP A 66 -10.27 -5.97 3.23
CA ASP A 66 -11.38 -5.07 3.49
C ASP A 66 -12.62 -5.87 3.90
N ASN A 67 -13.62 -5.18 4.44
CA ASN A 67 -14.84 -5.82 4.95
C ASN A 67 -15.64 -6.46 3.83
N ASN A 68 -15.28 -6.15 2.60
CA ASN A 68 -15.94 -6.73 1.44
C ASN A 68 -15.16 -7.97 1.01
N ASN A 69 -14.22 -8.37 1.85
CA ASN A 69 -13.37 -9.55 1.64
C ASN A 69 -12.42 -9.33 0.47
N ARG A 70 -12.29 -8.08 0.06
CA ARG A 70 -11.38 -7.70 -1.00
C ARG A 70 -10.07 -7.24 -0.38
N PRO A 71 -8.95 -7.91 -0.70
CA PRO A 71 -7.66 -7.57 -0.14
C PRO A 71 -7.12 -6.26 -0.70
N LYS A 72 -6.51 -5.50 0.16
CA LYS A 72 -5.95 -4.22 -0.19
C LYS A 72 -4.54 -4.12 0.35
N ALA A 73 -3.77 -3.22 -0.22
CA ALA A 73 -2.40 -3.04 0.22
C ALA A 73 -2.29 -1.77 1.05
N ILE A 74 -1.45 -1.83 2.07
CA ILE A 74 -1.28 -0.71 2.98
C ILE A 74 0.19 -0.51 3.30
N ASP A 75 0.49 0.65 3.88
CA ASP A 75 1.86 1.03 4.25
C ASP A 75 2.73 1.00 3.01
N VAL A 76 2.11 1.42 1.92
CA VAL A 76 2.71 1.35 0.60
C VAL A 76 4.01 2.12 0.54
N SER A 77 5.10 1.39 0.34
CA SER A 77 6.42 1.98 0.34
C SER A 77 7.17 1.47 -0.89
N GLY A 78 8.43 1.87 -1.06
CA GLY A 78 9.22 1.36 -2.16
C GLY A 78 9.37 -0.15 -2.07
N PRO A 79 9.72 -0.84 -3.17
CA PRO A 79 9.87 -2.30 -3.20
C PRO A 79 10.77 -2.85 -2.09
N ASP A 80 11.76 -2.09 -1.67
CA ASP A 80 12.66 -2.51 -0.60
C ASP A 80 12.18 -2.00 0.75
N GLY A 81 11.03 -1.36 0.73
CA GLY A 81 10.51 -0.74 1.93
C GLY A 81 10.99 0.70 2.04
N ALA A 82 11.49 1.21 0.93
CA ALA A 82 12.03 2.55 0.86
C ALA A 82 10.95 3.60 1.08
N PRO A 83 11.17 4.51 2.04
CA PRO A 83 10.25 5.60 2.29
C PRO A 83 10.62 6.86 1.53
N VAL A 84 9.60 7.61 1.15
CA VAL A 84 9.79 8.89 0.50
C VAL A 84 9.88 9.98 1.56
N GLN A 85 10.34 11.16 1.18
CA GLN A 85 10.42 12.30 2.10
C GLN A 85 9.10 12.45 2.87
N GLY A 86 8.01 12.20 2.18
CA GLY A 86 6.71 12.22 2.82
C GLY A 86 6.32 10.86 3.34
N ASN A 87 6.97 10.43 4.42
CA ASN A 87 6.66 9.15 5.05
C ASN A 87 6.28 9.33 6.51
N SER A 88 6.83 10.39 7.12
CA SER A 88 6.72 10.63 8.57
C SER A 88 7.61 9.61 9.30
N GLY A 89 7.61 9.66 10.62
CA GLY A 89 8.46 8.77 11.38
C GLY A 89 7.79 8.21 12.61
N GLY A 90 8.37 7.18 13.19
CA GLY A 90 7.83 6.58 14.38
C GLY A 90 8.66 6.90 15.60
N GLY A 91 8.68 8.18 15.98
CA GLY A 91 9.43 8.61 17.14
C GLY A 91 8.79 8.20 18.45
N SER A 92 8.78 6.90 18.72
CA SER A 92 8.24 6.40 19.97
C SER A 92 9.37 6.04 20.93
#